data_6SWK
# 
_entry.id   6SWK 
# 
_audit_conform.dict_name       mmcif_pdbx.dic 
_audit_conform.dict_version    5.383 
_audit_conform.dict_location   http://mmcif.pdb.org/dictionaries/ascii/mmcif_pdbx.dic 
# 
loop_
_database_2.database_id 
_database_2.database_code 
_database_2.pdbx_database_accession 
_database_2.pdbx_DOI 
PDB   6SWK         pdb_00006swk 10.2210/pdb6swk/pdb 
WWPDB D_1292104440 ?            ?                   
# 
loop_
_pdbx_audit_revision_history.ordinal 
_pdbx_audit_revision_history.data_content_type 
_pdbx_audit_revision_history.major_revision 
_pdbx_audit_revision_history.minor_revision 
_pdbx_audit_revision_history.revision_date 
1 'Structure model' 1 0 2020-10-14 
2 'Structure model' 1 1 2024-01-24 
# 
_pdbx_audit_revision_details.ordinal             1 
_pdbx_audit_revision_details.revision_ordinal    1 
_pdbx_audit_revision_details.data_content_type   'Structure model' 
_pdbx_audit_revision_details.provider            repository 
_pdbx_audit_revision_details.type                'Initial release' 
_pdbx_audit_revision_details.description         ? 
_pdbx_audit_revision_details.details             ? 
# 
loop_
_pdbx_audit_revision_group.ordinal 
_pdbx_audit_revision_group.revision_ordinal 
_pdbx_audit_revision_group.data_content_type 
_pdbx_audit_revision_group.group 
1 2 'Structure model' 'Data collection'        
2 2 'Structure model' 'Database references'    
3 2 'Structure model' 'Refinement description' 
# 
loop_
_pdbx_audit_revision_category.ordinal 
_pdbx_audit_revision_category.revision_ordinal 
_pdbx_audit_revision_category.data_content_type 
_pdbx_audit_revision_category.category 
1 2 'Structure model' chem_comp_atom                
2 2 'Structure model' chem_comp_bond                
3 2 'Structure model' database_2                    
4 2 'Structure model' pdbx_initial_refinement_model 
# 
loop_
_pdbx_audit_revision_item.ordinal 
_pdbx_audit_revision_item.revision_ordinal 
_pdbx_audit_revision_item.data_content_type 
_pdbx_audit_revision_item.item 
1 2 'Structure model' '_database_2.pdbx_DOI'                
2 2 'Structure model' '_database_2.pdbx_database_accession' 
# 
_pdbx_database_status.status_code                     REL 
_pdbx_database_status.status_code_sf                  REL 
_pdbx_database_status.status_code_mr                  ? 
_pdbx_database_status.entry_id                        6SWK 
_pdbx_database_status.recvd_initial_deposition_date   2019-09-22 
_pdbx_database_status.SG_entry                        N 
_pdbx_database_status.deposit_site                    PDBE 
_pdbx_database_status.process_site                    PDBE 
_pdbx_database_status.status_code_cs                  ? 
_pdbx_database_status.methods_development_category    ? 
_pdbx_database_status.pdb_format_compatible           Y 
_pdbx_database_status.status_code_nmr_data            ? 
# 
_pdbx_database_related.db_name        PDB 
_pdbx_database_related.details        . 
_pdbx_database_related.db_id          6SWJ 
_pdbx_database_related.content_type   unspecified 
# 
loop_
_audit_author.name 
_audit_author.pdbx_ordinal 
_audit_author.identifier_ORCID 
'Lansky, S.'    1 ? 
'Shiradsky, M.' 2 ? 
'Lavid, N.'     3 ? 
'Shoham, Y.'    4 ? 
'Shoham, G.'    5 ? 
# 
_citation.abstract                  ? 
_citation.abstract_id_CAS           ? 
_citation.book_id_ISBN              ? 
_citation.book_publisher            ? 
_citation.book_publisher_city       ? 
_citation.book_title                ? 
_citation.coordinate_linkage        ? 
_citation.country                   ? 
_citation.database_id_Medline       ? 
_citation.details                   ? 
_citation.id                        primary 
_citation.journal_abbrev            'To Be Published' 
_citation.journal_id_ASTM           ? 
_citation.journal_id_CSD            0353 
_citation.journal_id_ISSN           ? 
_citation.journal_full              ? 
_citation.journal_issue             ? 
_citation.journal_volume            ? 
_citation.language                  ? 
_citation.page_first                ? 
_citation.page_last                 ? 
_citation.title                     'The kinase domain of GanS, a histidine kinase from Geobacillus stearothermophilus' 
_citation.year                      ? 
_citation.database_id_CSD           ? 
_citation.pdbx_database_id_DOI      ? 
_citation.pdbx_database_id_PubMed   ? 
_citation.unpublished_flag          ? 
# 
loop_
_citation_author.citation_id 
_citation_author.name 
_citation_author.ordinal 
_citation_author.identifier_ORCID 
primary 'Lansky, S.'    1 ? 
primary 'Shiradsky, M.' 2 ? 
primary 'Lavid, N.'     3 ? 
primary 'Shoham, Y.'    4 ? 
primary 'Shoham, G.'    5 ? 
# 
loop_
_entity.id 
_entity.type 
_entity.src_method 
_entity.pdbx_description 
_entity.formula_weight 
_entity.pdbx_number_of_molecules 
_entity.pdbx_ec 
_entity.pdbx_mutation 
_entity.pdbx_fragment 
_entity.details 
1 polymer man 'Histidine kinase' 24684.887 1   ? ? ? ? 
2 water   nat water              18.015    100 ? ? ? ? 
# 
_entity_poly.entity_id                      1 
_entity_poly.type                           'polypeptide(L)' 
_entity_poly.nstd_linkage                   no 
_entity_poly.nstd_monomer                   no 
_entity_poly.pdbx_seq_one_letter_code       
;QSQINPHFLFNTLNTVAKMAYLEDAQQTSRLIEAVAAILRYNLGDLQRTVTLADEVRIAREYFFIQQTRFFDRIKFSLEA
EPSCLDQPIPPLTLQPLIENAFIHGIETYEQGAELSVSVFAENGRVVVEVRDNGVGMDEQVKAELEALIRGEEPRTRREQ
GRGHSTGIGLHNVIRRLQLFYGVMDVAEIESALGKGTTVRLWLPRWQGGMNGESGDRR
;
_entity_poly.pdbx_seq_one_letter_code_can   
;QSQINPHFLFNTLNTVAKMAYLEDAQQTSRLIEAVAAILRYNLGDLQRTVTLADEVRIAREYFFIQQTRFFDRIKFSLEA
EPSCLDQPIPPLTLQPLIENAFIHGIETYEQGAELSVSVFAENGRVVVEVRDNGVGMDEQVKAELEALIRGEEPRTRREQ
GRGHSTGIGLHNVIRRLQLFYGVMDVAEIESALGKGTTVRLWLPRWQGGMNGESGDRR
;
_entity_poly.pdbx_strand_id                 A 
_entity_poly.pdbx_target_identifier         ? 
# 
_pdbx_entity_nonpoly.entity_id   2 
_pdbx_entity_nonpoly.name        water 
_pdbx_entity_nonpoly.comp_id     HOH 
# 
loop_
_entity_poly_seq.entity_id 
_entity_poly_seq.num 
_entity_poly_seq.mon_id 
_entity_poly_seq.hetero 
1 1   GLN n 
1 2   SER n 
1 3   GLN n 
1 4   ILE n 
1 5   ASN n 
1 6   PRO n 
1 7   HIS n 
1 8   PHE n 
1 9   LEU n 
1 10  PHE n 
1 11  ASN n 
1 12  THR n 
1 13  LEU n 
1 14  ASN n 
1 15  THR n 
1 16  VAL n 
1 17  ALA n 
1 18  LYS n 
1 19  MET n 
1 20  ALA n 
1 21  TYR n 
1 22  LEU n 
1 23  GLU n 
1 24  ASP n 
1 25  ALA n 
1 26  GLN n 
1 27  GLN n 
1 28  THR n 
1 29  SER n 
1 30  ARG n 
1 31  LEU n 
1 32  ILE n 
1 33  GLU n 
1 34  ALA n 
1 35  VAL n 
1 36  ALA n 
1 37  ALA n 
1 38  ILE n 
1 39  LEU n 
1 40  ARG n 
1 41  TYR n 
1 42  ASN n 
1 43  LEU n 
1 44  GLY n 
1 45  ASP n 
1 46  LEU n 
1 47  GLN n 
1 48  ARG n 
1 49  THR n 
1 50  VAL n 
1 51  THR n 
1 52  LEU n 
1 53  ALA n 
1 54  ASP n 
1 55  GLU n 
1 56  VAL n 
1 57  ARG n 
1 58  ILE n 
1 59  ALA n 
1 60  ARG n 
1 61  GLU n 
1 62  TYR n 
1 63  PHE n 
1 64  PHE n 
1 65  ILE n 
1 66  GLN n 
1 67  GLN n 
1 68  THR n 
1 69  ARG n 
1 70  PHE n 
1 71  PHE n 
1 72  ASP n 
1 73  ARG n 
1 74  ILE n 
1 75  LYS n 
1 76  PHE n 
1 77  SER n 
1 78  LEU n 
1 79  GLU n 
1 80  ALA n 
1 81  GLU n 
1 82  PRO n 
1 83  SER n 
1 84  CYS n 
1 85  LEU n 
1 86  ASP n 
1 87  GLN n 
1 88  PRO n 
1 89  ILE n 
1 90  PRO n 
1 91  PRO n 
1 92  LEU n 
1 93  THR n 
1 94  LEU n 
1 95  GLN n 
1 96  PRO n 
1 97  LEU n 
1 98  ILE n 
1 99  GLU n 
1 100 ASN n 
1 101 ALA n 
1 102 PHE n 
1 103 ILE n 
1 104 HIS n 
1 105 GLY n 
1 106 ILE n 
1 107 GLU n 
1 108 THR n 
1 109 TYR n 
1 110 GLU n 
1 111 GLN n 
1 112 GLY n 
1 113 ALA n 
1 114 GLU n 
1 115 LEU n 
1 116 SER n 
1 117 VAL n 
1 118 SER n 
1 119 VAL n 
1 120 PHE n 
1 121 ALA n 
1 122 GLU n 
1 123 ASN n 
1 124 GLY n 
1 125 ARG n 
1 126 VAL n 
1 127 VAL n 
1 128 VAL n 
1 129 GLU n 
1 130 VAL n 
1 131 ARG n 
1 132 ASP n 
1 133 ASN n 
1 134 GLY n 
1 135 VAL n 
1 136 GLY n 
1 137 MET n 
1 138 ASP n 
1 139 GLU n 
1 140 GLN n 
1 141 VAL n 
1 142 LYS n 
1 143 ALA n 
1 144 GLU n 
1 145 LEU n 
1 146 GLU n 
1 147 ALA n 
1 148 LEU n 
1 149 ILE n 
1 150 ARG n 
1 151 GLY n 
1 152 GLU n 
1 153 GLU n 
1 154 PRO n 
1 155 ARG n 
1 156 THR n 
1 157 ARG n 
1 158 ARG n 
1 159 GLU n 
1 160 GLN n 
1 161 GLY n 
1 162 ARG n 
1 163 GLY n 
1 164 HIS n 
1 165 SER n 
1 166 THR n 
1 167 GLY n 
1 168 ILE n 
1 169 GLY n 
1 170 LEU n 
1 171 HIS n 
1 172 ASN n 
1 173 VAL n 
1 174 ILE n 
1 175 ARG n 
1 176 ARG n 
1 177 LEU n 
1 178 GLN n 
1 179 LEU n 
1 180 PHE n 
1 181 TYR n 
1 182 GLY n 
1 183 VAL n 
1 184 MET n 
1 185 ASP n 
1 186 VAL n 
1 187 ALA n 
1 188 GLU n 
1 189 ILE n 
1 190 GLU n 
1 191 SER n 
1 192 ALA n 
1 193 LEU n 
1 194 GLY n 
1 195 LYS n 
1 196 GLY n 
1 197 THR n 
1 198 THR n 
1 199 VAL n 
1 200 ARG n 
1 201 LEU n 
1 202 TRP n 
1 203 LEU n 
1 204 PRO n 
1 205 ARG n 
1 206 TRP n 
1 207 GLN n 
1 208 GLY n 
1 209 GLY n 
1 210 MET n 
1 211 ASN n 
1 212 GLY n 
1 213 GLU n 
1 214 SER n 
1 215 GLY n 
1 216 ASP n 
1 217 ARG n 
1 218 ARG n 
# 
_entity_src_gen.entity_id                          1 
_entity_src_gen.pdbx_src_id                        1 
_entity_src_gen.pdbx_alt_source_flag               sample 
_entity_src_gen.pdbx_seq_type                      'Biological sequence' 
_entity_src_gen.pdbx_beg_seq_num                   1 
_entity_src_gen.pdbx_end_seq_num                   218 
_entity_src_gen.gene_src_common_name               ? 
_entity_src_gen.gene_src_genus                     ? 
_entity_src_gen.pdbx_gene_src_gene                 GT94_12015 
_entity_src_gen.gene_src_species                   ? 
_entity_src_gen.gene_src_strain                    ? 
_entity_src_gen.gene_src_tissue                    ? 
_entity_src_gen.gene_src_tissue_fraction           ? 
_entity_src_gen.gene_src_details                   ? 
_entity_src_gen.pdbx_gene_src_fragment             ? 
_entity_src_gen.pdbx_gene_src_scientific_name      'Geobacillus stearothermophilus' 
_entity_src_gen.pdbx_gene_src_ncbi_taxonomy_id     1422 
_entity_src_gen.pdbx_gene_src_variant              ? 
_entity_src_gen.pdbx_gene_src_cell_line            ? 
_entity_src_gen.pdbx_gene_src_atcc                 ? 
_entity_src_gen.pdbx_gene_src_organ                ? 
_entity_src_gen.pdbx_gene_src_organelle            ? 
_entity_src_gen.pdbx_gene_src_cell                 ? 
_entity_src_gen.pdbx_gene_src_cellular_location    ? 
_entity_src_gen.host_org_common_name               ? 
_entity_src_gen.pdbx_host_org_scientific_name      'Escherichia coli' 
_entity_src_gen.pdbx_host_org_ncbi_taxonomy_id     562 
_entity_src_gen.host_org_genus                     ? 
_entity_src_gen.pdbx_host_org_gene                 ? 
_entity_src_gen.pdbx_host_org_organ                ? 
_entity_src_gen.host_org_species                   ? 
_entity_src_gen.pdbx_host_org_tissue               ? 
_entity_src_gen.pdbx_host_org_tissue_fraction      ? 
_entity_src_gen.pdbx_host_org_strain               ? 
_entity_src_gen.pdbx_host_org_variant              ? 
_entity_src_gen.pdbx_host_org_cell_line            ? 
_entity_src_gen.pdbx_host_org_atcc                 ? 
_entity_src_gen.pdbx_host_org_culture_collection   ? 
_entity_src_gen.pdbx_host_org_cell                 ? 
_entity_src_gen.pdbx_host_org_organelle            ? 
_entity_src_gen.pdbx_host_org_cellular_location    ? 
_entity_src_gen.pdbx_host_org_vector_type          ? 
_entity_src_gen.pdbx_host_org_vector               ? 
_entity_src_gen.host_org_details                   ? 
_entity_src_gen.expression_system_id               ? 
_entity_src_gen.plasmid_name                       ? 
_entity_src_gen.plasmid_details                    ? 
_entity_src_gen.pdbx_description                   ? 
# 
loop_
_chem_comp.id 
_chem_comp.type 
_chem_comp.mon_nstd_flag 
_chem_comp.name 
_chem_comp.pdbx_synonyms 
_chem_comp.formula 
_chem_comp.formula_weight 
ALA 'L-peptide linking' y ALANINE         ? 'C3 H7 N O2'     89.093  
ARG 'L-peptide linking' y ARGININE        ? 'C6 H15 N4 O2 1' 175.209 
ASN 'L-peptide linking' y ASPARAGINE      ? 'C4 H8 N2 O3'    132.118 
ASP 'L-peptide linking' y 'ASPARTIC ACID' ? 'C4 H7 N O4'     133.103 
CYS 'L-peptide linking' y CYSTEINE        ? 'C3 H7 N O2 S'   121.158 
GLN 'L-peptide linking' y GLUTAMINE       ? 'C5 H10 N2 O3'   146.144 
GLU 'L-peptide linking' y 'GLUTAMIC ACID' ? 'C5 H9 N O4'     147.129 
GLY 'peptide linking'   y GLYCINE         ? 'C2 H5 N O2'     75.067  
HIS 'L-peptide linking' y HISTIDINE       ? 'C6 H10 N3 O2 1' 156.162 
HOH non-polymer         . WATER           ? 'H2 O'           18.015  
ILE 'L-peptide linking' y ISOLEUCINE      ? 'C6 H13 N O2'    131.173 
LEU 'L-peptide linking' y LEUCINE         ? 'C6 H13 N O2'    131.173 
LYS 'L-peptide linking' y LYSINE          ? 'C6 H15 N2 O2 1' 147.195 
MET 'L-peptide linking' y METHIONINE      ? 'C5 H11 N O2 S'  149.211 
PHE 'L-peptide linking' y PHENYLALANINE   ? 'C9 H11 N O2'    165.189 
PRO 'L-peptide linking' y PROLINE         ? 'C5 H9 N O2'     115.130 
SER 'L-peptide linking' y SERINE          ? 'C3 H7 N O3'     105.093 
THR 'L-peptide linking' y THREONINE       ? 'C4 H9 N O3'     119.119 
TRP 'L-peptide linking' y TRYPTOPHAN      ? 'C11 H12 N2 O2'  204.225 
TYR 'L-peptide linking' y TYROSINE        ? 'C9 H11 N O3'    181.189 
VAL 'L-peptide linking' y VALINE          ? 'C5 H11 N O2'    117.146 
# 
loop_
_pdbx_poly_seq_scheme.asym_id 
_pdbx_poly_seq_scheme.entity_id 
_pdbx_poly_seq_scheme.seq_id 
_pdbx_poly_seq_scheme.mon_id 
_pdbx_poly_seq_scheme.ndb_seq_num 
_pdbx_poly_seq_scheme.pdb_seq_num 
_pdbx_poly_seq_scheme.auth_seq_num 
_pdbx_poly_seq_scheme.pdb_mon_id 
_pdbx_poly_seq_scheme.auth_mon_id 
_pdbx_poly_seq_scheme.pdb_strand_id 
_pdbx_poly_seq_scheme.pdb_ins_code 
_pdbx_poly_seq_scheme.hetero 
A 1 1   GLN 1   272 272 GLN GLN A . n 
A 1 2   SER 2   273 273 SER SER A . n 
A 1 3   GLN 3   274 274 GLN GLN A . n 
A 1 4   ILE 4   275 275 ILE ILE A . n 
A 1 5   ASN 5   276 276 ASN ASN A . n 
A 1 6   PRO 6   277 277 PRO PRO A . n 
A 1 7   HIS 7   278 278 HIS HIS A . n 
A 1 8   PHE 8   279 279 PHE PHE A . n 
A 1 9   LEU 9   280 280 LEU LEU A . n 
A 1 10  PHE 10  281 281 PHE PHE A . n 
A 1 11  ASN 11  282 282 ASN ASN A . n 
A 1 12  THR 12  283 283 THR THR A . n 
A 1 13  LEU 13  284 284 LEU LEU A . n 
A 1 14  ASN 14  285 285 ASN ASN A . n 
A 1 15  THR 15  286 286 THR THR A . n 
A 1 16  VAL 16  287 287 VAL VAL A . n 
A 1 17  ALA 17  288 288 ALA ALA A . n 
A 1 18  LYS 18  289 289 LYS LYS A . n 
A 1 19  MET 19  290 290 MET MET A . n 
A 1 20  ALA 20  291 291 ALA ALA A . n 
A 1 21  TYR 21  292 292 TYR TYR A . n 
A 1 22  LEU 22  293 293 LEU LEU A . n 
A 1 23  GLU 23  294 294 GLU GLU A . n 
A 1 24  ASP 24  295 295 ASP ASP A . n 
A 1 25  ALA 25  296 296 ALA ALA A . n 
A 1 26  GLN 26  297 297 GLN GLN A . n 
A 1 27  GLN 27  298 298 GLN GLN A . n 
A 1 28  THR 28  299 299 THR THR A . n 
A 1 29  SER 29  300 300 SER SER A . n 
A 1 30  ARG 30  301 301 ARG ARG A . n 
A 1 31  LEU 31  302 302 LEU LEU A . n 
A 1 32  ILE 32  303 303 ILE ILE A . n 
A 1 33  GLU 33  304 304 GLU GLU A . n 
A 1 34  ALA 34  305 305 ALA ALA A . n 
A 1 35  VAL 35  306 306 VAL VAL A . n 
A 1 36  ALA 36  307 307 ALA ALA A . n 
A 1 37  ALA 37  308 308 ALA ALA A . n 
A 1 38  ILE 38  309 309 ILE ILE A . n 
A 1 39  LEU 39  310 310 LEU LEU A . n 
A 1 40  ARG 40  311 311 ARG ARG A . n 
A 1 41  TYR 41  312 312 TYR TYR A . n 
A 1 42  ASN 42  313 313 ASN ASN A . n 
A 1 43  LEU 43  314 314 LEU LEU A . n 
A 1 44  GLY 44  315 315 GLY GLY A . n 
A 1 45  ASP 45  316 316 ASP ASP A . n 
A 1 46  LEU 46  317 317 LEU LEU A . n 
A 1 47  GLN 47  318 318 GLN GLN A . n 
A 1 48  ARG 48  319 319 ARG ARG A . n 
A 1 49  THR 49  320 320 THR THR A . n 
A 1 50  VAL 50  321 321 VAL VAL A . n 
A 1 51  THR 51  322 322 THR THR A . n 
A 1 52  LEU 52  323 323 LEU LEU A . n 
A 1 53  ALA 53  324 324 ALA ALA A . n 
A 1 54  ASP 54  325 325 ASP ASP A . n 
A 1 55  GLU 55  326 326 GLU GLU A . n 
A 1 56  VAL 56  327 327 VAL VAL A . n 
A 1 57  ARG 57  328 328 ARG ARG A . n 
A 1 58  ILE 58  329 329 ILE ILE A . n 
A 1 59  ALA 59  330 330 ALA ALA A . n 
A 1 60  ARG 60  331 331 ARG ARG A . n 
A 1 61  GLU 61  332 332 GLU GLU A . n 
A 1 62  TYR 62  333 333 TYR TYR A . n 
A 1 63  PHE 63  334 334 PHE PHE A . n 
A 1 64  PHE 64  335 335 PHE PHE A . n 
A 1 65  ILE 65  336 336 ILE ILE A . n 
A 1 66  GLN 66  337 337 GLN GLN A . n 
A 1 67  GLN 67  338 338 GLN GLN A . n 
A 1 68  THR 68  339 339 THR THR A . n 
A 1 69  ARG 69  340 340 ARG ARG A . n 
A 1 70  PHE 70  341 341 PHE PHE A . n 
A 1 71  PHE 71  342 342 PHE PHE A . n 
A 1 72  ASP 72  343 343 ASP ASP A . n 
A 1 73  ARG 73  344 344 ARG ARG A . n 
A 1 74  ILE 74  345 345 ILE ILE A . n 
A 1 75  LYS 75  346 346 LYS LYS A . n 
A 1 76  PHE 76  347 347 PHE PHE A . n 
A 1 77  SER 77  348 348 SER SER A . n 
A 1 78  LEU 78  349 349 LEU LEU A . n 
A 1 79  GLU 79  350 350 GLU GLU A . n 
A 1 80  ALA 80  351 351 ALA ALA A . n 
A 1 81  GLU 81  352 352 GLU GLU A . n 
A 1 82  PRO 82  353 353 PRO PRO A . n 
A 1 83  SER 83  354 354 SER SER A . n 
A 1 84  CYS 84  355 355 CYS CYS A . n 
A 1 85  LEU 85  356 356 LEU LEU A . n 
A 1 86  ASP 86  357 357 ASP ASP A . n 
A 1 87  GLN 87  358 358 GLN GLN A . n 
A 1 88  PRO 88  359 359 PRO PRO A . n 
A 1 89  ILE 89  360 360 ILE ILE A . n 
A 1 90  PRO 90  361 361 PRO PRO A . n 
A 1 91  PRO 91  362 362 PRO PRO A . n 
A 1 92  LEU 92  363 363 LEU LEU A . n 
A 1 93  THR 93  364 364 THR THR A . n 
A 1 94  LEU 94  365 365 LEU LEU A . n 
A 1 95  GLN 95  366 366 GLN GLN A . n 
A 1 96  PRO 96  367 367 PRO PRO A . n 
A 1 97  LEU 97  368 368 LEU LEU A . n 
A 1 98  ILE 98  369 369 ILE ILE A . n 
A 1 99  GLU 99  370 370 GLU GLU A . n 
A 1 100 ASN 100 371 371 ASN ASN A . n 
A 1 101 ALA 101 372 372 ALA ALA A . n 
A 1 102 PHE 102 373 373 PHE PHE A . n 
A 1 103 ILE 103 374 374 ILE ILE A . n 
A 1 104 HIS 104 375 375 HIS HIS A . n 
A 1 105 GLY 105 376 376 GLY GLY A . n 
A 1 106 ILE 106 377 377 ILE ILE A . n 
A 1 107 GLU 107 378 378 GLU GLU A . n 
A 1 108 THR 108 379 379 THR THR A . n 
A 1 109 TYR 109 380 380 TYR TYR A . n 
A 1 110 GLU 110 381 381 GLU GLU A . n 
A 1 111 GLN 111 382 382 GLN GLN A . n 
A 1 112 GLY 112 383 383 GLY GLY A . n 
A 1 113 ALA 113 384 384 ALA ALA A . n 
A 1 114 GLU 114 385 385 GLU GLU A . n 
A 1 115 LEU 115 386 386 LEU LEU A . n 
A 1 116 SER 116 387 387 SER SER A . n 
A 1 117 VAL 117 388 388 VAL VAL A . n 
A 1 118 SER 118 389 389 SER SER A . n 
A 1 119 VAL 119 390 390 VAL VAL A . n 
A 1 120 PHE 120 391 391 PHE PHE A . n 
A 1 121 ALA 121 392 392 ALA ALA A . n 
A 1 122 GLU 122 393 393 GLU GLU A . n 
A 1 123 ASN 123 394 394 ASN ASN A . n 
A 1 124 GLY 124 395 395 GLY GLY A . n 
A 1 125 ARG 125 396 396 ARG ARG A . n 
A 1 126 VAL 126 397 397 VAL VAL A . n 
A 1 127 VAL 127 398 398 VAL VAL A . n 
A 1 128 VAL 128 399 399 VAL VAL A . n 
A 1 129 GLU 129 400 400 GLU GLU A . n 
A 1 130 VAL 130 401 401 VAL VAL A . n 
A 1 131 ARG 131 402 402 ARG ARG A . n 
A 1 132 ASP 132 403 403 ASP ASP A . n 
A 1 133 ASN 133 404 404 ASN ASN A . n 
A 1 134 GLY 134 405 405 GLY GLY A . n 
A 1 135 VAL 135 406 406 VAL VAL A . n 
A 1 136 GLY 136 407 407 GLY GLY A . n 
A 1 137 MET 137 408 408 MET MET A . n 
A 1 138 ASP 138 409 409 ASP ASP A . n 
A 1 139 GLU 139 410 410 GLU GLU A . n 
A 1 140 GLN 140 411 411 GLN GLN A . n 
A 1 141 VAL 141 412 412 VAL VAL A . n 
A 1 142 LYS 142 413 413 LYS LYS A . n 
A 1 143 ALA 143 414 414 ALA ALA A . n 
A 1 144 GLU 144 415 415 GLU GLU A . n 
A 1 145 LEU 145 416 416 LEU LEU A . n 
A 1 146 GLU 146 417 417 GLU GLU A . n 
A 1 147 ALA 147 418 418 ALA ALA A . n 
A 1 148 LEU 148 419 419 LEU LEU A . n 
A 1 149 ILE 149 420 420 ILE ILE A . n 
A 1 150 ARG 150 421 421 ARG ARG A . n 
A 1 151 GLY 151 422 422 GLY GLY A . n 
A 1 152 GLU 152 423 423 GLU GLU A . n 
A 1 153 GLU 153 424 424 GLU GLU A . n 
A 1 154 PRO 154 425 425 PRO PRO A . n 
A 1 155 ARG 155 426 426 ARG ARG A . n 
A 1 156 THR 156 427 427 THR THR A . n 
A 1 157 ARG 157 428 428 ARG ARG A . n 
A 1 158 ARG 158 429 429 ARG ARG A . n 
A 1 159 GLU 159 430 430 GLU GLU A . n 
A 1 160 GLN 160 431 431 GLN GLN A . n 
A 1 161 GLY 161 432 ?   ?   ?   A . n 
A 1 162 ARG 162 433 ?   ?   ?   A . n 
A 1 163 GLY 163 434 ?   ?   ?   A . n 
A 1 164 HIS 164 435 ?   ?   ?   A . n 
A 1 165 SER 165 436 ?   ?   ?   A . n 
A 1 166 THR 166 437 437 THR THR A . n 
A 1 167 GLY 167 438 438 GLY GLY A . n 
A 1 168 ILE 168 439 439 ILE ILE A . n 
A 1 169 GLY 169 440 440 GLY GLY A . n 
A 1 170 LEU 170 441 441 LEU LEU A . n 
A 1 171 HIS 171 442 442 HIS HIS A . n 
A 1 172 ASN 172 443 443 ASN ASN A . n 
A 1 173 VAL 173 444 444 VAL VAL A . n 
A 1 174 ILE 174 445 445 ILE ILE A . n 
A 1 175 ARG 175 446 446 ARG ARG A . n 
A 1 176 ARG 176 447 447 ARG ARG A . n 
A 1 177 LEU 177 448 448 LEU LEU A . n 
A 1 178 GLN 178 449 449 GLN GLN A . n 
A 1 179 LEU 179 450 450 LEU LEU A . n 
A 1 180 PHE 180 451 451 PHE PHE A . n 
A 1 181 TYR 181 452 452 TYR TYR A . n 
A 1 182 GLY 182 453 453 GLY GLY A . n 
A 1 183 VAL 183 454 454 VAL VAL A . n 
A 1 184 MET 184 455 455 MET MET A . n 
A 1 185 ASP 185 456 456 ASP ASP A . n 
A 1 186 VAL 186 457 457 VAL VAL A . n 
A 1 187 ALA 187 458 458 ALA ALA A . n 
A 1 188 GLU 188 459 459 GLU GLU A . n 
A 1 189 ILE 189 460 460 ILE ILE A . n 
A 1 190 GLU 190 461 461 GLU GLU A . n 
A 1 191 SER 191 462 462 SER SER A . n 
A 1 192 ALA 192 463 463 ALA ALA A . n 
A 1 193 LEU 193 464 464 LEU LEU A . n 
A 1 194 GLY 194 465 465 GLY GLY A . n 
A 1 195 LYS 195 466 466 LYS LYS A . n 
A 1 196 GLY 196 467 467 GLY GLY A . n 
A 1 197 THR 197 468 468 THR THR A . n 
A 1 198 THR 198 469 469 THR THR A . n 
A 1 199 VAL 199 470 470 VAL VAL A . n 
A 1 200 ARG 200 471 471 ARG ARG A . n 
A 1 201 LEU 201 472 472 LEU LEU A . n 
A 1 202 TRP 202 473 473 TRP TRP A . n 
A 1 203 LEU 203 474 474 LEU LEU A . n 
A 1 204 PRO 204 475 475 PRO PRO A . n 
A 1 205 ARG 205 476 476 ARG ARG A . n 
A 1 206 TRP 206 477 477 TRP TRP A . n 
A 1 207 GLN 207 478 478 GLN GLN A . n 
A 1 208 GLY 208 479 479 GLY GLY A . n 
A 1 209 GLY 209 480 ?   ?   ?   A . n 
A 1 210 MET 210 481 ?   ?   ?   A . n 
A 1 211 ASN 211 482 ?   ?   ?   A . n 
A 1 212 GLY 212 483 ?   ?   ?   A . n 
A 1 213 GLU 213 484 ?   ?   ?   A . n 
A 1 214 SER 214 485 ?   ?   ?   A . n 
A 1 215 GLY 215 486 ?   ?   ?   A . n 
A 1 216 ASP 216 487 ?   ?   ?   A . n 
A 1 217 ARG 217 488 ?   ?   ?   A . n 
A 1 218 ARG 218 489 ?   ?   ?   A . n 
# 
loop_
_pdbx_nonpoly_scheme.asym_id 
_pdbx_nonpoly_scheme.entity_id 
_pdbx_nonpoly_scheme.mon_id 
_pdbx_nonpoly_scheme.ndb_seq_num 
_pdbx_nonpoly_scheme.pdb_seq_num 
_pdbx_nonpoly_scheme.auth_seq_num 
_pdbx_nonpoly_scheme.pdb_mon_id 
_pdbx_nonpoly_scheme.auth_mon_id 
_pdbx_nonpoly_scheme.pdb_strand_id 
_pdbx_nonpoly_scheme.pdb_ins_code 
B 2 HOH 1   501 82  HOH HOH A . 
B 2 HOH 2   502 54  HOH HOH A . 
B 2 HOH 3   503 13  HOH HOH A . 
B 2 HOH 4   504 18  HOH HOH A . 
B 2 HOH 5   505 78  HOH HOH A . 
B 2 HOH 6   506 44  HOH HOH A . 
B 2 HOH 7   507 81  HOH HOH A . 
B 2 HOH 8   508 31  HOH HOH A . 
B 2 HOH 9   509 2   HOH HOH A . 
B 2 HOH 10  510 38  HOH HOH A . 
B 2 HOH 11  511 12  HOH HOH A . 
B 2 HOH 12  512 66  HOH HOH A . 
B 2 HOH 13  513 42  HOH HOH A . 
B 2 HOH 14  514 92  HOH HOH A . 
B 2 HOH 15  515 39  HOH HOH A . 
B 2 HOH 16  516 53  HOH HOH A . 
B 2 HOH 17  517 46  HOH HOH A . 
B 2 HOH 18  518 80  HOH HOH A . 
B 2 HOH 19  519 16  HOH HOH A . 
B 2 HOH 20  520 17  HOH HOH A . 
B 2 HOH 21  521 52  HOH HOH A . 
B 2 HOH 22  522 40  HOH HOH A . 
B 2 HOH 23  523 79  HOH HOH A . 
B 2 HOH 24  524 22  HOH HOH A . 
B 2 HOH 25  525 14  HOH HOH A . 
B 2 HOH 26  526 7   HOH HOH A . 
B 2 HOH 27  527 58  HOH HOH A . 
B 2 HOH 28  528 50  HOH HOH A . 
B 2 HOH 29  529 28  HOH HOH A . 
B 2 HOH 30  530 88  HOH HOH A . 
B 2 HOH 31  531 84  HOH HOH A . 
B 2 HOH 32  532 5   HOH HOH A . 
B 2 HOH 33  533 48  HOH HOH A . 
B 2 HOH 34  534 27  HOH HOH A . 
B 2 HOH 35  535 60  HOH HOH A . 
B 2 HOH 36  536 56  HOH HOH A . 
B 2 HOH 37  537 1   HOH HOH A . 
B 2 HOH 38  538 90  HOH HOH A . 
B 2 HOH 39  539 29  HOH HOH A . 
B 2 HOH 40  540 37  HOH HOH A . 
B 2 HOH 41  541 25  HOH HOH A . 
B 2 HOH 42  542 68  HOH HOH A . 
B 2 HOH 43  543 8   HOH HOH A . 
B 2 HOH 44  544 4   HOH HOH A . 
B 2 HOH 45  545 59  HOH HOH A . 
B 2 HOH 46  546 74  HOH HOH A . 
B 2 HOH 47  547 19  HOH HOH A . 
B 2 HOH 48  548 10  HOH HOH A . 
B 2 HOH 49  549 20  HOH HOH A . 
B 2 HOH 50  550 95  HOH HOH A . 
B 2 HOH 51  551 26  HOH HOH A . 
B 2 HOH 52  552 98  HOH HOH A . 
B 2 HOH 53  553 24  HOH HOH A . 
B 2 HOH 54  554 83  HOH HOH A . 
B 2 HOH 55  555 41  HOH HOH A . 
B 2 HOH 56  556 43  HOH HOH A . 
B 2 HOH 57  557 73  HOH HOH A . 
B 2 HOH 58  558 33  HOH HOH A . 
B 2 HOH 59  559 87  HOH HOH A . 
B 2 HOH 60  560 85  HOH HOH A . 
B 2 HOH 61  561 75  HOH HOH A . 
B 2 HOH 62  562 3   HOH HOH A . 
B 2 HOH 63  563 6   HOH HOH A . 
B 2 HOH 64  564 49  HOH HOH A . 
B 2 HOH 65  565 30  HOH HOH A . 
B 2 HOH 66  566 11  HOH HOH A . 
B 2 HOH 67  567 9   HOH HOH A . 
B 2 HOH 68  568 93  HOH HOH A . 
B 2 HOH 69  569 47  HOH HOH A . 
B 2 HOH 70  570 94  HOH HOH A . 
B 2 HOH 71  571 62  HOH HOH A . 
B 2 HOH 72  572 70  HOH HOH A . 
B 2 HOH 73  573 86  HOH HOH A . 
B 2 HOH 74  574 102 HOH HOH A . 
B 2 HOH 75  575 77  HOH HOH A . 
B 2 HOH 76  576 69  HOH HOH A . 
B 2 HOH 77  577 100 HOH HOH A . 
B 2 HOH 78  578 35  HOH HOH A . 
B 2 HOH 79  579 23  HOH HOH A . 
B 2 HOH 80  580 36  HOH HOH A . 
B 2 HOH 81  581 55  HOH HOH A . 
B 2 HOH 82  582 72  HOH HOH A . 
B 2 HOH 83  583 64  HOH HOH A . 
B 2 HOH 84  584 96  HOH HOH A . 
B 2 HOH 85  585 57  HOH HOH A . 
B 2 HOH 86  586 99  HOH HOH A . 
B 2 HOH 87  587 71  HOH HOH A . 
B 2 HOH 88  588 15  HOH HOH A . 
B 2 HOH 89  589 65  HOH HOH A . 
B 2 HOH 90  590 21  HOH HOH A . 
B 2 HOH 91  591 91  HOH HOH A . 
B 2 HOH 92  592 63  HOH HOH A . 
B 2 HOH 93  593 67  HOH HOH A . 
B 2 HOH 94  594 89  HOH HOH A . 
B 2 HOH 95  595 76  HOH HOH A . 
B 2 HOH 96  596 45  HOH HOH A . 
B 2 HOH 97  597 61  HOH HOH A . 
B 2 HOH 98  598 51  HOH HOH A . 
B 2 HOH 99  599 97  HOH HOH A . 
B 2 HOH 100 600 101 HOH HOH A . 
# 
loop_
_software.citation_id 
_software.classification 
_software.compiler_name 
_software.compiler_version 
_software.contact_author 
_software.contact_author_email 
_software.date 
_software.description 
_software.dependencies 
_software.hardware 
_software.language 
_software.location 
_software.mods 
_software.name 
_software.os 
_software.os_version 
_software.type 
_software.version 
_software.pdbx_ordinal 
? refinement        ? ? ? ? ? ? ? ? ? ? ? PHENIX      ? ? ? 1.15.2_3472 1 
? 'data extraction' ? ? ? ? ? ? ? ? ? ? ? PDB_EXTRACT ? ? ? 3.25        2 
? 'data reduction'  ? ? ? ? ? ? ? ? ? ? ? XDS         ? ? ? .           3 
? 'data scaling'    ? ? ? ? ? ? ? ? ? ? ? XDS         ? ? ? .           4 
? phasing           ? ? ? ? ? ? ? ? ? ? ? PHASER      ? ? ? .           5 
# 
_cell.angle_alpha                  90.000 
_cell.angle_alpha_esd              ? 
_cell.angle_beta                   90.000 
_cell.angle_beta_esd               ? 
_cell.angle_gamma                  90.000 
_cell.angle_gamma_esd              ? 
_cell.entry_id                     6SWK 
_cell.details                      ? 
_cell.formula_units_Z              ? 
_cell.length_a                     48.950 
_cell.length_a_esd                 ? 
_cell.length_b                     80.160 
_cell.length_b_esd                 ? 
_cell.length_c                     116.880 
_cell.length_c_esd                 ? 
_cell.volume                       ? 
_cell.volume_esd                   ? 
_cell.Z_PDB                        8 
_cell.reciprocal_angle_alpha       ? 
_cell.reciprocal_angle_beta        ? 
_cell.reciprocal_angle_gamma       ? 
_cell.reciprocal_angle_alpha_esd   ? 
_cell.reciprocal_angle_beta_esd    ? 
_cell.reciprocal_angle_gamma_esd   ? 
_cell.reciprocal_length_a          ? 
_cell.reciprocal_length_b          ? 
_cell.reciprocal_length_c          ? 
_cell.reciprocal_length_a_esd      ? 
_cell.reciprocal_length_b_esd      ? 
_cell.reciprocal_length_c_esd      ? 
_cell.pdbx_unique_axis             ? 
# 
_symmetry.entry_id                         6SWK 
_symmetry.cell_setting                     ? 
_symmetry.Int_Tables_number                20 
_symmetry.space_group_name_Hall            ? 
_symmetry.space_group_name_H-M             'C 2 2 21' 
_symmetry.pdbx_full_space_group_name_H-M   ? 
# 
_exptl.absorpt_coefficient_mu     ? 
_exptl.absorpt_correction_T_max   ? 
_exptl.absorpt_correction_T_min   ? 
_exptl.absorpt_correction_type    ? 
_exptl.absorpt_process_details    ? 
_exptl.entry_id                   6SWK 
_exptl.crystals_number            1 
_exptl.details                    ? 
_exptl.method                     'X-RAY DIFFRACTION' 
_exptl.method_details             ? 
# 
_exptl_crystal.colour                      ? 
_exptl_crystal.density_diffrn              ? 
_exptl_crystal.density_Matthews            2.48 
_exptl_crystal.density_method              ? 
_exptl_crystal.density_percent_sol         50.38 
_exptl_crystal.description                 ? 
_exptl_crystal.F_000                       ? 
_exptl_crystal.id                          1 
_exptl_crystal.preparation                 ? 
_exptl_crystal.size_max                    ? 
_exptl_crystal.size_mid                    ? 
_exptl_crystal.size_min                    ? 
_exptl_crystal.size_rad                    ? 
_exptl_crystal.colour_lustre               ? 
_exptl_crystal.colour_modifier             ? 
_exptl_crystal.colour_primary              ? 
_exptl_crystal.density_meas                ? 
_exptl_crystal.density_meas_esd            ? 
_exptl_crystal.density_meas_gt             ? 
_exptl_crystal.density_meas_lt             ? 
_exptl_crystal.density_meas_temp           ? 
_exptl_crystal.density_meas_temp_esd       ? 
_exptl_crystal.density_meas_temp_gt        ? 
_exptl_crystal.density_meas_temp_lt        ? 
_exptl_crystal.pdbx_crystal_image_url      ? 
_exptl_crystal.pdbx_crystal_image_format   ? 
_exptl_crystal.pdbx_mosaicity              ? 
_exptl_crystal.pdbx_mosaicity_esd          ? 
# 
_exptl_crystal_grow.apparatus       ? 
_exptl_crystal_grow.atmosphere      ? 
_exptl_crystal_grow.crystal_id      1 
_exptl_crystal_grow.details         ? 
_exptl_crystal_grow.method          'VAPOR DIFFUSION, HANGING DROP' 
_exptl_crystal_grow.method_ref      ? 
_exptl_crystal_grow.pH              ? 
_exptl_crystal_grow.pressure        ? 
_exptl_crystal_grow.pressure_esd    ? 
_exptl_crystal_grow.seeding         ? 
_exptl_crystal_grow.seeding_ref     ? 
_exptl_crystal_grow.temp            298 
_exptl_crystal_grow.temp_details    ? 
_exptl_crystal_grow.temp_esd        ? 
_exptl_crystal_grow.time            ? 
_exptl_crystal_grow.pdbx_details    '30% PEG 3350, 1.05 M KSCN, 0.1 M Bis-Tris propane pH 6.3' 
_exptl_crystal_grow.pdbx_pH_range   ? 
# 
_diffrn.ambient_environment              ? 
_diffrn.ambient_temp                     100 
_diffrn.ambient_temp_details             ? 
_diffrn.ambient_temp_esd                 ? 
_diffrn.crystal_id                       1 
_diffrn.crystal_support                  ? 
_diffrn.crystal_treatment                ? 
_diffrn.details                          ? 
_diffrn.id                               1 
_diffrn.ambient_pressure                 ? 
_diffrn.ambient_pressure_esd             ? 
_diffrn.ambient_pressure_gt              ? 
_diffrn.ambient_pressure_lt              ? 
_diffrn.ambient_temp_gt                  ? 
_diffrn.ambient_temp_lt                  ? 
_diffrn.pdbx_serial_crystal_experiment   N 
# 
_diffrn_detector.details                      ? 
_diffrn_detector.detector                     PIXEL 
_diffrn_detector.diffrn_id                    1 
_diffrn_detector.type                         'DECTRIS PILATUS 6M' 
_diffrn_detector.area_resol_mean              ? 
_diffrn_detector.dtime                        ? 
_diffrn_detector.pdbx_frames_total            ? 
_diffrn_detector.pdbx_collection_time_total   ? 
_diffrn_detector.pdbx_collection_date         2018-11-15 
_diffrn_detector.pdbx_frequency               ? 
# 
_diffrn_radiation.collimation                      ? 
_diffrn_radiation.diffrn_id                        1 
_diffrn_radiation.filter_edge                      ? 
_diffrn_radiation.inhomogeneity                    ? 
_diffrn_radiation.monochromator                    ? 
_diffrn_radiation.polarisn_norm                    ? 
_diffrn_radiation.polarisn_ratio                   ? 
_diffrn_radiation.probe                            ? 
_diffrn_radiation.type                             ? 
_diffrn_radiation.xray_symbol                      ? 
_diffrn_radiation.wavelength_id                    1 
_diffrn_radiation.pdbx_monochromatic_or_laue_m_l   M 
_diffrn_radiation.pdbx_wavelength_list             ? 
_diffrn_radiation.pdbx_wavelength                  ? 
_diffrn_radiation.pdbx_diffrn_protocol             'SINGLE WAVELENGTH' 
_diffrn_radiation.pdbx_analyzer                    ? 
_diffrn_radiation.pdbx_scattering_type             x-ray 
# 
_diffrn_radiation_wavelength.id           1 
_diffrn_radiation_wavelength.wavelength   0.99 
_diffrn_radiation_wavelength.wt           1.0 
# 
_diffrn_source.current                     ? 
_diffrn_source.details                     ? 
_diffrn_source.diffrn_id                   1 
_diffrn_source.power                       ? 
_diffrn_source.size                        ? 
_diffrn_source.source                      SYNCHROTRON 
_diffrn_source.target                      ? 
_diffrn_source.type                        'ESRF BEAMLINE ID29' 
_diffrn_source.voltage                     ? 
_diffrn_source.take-off_angle              ? 
_diffrn_source.pdbx_wavelength_list        0.99 
_diffrn_source.pdbx_wavelength             ? 
_diffrn_source.pdbx_synchrotron_beamline   ID29 
_diffrn_source.pdbx_synchrotron_site       ESRF 
# 
_reflns.B_iso_Wilson_estimate            ? 
_reflns.entry_id                         6SWK 
_reflns.data_reduction_details           ? 
_reflns.data_reduction_method            ? 
_reflns.d_resolution_high                1.74 
_reflns.d_resolution_low                 50.00 
_reflns.details                          ? 
_reflns.limit_h_max                      ? 
_reflns.limit_h_min                      ? 
_reflns.limit_k_max                      ? 
_reflns.limit_k_min                      ? 
_reflns.limit_l_max                      ? 
_reflns.limit_l_min                      ? 
_reflns.number_all                       ? 
_reflns.number_obs                       23784 
_reflns.observed_criterion               ? 
_reflns.observed_criterion_F_max         ? 
_reflns.observed_criterion_F_min         ? 
_reflns.observed_criterion_I_max         ? 
_reflns.observed_criterion_I_min         ? 
_reflns.observed_criterion_sigma_F       ? 
_reflns.observed_criterion_sigma_I       ? 
_reflns.percent_possible_obs             99.1 
_reflns.R_free_details                   ? 
_reflns.Rmerge_F_all                     ? 
_reflns.Rmerge_F_obs                     ? 
_reflns.Friedel_coverage                 ? 
_reflns.number_gt                        ? 
_reflns.threshold_expression             ? 
_reflns.pdbx_redundancy                  23.7 
_reflns.pdbx_Rmerge_I_obs                0.083 
_reflns.pdbx_Rmerge_I_all                ? 
_reflns.pdbx_Rsym_value                  ? 
_reflns.pdbx_netI_over_av_sigmaI         ? 
_reflns.pdbx_netI_over_sigmaI            20.7 
_reflns.pdbx_res_netI_over_av_sigmaI_2   ? 
_reflns.pdbx_res_netI_over_sigmaI_2      ? 
_reflns.pdbx_chi_squared                 ? 
_reflns.pdbx_scaling_rejects             ? 
_reflns.pdbx_d_res_high_opt              ? 
_reflns.pdbx_d_res_low_opt               ? 
_reflns.pdbx_d_res_opt_method            ? 
_reflns.phase_calculation_details        ? 
_reflns.pdbx_Rrim_I_all                  ? 
_reflns.pdbx_Rpim_I_all                  ? 
_reflns.pdbx_d_opt                       ? 
_reflns.pdbx_number_measured_all         ? 
_reflns.pdbx_diffrn_id                   1 
_reflns.pdbx_ordinal                     1 
_reflns.pdbx_CC_half                     ? 
_reflns.pdbx_R_split                     ? 
# 
_reflns_shell.d_res_high                  1.74 
_reflns_shell.d_res_low                   1.85 
_reflns_shell.meanI_over_sigI_all         ? 
_reflns_shell.meanI_over_sigI_obs         1.7 
_reflns_shell.number_measured_all         ? 
_reflns_shell.number_measured_obs         ? 
_reflns_shell.number_possible             ? 
_reflns_shell.number_unique_all           ? 
_reflns_shell.number_unique_obs           3574 
_reflns_shell.percent_possible_all        ? 
_reflns_shell.percent_possible_obs        ? 
_reflns_shell.Rmerge_F_all                ? 
_reflns_shell.Rmerge_F_obs                ? 
_reflns_shell.Rmerge_I_all                ? 
_reflns_shell.Rmerge_I_obs                1.20 
_reflns_shell.meanI_over_sigI_gt          ? 
_reflns_shell.meanI_over_uI_all           ? 
_reflns_shell.meanI_over_uI_gt            ? 
_reflns_shell.number_measured_gt          ? 
_reflns_shell.number_unique_gt            ? 
_reflns_shell.percent_possible_gt         ? 
_reflns_shell.Rmerge_F_gt                 ? 
_reflns_shell.Rmerge_I_gt                 ? 
_reflns_shell.pdbx_redundancy             ? 
_reflns_shell.pdbx_Rsym_value             ? 
_reflns_shell.pdbx_chi_squared            ? 
_reflns_shell.pdbx_netI_over_sigmaI_all   ? 
_reflns_shell.pdbx_netI_over_sigmaI_obs   ? 
_reflns_shell.pdbx_Rrim_I_all             ? 
_reflns_shell.pdbx_Rpim_I_all             ? 
_reflns_shell.pdbx_rejects                ? 
_reflns_shell.pdbx_ordinal                1 
_reflns_shell.pdbx_diffrn_id              1 
_reflns_shell.pdbx_CC_half                ? 
_reflns_shell.pdbx_R_split                ? 
# 
_refine.aniso_B[1][1]                            ? 
_refine.aniso_B[1][2]                            ? 
_refine.aniso_B[1][3]                            ? 
_refine.aniso_B[2][2]                            ? 
_refine.aniso_B[2][3]                            ? 
_refine.aniso_B[3][3]                            ? 
_refine.B_iso_max                                83.280 
_refine.B_iso_mean                               39.7739 
_refine.B_iso_min                                16.480 
_refine.correlation_coeff_Fo_to_Fc               ? 
_refine.correlation_coeff_Fo_to_Fc_free          ? 
_refine.details                                  ? 
_refine.diff_density_max                         ? 
_refine.diff_density_max_esd                     ? 
_refine.diff_density_min                         ? 
_refine.diff_density_min_esd                     ? 
_refine.diff_density_rms                         ? 
_refine.diff_density_rms_esd                     ? 
_refine.entry_id                                 6SWK 
_refine.pdbx_refine_id                           'X-RAY DIFFRACTION' 
_refine.ls_abs_structure_details                 ? 
_refine.ls_abs_structure_Flack                   ? 
_refine.ls_abs_structure_Flack_esd               ? 
_refine.ls_abs_structure_Rogers                  ? 
_refine.ls_abs_structure_Rogers_esd              ? 
_refine.ls_d_res_high                            1.7420 
_refine.ls_d_res_low                             41.7770 
_refine.ls_extinction_coef                       ? 
_refine.ls_extinction_coef_esd                   ? 
_refine.ls_extinction_expression                 ? 
_refine.ls_extinction_method                     ? 
_refine.ls_goodness_of_fit_all                   ? 
_refine.ls_goodness_of_fit_all_esd               ? 
_refine.ls_goodness_of_fit_obs                   ? 
_refine.ls_goodness_of_fit_obs_esd               ? 
_refine.ls_hydrogen_treatment                    ? 
_refine.ls_matrix_type                           ? 
_refine.ls_number_constraints                    ? 
_refine.ls_number_parameters                     ? 
_refine.ls_number_reflns_all                     ? 
_refine.ls_number_reflns_obs                     23710 
_refine.ls_number_reflns_R_free                  1188 
_refine.ls_number_reflns_R_work                  ? 
_refine.ls_number_restraints                     ? 
_refine.ls_percent_reflns_obs                    99.1000 
_refine.ls_percent_reflns_R_free                 5.0100 
_refine.ls_R_factor_all                          ? 
_refine.ls_R_factor_obs                          0.2208 
_refine.ls_R_factor_R_free                       0.2521 
_refine.ls_R_factor_R_free_error                 ? 
_refine.ls_R_factor_R_free_error_details         ? 
_refine.ls_R_factor_R_work                       0.2191 
_refine.ls_R_Fsqd_factor_obs                     ? 
_refine.ls_R_I_factor_obs                        ? 
_refine.ls_redundancy_reflns_all                 ? 
_refine.ls_redundancy_reflns_obs                 ? 
_refine.ls_restrained_S_all                      ? 
_refine.ls_restrained_S_obs                      ? 
_refine.ls_shift_over_esd_max                    ? 
_refine.ls_shift_over_esd_mean                   ? 
_refine.ls_structure_factor_coef                 ? 
_refine.ls_weighting_details                     ? 
_refine.ls_weighting_scheme                      ? 
_refine.ls_wR_factor_all                         ? 
_refine.ls_wR_factor_obs                         ? 
_refine.ls_wR_factor_R_free                      ? 
_refine.ls_wR_factor_R_work                      ? 
_refine.occupancy_max                            ? 
_refine.occupancy_min                            ? 
_refine.solvent_model_details                    ? 
_refine.solvent_model_param_bsol                 ? 
_refine.solvent_model_param_ksol                 ? 
_refine.ls_R_factor_gt                           ? 
_refine.ls_goodness_of_fit_gt                    ? 
_refine.ls_goodness_of_fit_ref                   ? 
_refine.ls_shift_over_su_max                     ? 
_refine.ls_shift_over_su_max_lt                  ? 
_refine.ls_shift_over_su_mean                    ? 
_refine.ls_shift_over_su_mean_lt                 ? 
_refine.pdbx_ls_sigma_I                          ? 
_refine.pdbx_ls_sigma_F                          1.330 
_refine.pdbx_ls_sigma_Fsqd                       ? 
_refine.pdbx_data_cutoff_high_absF               ? 
_refine.pdbx_data_cutoff_high_rms_absF           ? 
_refine.pdbx_data_cutoff_low_absF                ? 
_refine.pdbx_isotropic_thermal_model             ? 
_refine.pdbx_ls_cross_valid_method               THROUGHOUT 
_refine.pdbx_method_to_determine_struct          'MOLECULAR REPLACEMENT' 
_refine.pdbx_starting_model                      6SWJ 
_refine.pdbx_stereochemistry_target_values       ? 
_refine.pdbx_R_Free_selection_details            ? 
_refine.pdbx_stereochem_target_val_spec_case     ? 
_refine.pdbx_overall_ESU_R                       ? 
_refine.pdbx_overall_ESU_R_Free                  ? 
_refine.pdbx_solvent_vdw_probe_radii             1.1100 
_refine.pdbx_solvent_ion_probe_radii             ? 
_refine.pdbx_solvent_shrinkage_radii             0.9000 
_refine.pdbx_real_space_R                        ? 
_refine.pdbx_density_correlation                 ? 
_refine.pdbx_pd_number_of_powder_patterns        ? 
_refine.pdbx_pd_number_of_points                 ? 
_refine.pdbx_pd_meas_number_of_points            ? 
_refine.pdbx_pd_proc_ls_prof_R_factor            ? 
_refine.pdbx_pd_proc_ls_prof_wR_factor           ? 
_refine.pdbx_pd_Marquardt_correlation_coeff      ? 
_refine.pdbx_pd_Fsqrd_R_factor                   ? 
_refine.pdbx_pd_ls_matrix_band_width             ? 
_refine.pdbx_overall_phase_error                 26.9100 
_refine.pdbx_overall_SU_R_free_Cruickshank_DPI   ? 
_refine.pdbx_overall_SU_R_free_Blow_DPI          ? 
_refine.pdbx_overall_SU_R_Blow_DPI               ? 
_refine.pdbx_TLS_residual_ADP_flag               ? 
_refine.pdbx_diffrn_id                           1 
_refine.overall_SU_B                             ? 
_refine.overall_SU_ML                            0.2800 
_refine.overall_SU_R_Cruickshank_DPI             ? 
_refine.overall_SU_R_free                        ? 
_refine.overall_FOM_free_R_set                   ? 
_refine.overall_FOM_work_R_set                   ? 
_refine.pdbx_average_fsc_overall                 ? 
_refine.pdbx_average_fsc_work                    ? 
_refine.pdbx_average_fsc_free                    ? 
# 
_refine_hist.pdbx_refine_id                   'X-RAY DIFFRACTION' 
_refine_hist.cycle_id                         final 
_refine_hist.details                          ? 
_refine_hist.d_res_high                       1.7420 
_refine_hist.d_res_low                        41.7770 
_refine_hist.number_atoms_solvent             100 
_refine_hist.number_atoms_total               1729 
_refine_hist.number_reflns_all                ? 
_refine_hist.number_reflns_obs                ? 
_refine_hist.number_reflns_R_free             ? 
_refine_hist.number_reflns_R_work             ? 
_refine_hist.R_factor_all                     ? 
_refine_hist.R_factor_obs                     ? 
_refine_hist.R_factor_R_free                  ? 
_refine_hist.R_factor_R_work                  ? 
_refine_hist.pdbx_number_residues_total       203 
_refine_hist.pdbx_B_iso_mean_ligand           ? 
_refine_hist.pdbx_B_iso_mean_solvent          44.15 
_refine_hist.pdbx_number_atoms_protein        1629 
_refine_hist.pdbx_number_atoms_nucleic_acid   0 
_refine_hist.pdbx_number_atoms_ligand         0 
_refine_hist.pdbx_number_atoms_lipid          ? 
_refine_hist.pdbx_number_atoms_carb           ? 
_refine_hist.pdbx_pseudo_atom_details         ? 
# 
loop_
_refine_ls_shell.pdbx_refine_id 
_refine_ls_shell.d_res_high 
_refine_ls_shell.d_res_low 
_refine_ls_shell.number_reflns_all 
_refine_ls_shell.number_reflns_obs 
_refine_ls_shell.number_reflns_R_free 
_refine_ls_shell.number_reflns_R_work 
_refine_ls_shell.percent_reflns_obs 
_refine_ls_shell.percent_reflns_R_free 
_refine_ls_shell.R_factor_all 
_refine_ls_shell.R_factor_obs 
_refine_ls_shell.R_factor_R_free 
_refine_ls_shell.R_factor_R_free_error 
_refine_ls_shell.R_factor_R_work 
_refine_ls_shell.redundancy_reflns_all 
_refine_ls_shell.redundancy_reflns_obs 
_refine_ls_shell.wR_factor_all 
_refine_ls_shell.wR_factor_obs 
_refine_ls_shell.wR_factor_R_free 
_refine_ls_shell.wR_factor_R_work 
_refine_ls_shell.pdbx_total_number_of_bins_used 
_refine_ls_shell.pdbx_phase_error 
_refine_ls_shell.pdbx_fsc_work 
_refine_ls_shell.pdbx_fsc_free 
'X-RAY DIFFRACTION' 1.7420 1.8209  . . 137 2592 93.0000  . . . 0.4315 0.0000 0.4061 . . . . . . . . . . 
'X-RAY DIFFRACTION' 1.8209 1.9169  . . 146 2787 100.0000 . . . 0.3272 0.0000 0.2975 . . . . . . . . . . 
'X-RAY DIFFRACTION' 1.9169 2.0370  . . 149 2823 100.0000 . . . 0.2422 0.0000 0.2308 . . . . . . . . . . 
'X-RAY DIFFRACTION' 2.0370 2.1942  . . 147 2789 100.0000 . . . 0.3028 0.0000 0.2354 . . . . . . . . . . 
'X-RAY DIFFRACTION' 2.1942 2.4150  . . 149 2826 100.0000 . . . 0.2996 0.0000 0.2244 . . . . . . . . . . 
'X-RAY DIFFRACTION' 2.4150 2.7644  . . 151 2861 100.0000 . . . 0.3191 0.0000 0.2337 . . . . . . . . . . 
'X-RAY DIFFRACTION' 2.7644 3.4826  . . 151 2862 100.0000 . . . 0.2559 0.0000 0.2242 . . . . . . . . . . 
'X-RAY DIFFRACTION' 3.4826 41.7770 . . 158 2982 100.0000 . . . 0.2030 0.0000 0.1943 . . . . . . . . . . 
# 
_struct.entry_id                     6SWK 
_struct.title                        'The kinase domain of GanS, a histidine kinase from Geobacillus stearothermophilus' 
_struct.pdbx_model_details           ? 
_struct.pdbx_formula_weight          ? 
_struct.pdbx_formula_weight_method   ? 
_struct.pdbx_model_type_details      ? 
_struct.pdbx_CASP_flag               N 
# 
_struct_keywords.entry_id        6SWK 
_struct_keywords.text            
'Two component sensing system, Geobacillus stearothermophilus, histidine kinase, galactan utilization system, SIGNALING PROTEIN' 
_struct_keywords.pdbx_keywords   'SIGNALING PROTEIN' 
# 
loop_
_struct_asym.id 
_struct_asym.pdbx_blank_PDB_chainid_flag 
_struct_asym.pdbx_modified 
_struct_asym.entity_id 
_struct_asym.details 
A N N 1 ? 
B N N 2 ? 
# 
_struct_ref.id                         1 
_struct_ref.db_name                    UNP 
_struct_ref.db_code                    A0A087LIA4_GEOSE 
_struct_ref.pdbx_db_accession          A0A087LIA4 
_struct_ref.pdbx_db_isoform            ? 
_struct_ref.entity_id                  1 
_struct_ref.pdbx_seq_one_letter_code   
;QSQINPHFLFNTLNTVAKMAYLEDAQQTSRLIEAVAAILRYNLGDLQRTVTLADEVRIAREYFFIQQTRFFDRIKFSLEA
EPSCLDQPIPPLTLQPLIENAFIHGIETYEQGAELSVSVFAENGRVVVEVRDNGVGMDEQVKAELEALIRGEEPRTRREQ
GRGHSTGIGLHNVIRRLQLFYGVMDVAEIESALGKGTTVRLWLPRWQGGMNGESGDRR
;
_struct_ref.pdbx_align_begin           272 
# 
_struct_ref_seq.align_id                      1 
_struct_ref_seq.ref_id                        1 
_struct_ref_seq.pdbx_PDB_id_code              6SWK 
_struct_ref_seq.pdbx_strand_id                A 
_struct_ref_seq.seq_align_beg                 1 
_struct_ref_seq.pdbx_seq_align_beg_ins_code   ? 
_struct_ref_seq.seq_align_end                 218 
_struct_ref_seq.pdbx_seq_align_end_ins_code   ? 
_struct_ref_seq.pdbx_db_accession             A0A087LIA4 
_struct_ref_seq.db_align_beg                  272 
_struct_ref_seq.pdbx_db_align_beg_ins_code    ? 
_struct_ref_seq.db_align_end                  489 
_struct_ref_seq.pdbx_db_align_end_ins_code    ? 
_struct_ref_seq.pdbx_auth_seq_align_beg       272 
_struct_ref_seq.pdbx_auth_seq_align_end       489 
# 
_pdbx_struct_assembly.id                   1 
_pdbx_struct_assembly.details              author_and_software_defined_assembly 
_pdbx_struct_assembly.method_details       PISA 
_pdbx_struct_assembly.oligomeric_details   dimeric 
_pdbx_struct_assembly.oligomeric_count     2 
# 
loop_
_pdbx_struct_assembly_prop.biol_id 
_pdbx_struct_assembly_prop.type 
_pdbx_struct_assembly_prop.value 
_pdbx_struct_assembly_prop.details 
1 'ABSA (A^2)' 3790  ? 
1 MORE         -27   ? 
1 'SSA (A^2)'  20030 ? 
# 
_pdbx_struct_assembly_gen.assembly_id       1 
_pdbx_struct_assembly_gen.oper_expression   1,2 
_pdbx_struct_assembly_gen.asym_id_list      A,B 
# 
_pdbx_struct_assembly_auth_evidence.id                     1 
_pdbx_struct_assembly_auth_evidence.assembly_id            1 
_pdbx_struct_assembly_auth_evidence.experimental_support   homology 
_pdbx_struct_assembly_auth_evidence.details                ? 
# 
loop_
_pdbx_struct_oper_list.id 
_pdbx_struct_oper_list.type 
_pdbx_struct_oper_list.name 
_pdbx_struct_oper_list.symmetry_operation 
_pdbx_struct_oper_list.matrix[1][1] 
_pdbx_struct_oper_list.matrix[1][2] 
_pdbx_struct_oper_list.matrix[1][3] 
_pdbx_struct_oper_list.vector[1] 
_pdbx_struct_oper_list.matrix[2][1] 
_pdbx_struct_oper_list.matrix[2][2] 
_pdbx_struct_oper_list.matrix[2][3] 
_pdbx_struct_oper_list.vector[2] 
_pdbx_struct_oper_list.matrix[3][1] 
_pdbx_struct_oper_list.matrix[3][2] 
_pdbx_struct_oper_list.matrix[3][3] 
_pdbx_struct_oper_list.vector[3] 
1 'identity operation'         1_555 x,y,z       1.0000000000  0.0000000000  0.0000000000  0.0000000000   0.0000000000  1.0000000000  0.0000000000 0.0000000000   0.0000000000  0.0000000000 1.0000000000  0.0000000000   
2 'crystal symmetry operation' 4_566 x,-y+1,-z+1 -0.0778354689 -0.8314428017 -0.5501313546 -23.5672792591 -0.8314428017 -0.2503538044 0.4960099194 -15.2491146054 -0.5501313546 0.4960099194 -0.6718107267 -16.4581465531 
# 
loop_
_struct_conf.conf_type_id 
_struct_conf.id 
_struct_conf.pdbx_PDB_helix_id 
_struct_conf.beg_label_comp_id 
_struct_conf.beg_label_asym_id 
_struct_conf.beg_label_seq_id 
_struct_conf.pdbx_beg_PDB_ins_code 
_struct_conf.end_label_comp_id 
_struct_conf.end_label_asym_id 
_struct_conf.end_label_seq_id 
_struct_conf.pdbx_end_PDB_ins_code 
_struct_conf.beg_auth_comp_id 
_struct_conf.beg_auth_asym_id 
_struct_conf.beg_auth_seq_id 
_struct_conf.end_auth_comp_id 
_struct_conf.end_auth_asym_id 
_struct_conf.end_auth_seq_id 
_struct_conf.pdbx_PDB_helix_class 
_struct_conf.details 
_struct_conf.pdbx_PDB_helix_length 
HELX_P HELX_P1 AA1 ASN A 5   ? GLU A 23  ? ASN A 276 GLU A 294 1 ? 19 
HELX_P HELX_P2 AA2 ALA A 25  ? GLY A 44  ? ALA A 296 GLY A 315 1 ? 20 
HELX_P HELX_P3 AA3 LEU A 52  ? PHE A 71  ? LEU A 323 PHE A 342 1 ? 20 
HELX_P HELX_P4 AA4 PRO A 82  ? LEU A 85  ? PRO A 353 LEU A 356 5 ? 4  
HELX_P HELX_P5 AA5 THR A 93  ? TYR A 109 ? THR A 364 TYR A 380 1 ? 17 
HELX_P HELX_P6 AA6 ASP A 138 ? GLY A 151 ? ASP A 409 GLY A 422 1 ? 14 
HELX_P HELX_P7 AA7 GLY A 169 ? GLY A 182 ? GLY A 440 GLY A 453 1 ? 14 
# 
_struct_conf_type.id          HELX_P 
_struct_conf_type.criteria    ? 
_struct_conf_type.reference   ? 
# 
loop_
_struct_sheet.id 
_struct_sheet.type 
_struct_sheet.number_strands 
_struct_sheet.details 
AA1 ? 2 ? 
AA2 ? 5 ? 
# 
loop_
_struct_sheet_order.sheet_id 
_struct_sheet_order.range_id_1 
_struct_sheet_order.range_id_2 
_struct_sheet_order.offset 
_struct_sheet_order.sense 
AA1 1 2 ? anti-parallel 
AA2 1 2 ? parallel      
AA2 2 3 ? anti-parallel 
AA2 3 4 ? anti-parallel 
AA2 4 5 ? anti-parallel 
# 
loop_
_struct_sheet_range.sheet_id 
_struct_sheet_range.id 
_struct_sheet_range.beg_label_comp_id 
_struct_sheet_range.beg_label_asym_id 
_struct_sheet_range.beg_label_seq_id 
_struct_sheet_range.pdbx_beg_PDB_ins_code 
_struct_sheet_range.end_label_comp_id 
_struct_sheet_range.end_label_asym_id 
_struct_sheet_range.end_label_seq_id 
_struct_sheet_range.pdbx_end_PDB_ins_code 
_struct_sheet_range.beg_auth_comp_id 
_struct_sheet_range.beg_auth_asym_id 
_struct_sheet_range.beg_auth_seq_id 
_struct_sheet_range.end_auth_comp_id 
_struct_sheet_range.end_auth_asym_id 
_struct_sheet_range.end_auth_seq_id 
AA1 1 VAL A 50  ? THR A 51  ? VAL A 321 THR A 322 
AA1 2 PRO A 88  ? ILE A 89  ? PRO A 359 ILE A 360 
AA2 1 ILE A 74  ? ALA A 80  ? ILE A 345 ALA A 351 
AA2 2 ALA A 113 ? GLU A 122 ? ALA A 384 GLU A 393 
AA2 3 ARG A 125 ? ASP A 132 ? ARG A 396 ASP A 403 
AA2 4 THR A 197 ? PRO A 204 ? THR A 468 PRO A 475 
AA2 5 ALA A 187 ? SER A 191 ? ALA A 458 SER A 462 
# 
loop_
_pdbx_struct_sheet_hbond.sheet_id 
_pdbx_struct_sheet_hbond.range_id_1 
_pdbx_struct_sheet_hbond.range_id_2 
_pdbx_struct_sheet_hbond.range_1_label_atom_id 
_pdbx_struct_sheet_hbond.range_1_label_comp_id 
_pdbx_struct_sheet_hbond.range_1_label_asym_id 
_pdbx_struct_sheet_hbond.range_1_label_seq_id 
_pdbx_struct_sheet_hbond.range_1_PDB_ins_code 
_pdbx_struct_sheet_hbond.range_1_auth_atom_id 
_pdbx_struct_sheet_hbond.range_1_auth_comp_id 
_pdbx_struct_sheet_hbond.range_1_auth_asym_id 
_pdbx_struct_sheet_hbond.range_1_auth_seq_id 
_pdbx_struct_sheet_hbond.range_2_label_atom_id 
_pdbx_struct_sheet_hbond.range_2_label_comp_id 
_pdbx_struct_sheet_hbond.range_2_label_asym_id 
_pdbx_struct_sheet_hbond.range_2_label_seq_id 
_pdbx_struct_sheet_hbond.range_2_PDB_ins_code 
_pdbx_struct_sheet_hbond.range_2_auth_atom_id 
_pdbx_struct_sheet_hbond.range_2_auth_comp_id 
_pdbx_struct_sheet_hbond.range_2_auth_asym_id 
_pdbx_struct_sheet_hbond.range_2_auth_seq_id 
AA1 1 2 N VAL A 50  ? N VAL A 321 O ILE A 89  ? O ILE A 360 
AA2 1 2 N LYS A 75  ? N LYS A 346 O LEU A 115 ? O LEU A 386 
AA2 2 3 N PHE A 120 ? N PHE A 391 O VAL A 127 ? O VAL A 398 
AA2 3 4 N VAL A 128 ? N VAL A 399 O LEU A 201 ? O LEU A 472 
AA2 4 5 O THR A 198 ? O THR A 469 N GLU A 190 ? N GLU A 461 
# 
_pdbx_validate_torsion.id              1 
_pdbx_validate_torsion.PDB_model_num   1 
_pdbx_validate_torsion.auth_comp_id    GLN 
_pdbx_validate_torsion.auth_asym_id    A 
_pdbx_validate_torsion.auth_seq_id     478 
_pdbx_validate_torsion.PDB_ins_code    ? 
_pdbx_validate_torsion.label_alt_id    ? 
_pdbx_validate_torsion.phi             -67.36 
_pdbx_validate_torsion.psi             93.95 
# 
_pdbx_struct_special_symmetry.id              1 
_pdbx_struct_special_symmetry.PDB_model_num   1 
_pdbx_struct_special_symmetry.auth_asym_id    A 
_pdbx_struct_special_symmetry.auth_comp_id    HOH 
_pdbx_struct_special_symmetry.auth_seq_id     537 
_pdbx_struct_special_symmetry.PDB_ins_code    ? 
_pdbx_struct_special_symmetry.label_asym_id   B 
_pdbx_struct_special_symmetry.label_comp_id   HOH 
_pdbx_struct_special_symmetry.label_seq_id    . 
# 
loop_
_pdbx_unobs_or_zero_occ_residues.id 
_pdbx_unobs_or_zero_occ_residues.PDB_model_num 
_pdbx_unobs_or_zero_occ_residues.polymer_flag 
_pdbx_unobs_or_zero_occ_residues.occupancy_flag 
_pdbx_unobs_or_zero_occ_residues.auth_asym_id 
_pdbx_unobs_or_zero_occ_residues.auth_comp_id 
_pdbx_unobs_or_zero_occ_residues.auth_seq_id 
_pdbx_unobs_or_zero_occ_residues.PDB_ins_code 
_pdbx_unobs_or_zero_occ_residues.label_asym_id 
_pdbx_unobs_or_zero_occ_residues.label_comp_id 
_pdbx_unobs_or_zero_occ_residues.label_seq_id 
1  1 Y 1 A GLY 432 ? A GLY 161 
2  1 Y 1 A ARG 433 ? A ARG 162 
3  1 Y 1 A GLY 434 ? A GLY 163 
4  1 Y 1 A HIS 435 ? A HIS 164 
5  1 Y 1 A SER 436 ? A SER 165 
6  1 Y 1 A GLY 480 ? A GLY 209 
7  1 Y 1 A MET 481 ? A MET 210 
8  1 Y 1 A ASN 482 ? A ASN 211 
9  1 Y 1 A GLY 483 ? A GLY 212 
10 1 Y 1 A GLU 484 ? A GLU 213 
11 1 Y 1 A SER 485 ? A SER 214 
12 1 Y 1 A GLY 486 ? A GLY 215 
13 1 Y 1 A ASP 487 ? A ASP 216 
14 1 Y 1 A ARG 488 ? A ARG 217 
15 1 Y 1 A ARG 489 ? A ARG 218 
# 
loop_
_chem_comp_atom.comp_id 
_chem_comp_atom.atom_id 
_chem_comp_atom.type_symbol 
_chem_comp_atom.pdbx_aromatic_flag 
_chem_comp_atom.pdbx_stereo_config 
_chem_comp_atom.pdbx_ordinal 
ALA N    N N N 1   
ALA CA   C N S 2   
ALA C    C N N 3   
ALA O    O N N 4   
ALA CB   C N N 5   
ALA OXT  O N N 6   
ALA H    H N N 7   
ALA H2   H N N 8   
ALA HA   H N N 9   
ALA HB1  H N N 10  
ALA HB2  H N N 11  
ALA HB3  H N N 12  
ALA HXT  H N N 13  
ARG N    N N N 14  
ARG CA   C N S 15  
ARG C    C N N 16  
ARG O    O N N 17  
ARG CB   C N N 18  
ARG CG   C N N 19  
ARG CD   C N N 20  
ARG NE   N N N 21  
ARG CZ   C N N 22  
ARG NH1  N N N 23  
ARG NH2  N N N 24  
ARG OXT  O N N 25  
ARG H    H N N 26  
ARG H2   H N N 27  
ARG HA   H N N 28  
ARG HB2  H N N 29  
ARG HB3  H N N 30  
ARG HG2  H N N 31  
ARG HG3  H N N 32  
ARG HD2  H N N 33  
ARG HD3  H N N 34  
ARG HE   H N N 35  
ARG HH11 H N N 36  
ARG HH12 H N N 37  
ARG HH21 H N N 38  
ARG HH22 H N N 39  
ARG HXT  H N N 40  
ASN N    N N N 41  
ASN CA   C N S 42  
ASN C    C N N 43  
ASN O    O N N 44  
ASN CB   C N N 45  
ASN CG   C N N 46  
ASN OD1  O N N 47  
ASN ND2  N N N 48  
ASN OXT  O N N 49  
ASN H    H N N 50  
ASN H2   H N N 51  
ASN HA   H N N 52  
ASN HB2  H N N 53  
ASN HB3  H N N 54  
ASN HD21 H N N 55  
ASN HD22 H N N 56  
ASN HXT  H N N 57  
ASP N    N N N 58  
ASP CA   C N S 59  
ASP C    C N N 60  
ASP O    O N N 61  
ASP CB   C N N 62  
ASP CG   C N N 63  
ASP OD1  O N N 64  
ASP OD2  O N N 65  
ASP OXT  O N N 66  
ASP H    H N N 67  
ASP H2   H N N 68  
ASP HA   H N N 69  
ASP HB2  H N N 70  
ASP HB3  H N N 71  
ASP HD2  H N N 72  
ASP HXT  H N N 73  
CYS N    N N N 74  
CYS CA   C N R 75  
CYS C    C N N 76  
CYS O    O N N 77  
CYS CB   C N N 78  
CYS SG   S N N 79  
CYS OXT  O N N 80  
CYS H    H N N 81  
CYS H2   H N N 82  
CYS HA   H N N 83  
CYS HB2  H N N 84  
CYS HB3  H N N 85  
CYS HG   H N N 86  
CYS HXT  H N N 87  
GLN N    N N N 88  
GLN CA   C N S 89  
GLN C    C N N 90  
GLN O    O N N 91  
GLN CB   C N N 92  
GLN CG   C N N 93  
GLN CD   C N N 94  
GLN OE1  O N N 95  
GLN NE2  N N N 96  
GLN OXT  O N N 97  
GLN H    H N N 98  
GLN H2   H N N 99  
GLN HA   H N N 100 
GLN HB2  H N N 101 
GLN HB3  H N N 102 
GLN HG2  H N N 103 
GLN HG3  H N N 104 
GLN HE21 H N N 105 
GLN HE22 H N N 106 
GLN HXT  H N N 107 
GLU N    N N N 108 
GLU CA   C N S 109 
GLU C    C N N 110 
GLU O    O N N 111 
GLU CB   C N N 112 
GLU CG   C N N 113 
GLU CD   C N N 114 
GLU OE1  O N N 115 
GLU OE2  O N N 116 
GLU OXT  O N N 117 
GLU H    H N N 118 
GLU H2   H N N 119 
GLU HA   H N N 120 
GLU HB2  H N N 121 
GLU HB3  H N N 122 
GLU HG2  H N N 123 
GLU HG3  H N N 124 
GLU HE2  H N N 125 
GLU HXT  H N N 126 
GLY N    N N N 127 
GLY CA   C N N 128 
GLY C    C N N 129 
GLY O    O N N 130 
GLY OXT  O N N 131 
GLY H    H N N 132 
GLY H2   H N N 133 
GLY HA2  H N N 134 
GLY HA3  H N N 135 
GLY HXT  H N N 136 
HIS N    N N N 137 
HIS CA   C N S 138 
HIS C    C N N 139 
HIS O    O N N 140 
HIS CB   C N N 141 
HIS CG   C Y N 142 
HIS ND1  N Y N 143 
HIS CD2  C Y N 144 
HIS CE1  C Y N 145 
HIS NE2  N Y N 146 
HIS OXT  O N N 147 
HIS H    H N N 148 
HIS H2   H N N 149 
HIS HA   H N N 150 
HIS HB2  H N N 151 
HIS HB3  H N N 152 
HIS HD1  H N N 153 
HIS HD2  H N N 154 
HIS HE1  H N N 155 
HIS HE2  H N N 156 
HIS HXT  H N N 157 
HOH O    O N N 158 
HOH H1   H N N 159 
HOH H2   H N N 160 
ILE N    N N N 161 
ILE CA   C N S 162 
ILE C    C N N 163 
ILE O    O N N 164 
ILE CB   C N S 165 
ILE CG1  C N N 166 
ILE CG2  C N N 167 
ILE CD1  C N N 168 
ILE OXT  O N N 169 
ILE H    H N N 170 
ILE H2   H N N 171 
ILE HA   H N N 172 
ILE HB   H N N 173 
ILE HG12 H N N 174 
ILE HG13 H N N 175 
ILE HG21 H N N 176 
ILE HG22 H N N 177 
ILE HG23 H N N 178 
ILE HD11 H N N 179 
ILE HD12 H N N 180 
ILE HD13 H N N 181 
ILE HXT  H N N 182 
LEU N    N N N 183 
LEU CA   C N S 184 
LEU C    C N N 185 
LEU O    O N N 186 
LEU CB   C N N 187 
LEU CG   C N N 188 
LEU CD1  C N N 189 
LEU CD2  C N N 190 
LEU OXT  O N N 191 
LEU H    H N N 192 
LEU H2   H N N 193 
LEU HA   H N N 194 
LEU HB2  H N N 195 
LEU HB3  H N N 196 
LEU HG   H N N 197 
LEU HD11 H N N 198 
LEU HD12 H N N 199 
LEU HD13 H N N 200 
LEU HD21 H N N 201 
LEU HD22 H N N 202 
LEU HD23 H N N 203 
LEU HXT  H N N 204 
LYS N    N N N 205 
LYS CA   C N S 206 
LYS C    C N N 207 
LYS O    O N N 208 
LYS CB   C N N 209 
LYS CG   C N N 210 
LYS CD   C N N 211 
LYS CE   C N N 212 
LYS NZ   N N N 213 
LYS OXT  O N N 214 
LYS H    H N N 215 
LYS H2   H N N 216 
LYS HA   H N N 217 
LYS HB2  H N N 218 
LYS HB3  H N N 219 
LYS HG2  H N N 220 
LYS HG3  H N N 221 
LYS HD2  H N N 222 
LYS HD3  H N N 223 
LYS HE2  H N N 224 
LYS HE3  H N N 225 
LYS HZ1  H N N 226 
LYS HZ2  H N N 227 
LYS HZ3  H N N 228 
LYS HXT  H N N 229 
MET N    N N N 230 
MET CA   C N S 231 
MET C    C N N 232 
MET O    O N N 233 
MET CB   C N N 234 
MET CG   C N N 235 
MET SD   S N N 236 
MET CE   C N N 237 
MET OXT  O N N 238 
MET H    H N N 239 
MET H2   H N N 240 
MET HA   H N N 241 
MET HB2  H N N 242 
MET HB3  H N N 243 
MET HG2  H N N 244 
MET HG3  H N N 245 
MET HE1  H N N 246 
MET HE2  H N N 247 
MET HE3  H N N 248 
MET HXT  H N N 249 
PHE N    N N N 250 
PHE CA   C N S 251 
PHE C    C N N 252 
PHE O    O N N 253 
PHE CB   C N N 254 
PHE CG   C Y N 255 
PHE CD1  C Y N 256 
PHE CD2  C Y N 257 
PHE CE1  C Y N 258 
PHE CE2  C Y N 259 
PHE CZ   C Y N 260 
PHE OXT  O N N 261 
PHE H    H N N 262 
PHE H2   H N N 263 
PHE HA   H N N 264 
PHE HB2  H N N 265 
PHE HB3  H N N 266 
PHE HD1  H N N 267 
PHE HD2  H N N 268 
PHE HE1  H N N 269 
PHE HE2  H N N 270 
PHE HZ   H N N 271 
PHE HXT  H N N 272 
PRO N    N N N 273 
PRO CA   C N S 274 
PRO C    C N N 275 
PRO O    O N N 276 
PRO CB   C N N 277 
PRO CG   C N N 278 
PRO CD   C N N 279 
PRO OXT  O N N 280 
PRO H    H N N 281 
PRO HA   H N N 282 
PRO HB2  H N N 283 
PRO HB3  H N N 284 
PRO HG2  H N N 285 
PRO HG3  H N N 286 
PRO HD2  H N N 287 
PRO HD3  H N N 288 
PRO HXT  H N N 289 
SER N    N N N 290 
SER CA   C N S 291 
SER C    C N N 292 
SER O    O N N 293 
SER CB   C N N 294 
SER OG   O N N 295 
SER OXT  O N N 296 
SER H    H N N 297 
SER H2   H N N 298 
SER HA   H N N 299 
SER HB2  H N N 300 
SER HB3  H N N 301 
SER HG   H N N 302 
SER HXT  H N N 303 
THR N    N N N 304 
THR CA   C N S 305 
THR C    C N N 306 
THR O    O N N 307 
THR CB   C N R 308 
THR OG1  O N N 309 
THR CG2  C N N 310 
THR OXT  O N N 311 
THR H    H N N 312 
THR H2   H N N 313 
THR HA   H N N 314 
THR HB   H N N 315 
THR HG1  H N N 316 
THR HG21 H N N 317 
THR HG22 H N N 318 
THR HG23 H N N 319 
THR HXT  H N N 320 
TRP N    N N N 321 
TRP CA   C N S 322 
TRP C    C N N 323 
TRP O    O N N 324 
TRP CB   C N N 325 
TRP CG   C Y N 326 
TRP CD1  C Y N 327 
TRP CD2  C Y N 328 
TRP NE1  N Y N 329 
TRP CE2  C Y N 330 
TRP CE3  C Y N 331 
TRP CZ2  C Y N 332 
TRP CZ3  C Y N 333 
TRP CH2  C Y N 334 
TRP OXT  O N N 335 
TRP H    H N N 336 
TRP H2   H N N 337 
TRP HA   H N N 338 
TRP HB2  H N N 339 
TRP HB3  H N N 340 
TRP HD1  H N N 341 
TRP HE1  H N N 342 
TRP HE3  H N N 343 
TRP HZ2  H N N 344 
TRP HZ3  H N N 345 
TRP HH2  H N N 346 
TRP HXT  H N N 347 
TYR N    N N N 348 
TYR CA   C N S 349 
TYR C    C N N 350 
TYR O    O N N 351 
TYR CB   C N N 352 
TYR CG   C Y N 353 
TYR CD1  C Y N 354 
TYR CD2  C Y N 355 
TYR CE1  C Y N 356 
TYR CE2  C Y N 357 
TYR CZ   C Y N 358 
TYR OH   O N N 359 
TYR OXT  O N N 360 
TYR H    H N N 361 
TYR H2   H N N 362 
TYR HA   H N N 363 
TYR HB2  H N N 364 
TYR HB3  H N N 365 
TYR HD1  H N N 366 
TYR HD2  H N N 367 
TYR HE1  H N N 368 
TYR HE2  H N N 369 
TYR HH   H N N 370 
TYR HXT  H N N 371 
VAL N    N N N 372 
VAL CA   C N S 373 
VAL C    C N N 374 
VAL O    O N N 375 
VAL CB   C N N 376 
VAL CG1  C N N 377 
VAL CG2  C N N 378 
VAL OXT  O N N 379 
VAL H    H N N 380 
VAL H2   H N N 381 
VAL HA   H N N 382 
VAL HB   H N N 383 
VAL HG11 H N N 384 
VAL HG12 H N N 385 
VAL HG13 H N N 386 
VAL HG21 H N N 387 
VAL HG22 H N N 388 
VAL HG23 H N N 389 
VAL HXT  H N N 390 
# 
loop_
_chem_comp_bond.comp_id 
_chem_comp_bond.atom_id_1 
_chem_comp_bond.atom_id_2 
_chem_comp_bond.value_order 
_chem_comp_bond.pdbx_aromatic_flag 
_chem_comp_bond.pdbx_stereo_config 
_chem_comp_bond.pdbx_ordinal 
ALA N   CA   sing N N 1   
ALA N   H    sing N N 2   
ALA N   H2   sing N N 3   
ALA CA  C    sing N N 4   
ALA CA  CB   sing N N 5   
ALA CA  HA   sing N N 6   
ALA C   O    doub N N 7   
ALA C   OXT  sing N N 8   
ALA CB  HB1  sing N N 9   
ALA CB  HB2  sing N N 10  
ALA CB  HB3  sing N N 11  
ALA OXT HXT  sing N N 12  
ARG N   CA   sing N N 13  
ARG N   H    sing N N 14  
ARG N   H2   sing N N 15  
ARG CA  C    sing N N 16  
ARG CA  CB   sing N N 17  
ARG CA  HA   sing N N 18  
ARG C   O    doub N N 19  
ARG C   OXT  sing N N 20  
ARG CB  CG   sing N N 21  
ARG CB  HB2  sing N N 22  
ARG CB  HB3  sing N N 23  
ARG CG  CD   sing N N 24  
ARG CG  HG2  sing N N 25  
ARG CG  HG3  sing N N 26  
ARG CD  NE   sing N N 27  
ARG CD  HD2  sing N N 28  
ARG CD  HD3  sing N N 29  
ARG NE  CZ   sing N N 30  
ARG NE  HE   sing N N 31  
ARG CZ  NH1  sing N N 32  
ARG CZ  NH2  doub N N 33  
ARG NH1 HH11 sing N N 34  
ARG NH1 HH12 sing N N 35  
ARG NH2 HH21 sing N N 36  
ARG NH2 HH22 sing N N 37  
ARG OXT HXT  sing N N 38  
ASN N   CA   sing N N 39  
ASN N   H    sing N N 40  
ASN N   H2   sing N N 41  
ASN CA  C    sing N N 42  
ASN CA  CB   sing N N 43  
ASN CA  HA   sing N N 44  
ASN C   O    doub N N 45  
ASN C   OXT  sing N N 46  
ASN CB  CG   sing N N 47  
ASN CB  HB2  sing N N 48  
ASN CB  HB3  sing N N 49  
ASN CG  OD1  doub N N 50  
ASN CG  ND2  sing N N 51  
ASN ND2 HD21 sing N N 52  
ASN ND2 HD22 sing N N 53  
ASN OXT HXT  sing N N 54  
ASP N   CA   sing N N 55  
ASP N   H    sing N N 56  
ASP N   H2   sing N N 57  
ASP CA  C    sing N N 58  
ASP CA  CB   sing N N 59  
ASP CA  HA   sing N N 60  
ASP C   O    doub N N 61  
ASP C   OXT  sing N N 62  
ASP CB  CG   sing N N 63  
ASP CB  HB2  sing N N 64  
ASP CB  HB3  sing N N 65  
ASP CG  OD1  doub N N 66  
ASP CG  OD2  sing N N 67  
ASP OD2 HD2  sing N N 68  
ASP OXT HXT  sing N N 69  
CYS N   CA   sing N N 70  
CYS N   H    sing N N 71  
CYS N   H2   sing N N 72  
CYS CA  C    sing N N 73  
CYS CA  CB   sing N N 74  
CYS CA  HA   sing N N 75  
CYS C   O    doub N N 76  
CYS C   OXT  sing N N 77  
CYS CB  SG   sing N N 78  
CYS CB  HB2  sing N N 79  
CYS CB  HB3  sing N N 80  
CYS SG  HG   sing N N 81  
CYS OXT HXT  sing N N 82  
GLN N   CA   sing N N 83  
GLN N   H    sing N N 84  
GLN N   H2   sing N N 85  
GLN CA  C    sing N N 86  
GLN CA  CB   sing N N 87  
GLN CA  HA   sing N N 88  
GLN C   O    doub N N 89  
GLN C   OXT  sing N N 90  
GLN CB  CG   sing N N 91  
GLN CB  HB2  sing N N 92  
GLN CB  HB3  sing N N 93  
GLN CG  CD   sing N N 94  
GLN CG  HG2  sing N N 95  
GLN CG  HG3  sing N N 96  
GLN CD  OE1  doub N N 97  
GLN CD  NE2  sing N N 98  
GLN NE2 HE21 sing N N 99  
GLN NE2 HE22 sing N N 100 
GLN OXT HXT  sing N N 101 
GLU N   CA   sing N N 102 
GLU N   H    sing N N 103 
GLU N   H2   sing N N 104 
GLU CA  C    sing N N 105 
GLU CA  CB   sing N N 106 
GLU CA  HA   sing N N 107 
GLU C   O    doub N N 108 
GLU C   OXT  sing N N 109 
GLU CB  CG   sing N N 110 
GLU CB  HB2  sing N N 111 
GLU CB  HB3  sing N N 112 
GLU CG  CD   sing N N 113 
GLU CG  HG2  sing N N 114 
GLU CG  HG3  sing N N 115 
GLU CD  OE1  doub N N 116 
GLU CD  OE2  sing N N 117 
GLU OE2 HE2  sing N N 118 
GLU OXT HXT  sing N N 119 
GLY N   CA   sing N N 120 
GLY N   H    sing N N 121 
GLY N   H2   sing N N 122 
GLY CA  C    sing N N 123 
GLY CA  HA2  sing N N 124 
GLY CA  HA3  sing N N 125 
GLY C   O    doub N N 126 
GLY C   OXT  sing N N 127 
GLY OXT HXT  sing N N 128 
HIS N   CA   sing N N 129 
HIS N   H    sing N N 130 
HIS N   H2   sing N N 131 
HIS CA  C    sing N N 132 
HIS CA  CB   sing N N 133 
HIS CA  HA   sing N N 134 
HIS C   O    doub N N 135 
HIS C   OXT  sing N N 136 
HIS CB  CG   sing N N 137 
HIS CB  HB2  sing N N 138 
HIS CB  HB3  sing N N 139 
HIS CG  ND1  sing Y N 140 
HIS CG  CD2  doub Y N 141 
HIS ND1 CE1  doub Y N 142 
HIS ND1 HD1  sing N N 143 
HIS CD2 NE2  sing Y N 144 
HIS CD2 HD2  sing N N 145 
HIS CE1 NE2  sing Y N 146 
HIS CE1 HE1  sing N N 147 
HIS NE2 HE2  sing N N 148 
HIS OXT HXT  sing N N 149 
HOH O   H1   sing N N 150 
HOH O   H2   sing N N 151 
ILE N   CA   sing N N 152 
ILE N   H    sing N N 153 
ILE N   H2   sing N N 154 
ILE CA  C    sing N N 155 
ILE CA  CB   sing N N 156 
ILE CA  HA   sing N N 157 
ILE C   O    doub N N 158 
ILE C   OXT  sing N N 159 
ILE CB  CG1  sing N N 160 
ILE CB  CG2  sing N N 161 
ILE CB  HB   sing N N 162 
ILE CG1 CD1  sing N N 163 
ILE CG1 HG12 sing N N 164 
ILE CG1 HG13 sing N N 165 
ILE CG2 HG21 sing N N 166 
ILE CG2 HG22 sing N N 167 
ILE CG2 HG23 sing N N 168 
ILE CD1 HD11 sing N N 169 
ILE CD1 HD12 sing N N 170 
ILE CD1 HD13 sing N N 171 
ILE OXT HXT  sing N N 172 
LEU N   CA   sing N N 173 
LEU N   H    sing N N 174 
LEU N   H2   sing N N 175 
LEU CA  C    sing N N 176 
LEU CA  CB   sing N N 177 
LEU CA  HA   sing N N 178 
LEU C   O    doub N N 179 
LEU C   OXT  sing N N 180 
LEU CB  CG   sing N N 181 
LEU CB  HB2  sing N N 182 
LEU CB  HB3  sing N N 183 
LEU CG  CD1  sing N N 184 
LEU CG  CD2  sing N N 185 
LEU CG  HG   sing N N 186 
LEU CD1 HD11 sing N N 187 
LEU CD1 HD12 sing N N 188 
LEU CD1 HD13 sing N N 189 
LEU CD2 HD21 sing N N 190 
LEU CD2 HD22 sing N N 191 
LEU CD2 HD23 sing N N 192 
LEU OXT HXT  sing N N 193 
LYS N   CA   sing N N 194 
LYS N   H    sing N N 195 
LYS N   H2   sing N N 196 
LYS CA  C    sing N N 197 
LYS CA  CB   sing N N 198 
LYS CA  HA   sing N N 199 
LYS C   O    doub N N 200 
LYS C   OXT  sing N N 201 
LYS CB  CG   sing N N 202 
LYS CB  HB2  sing N N 203 
LYS CB  HB3  sing N N 204 
LYS CG  CD   sing N N 205 
LYS CG  HG2  sing N N 206 
LYS CG  HG3  sing N N 207 
LYS CD  CE   sing N N 208 
LYS CD  HD2  sing N N 209 
LYS CD  HD3  sing N N 210 
LYS CE  NZ   sing N N 211 
LYS CE  HE2  sing N N 212 
LYS CE  HE3  sing N N 213 
LYS NZ  HZ1  sing N N 214 
LYS NZ  HZ2  sing N N 215 
LYS NZ  HZ3  sing N N 216 
LYS OXT HXT  sing N N 217 
MET N   CA   sing N N 218 
MET N   H    sing N N 219 
MET N   H2   sing N N 220 
MET CA  C    sing N N 221 
MET CA  CB   sing N N 222 
MET CA  HA   sing N N 223 
MET C   O    doub N N 224 
MET C   OXT  sing N N 225 
MET CB  CG   sing N N 226 
MET CB  HB2  sing N N 227 
MET CB  HB3  sing N N 228 
MET CG  SD   sing N N 229 
MET CG  HG2  sing N N 230 
MET CG  HG3  sing N N 231 
MET SD  CE   sing N N 232 
MET CE  HE1  sing N N 233 
MET CE  HE2  sing N N 234 
MET CE  HE3  sing N N 235 
MET OXT HXT  sing N N 236 
PHE N   CA   sing N N 237 
PHE N   H    sing N N 238 
PHE N   H2   sing N N 239 
PHE CA  C    sing N N 240 
PHE CA  CB   sing N N 241 
PHE CA  HA   sing N N 242 
PHE C   O    doub N N 243 
PHE C   OXT  sing N N 244 
PHE CB  CG   sing N N 245 
PHE CB  HB2  sing N N 246 
PHE CB  HB3  sing N N 247 
PHE CG  CD1  doub Y N 248 
PHE CG  CD2  sing Y N 249 
PHE CD1 CE1  sing Y N 250 
PHE CD1 HD1  sing N N 251 
PHE CD2 CE2  doub Y N 252 
PHE CD2 HD2  sing N N 253 
PHE CE1 CZ   doub Y N 254 
PHE CE1 HE1  sing N N 255 
PHE CE2 CZ   sing Y N 256 
PHE CE2 HE2  sing N N 257 
PHE CZ  HZ   sing N N 258 
PHE OXT HXT  sing N N 259 
PRO N   CA   sing N N 260 
PRO N   CD   sing N N 261 
PRO N   H    sing N N 262 
PRO CA  C    sing N N 263 
PRO CA  CB   sing N N 264 
PRO CA  HA   sing N N 265 
PRO C   O    doub N N 266 
PRO C   OXT  sing N N 267 
PRO CB  CG   sing N N 268 
PRO CB  HB2  sing N N 269 
PRO CB  HB3  sing N N 270 
PRO CG  CD   sing N N 271 
PRO CG  HG2  sing N N 272 
PRO CG  HG3  sing N N 273 
PRO CD  HD2  sing N N 274 
PRO CD  HD3  sing N N 275 
PRO OXT HXT  sing N N 276 
SER N   CA   sing N N 277 
SER N   H    sing N N 278 
SER N   H2   sing N N 279 
SER CA  C    sing N N 280 
SER CA  CB   sing N N 281 
SER CA  HA   sing N N 282 
SER C   O    doub N N 283 
SER C   OXT  sing N N 284 
SER CB  OG   sing N N 285 
SER CB  HB2  sing N N 286 
SER CB  HB3  sing N N 287 
SER OG  HG   sing N N 288 
SER OXT HXT  sing N N 289 
THR N   CA   sing N N 290 
THR N   H    sing N N 291 
THR N   H2   sing N N 292 
THR CA  C    sing N N 293 
THR CA  CB   sing N N 294 
THR CA  HA   sing N N 295 
THR C   O    doub N N 296 
THR C   OXT  sing N N 297 
THR CB  OG1  sing N N 298 
THR CB  CG2  sing N N 299 
THR CB  HB   sing N N 300 
THR OG1 HG1  sing N N 301 
THR CG2 HG21 sing N N 302 
THR CG2 HG22 sing N N 303 
THR CG2 HG23 sing N N 304 
THR OXT HXT  sing N N 305 
TRP N   CA   sing N N 306 
TRP N   H    sing N N 307 
TRP N   H2   sing N N 308 
TRP CA  C    sing N N 309 
TRP CA  CB   sing N N 310 
TRP CA  HA   sing N N 311 
TRP C   O    doub N N 312 
TRP C   OXT  sing N N 313 
TRP CB  CG   sing N N 314 
TRP CB  HB2  sing N N 315 
TRP CB  HB3  sing N N 316 
TRP CG  CD1  doub Y N 317 
TRP CG  CD2  sing Y N 318 
TRP CD1 NE1  sing Y N 319 
TRP CD1 HD1  sing N N 320 
TRP CD2 CE2  doub Y N 321 
TRP CD2 CE3  sing Y N 322 
TRP NE1 CE2  sing Y N 323 
TRP NE1 HE1  sing N N 324 
TRP CE2 CZ2  sing Y N 325 
TRP CE3 CZ3  doub Y N 326 
TRP CE3 HE3  sing N N 327 
TRP CZ2 CH2  doub Y N 328 
TRP CZ2 HZ2  sing N N 329 
TRP CZ3 CH2  sing Y N 330 
TRP CZ3 HZ3  sing N N 331 
TRP CH2 HH2  sing N N 332 
TRP OXT HXT  sing N N 333 
TYR N   CA   sing N N 334 
TYR N   H    sing N N 335 
TYR N   H2   sing N N 336 
TYR CA  C    sing N N 337 
TYR CA  CB   sing N N 338 
TYR CA  HA   sing N N 339 
TYR C   O    doub N N 340 
TYR C   OXT  sing N N 341 
TYR CB  CG   sing N N 342 
TYR CB  HB2  sing N N 343 
TYR CB  HB3  sing N N 344 
TYR CG  CD1  doub Y N 345 
TYR CG  CD2  sing Y N 346 
TYR CD1 CE1  sing Y N 347 
TYR CD1 HD1  sing N N 348 
TYR CD2 CE2  doub Y N 349 
TYR CD2 HD2  sing N N 350 
TYR CE1 CZ   doub Y N 351 
TYR CE1 HE1  sing N N 352 
TYR CE2 CZ   sing Y N 353 
TYR CE2 HE2  sing N N 354 
TYR CZ  OH   sing N N 355 
TYR OH  HH   sing N N 356 
TYR OXT HXT  sing N N 357 
VAL N   CA   sing N N 358 
VAL N   H    sing N N 359 
VAL N   H2   sing N N 360 
VAL CA  C    sing N N 361 
VAL CA  CB   sing N N 362 
VAL CA  HA   sing N N 363 
VAL C   O    doub N N 364 
VAL C   OXT  sing N N 365 
VAL CB  CG1  sing N N 366 
VAL CB  CG2  sing N N 367 
VAL CB  HB   sing N N 368 
VAL CG1 HG11 sing N N 369 
VAL CG1 HG12 sing N N 370 
VAL CG1 HG13 sing N N 371 
VAL CG2 HG21 sing N N 372 
VAL CG2 HG22 sing N N 373 
VAL CG2 HG23 sing N N 374 
VAL OXT HXT  sing N N 375 
# 
_pdbx_initial_refinement_model.id               1 
_pdbx_initial_refinement_model.entity_id_list   ? 
_pdbx_initial_refinement_model.type             'experimental model' 
_pdbx_initial_refinement_model.source_name      PDB 
_pdbx_initial_refinement_model.accession_code   6SWJ 
_pdbx_initial_refinement_model.details          ? 
# 
_atom_sites.entry_id                    6SWK 
_atom_sites.Cartn_transf_matrix[1][1]   ? 
_atom_sites.Cartn_transf_matrix[1][2]   ? 
_atom_sites.Cartn_transf_matrix[1][3]   ? 
_atom_sites.Cartn_transf_matrix[2][1]   ? 
_atom_sites.Cartn_transf_matrix[2][2]   ? 
_atom_sites.Cartn_transf_matrix[2][3]   ? 
_atom_sites.Cartn_transf_matrix[3][1]   ? 
_atom_sites.Cartn_transf_matrix[3][2]   ? 
_atom_sites.Cartn_transf_matrix[3][3]   ? 
_atom_sites.Cartn_transf_vector[1]      ? 
_atom_sites.Cartn_transf_vector[2]      ? 
_atom_sites.Cartn_transf_vector[3]      ? 
_atom_sites.fract_transf_matrix[1][1]   0.01387191 
_atom_sites.fract_transf_matrix[1][2]   -0.01250721 
_atom_sites.fract_transf_matrix[1][3]   -0.00827550 
_atom_sites.fract_transf_matrix[2][1]   -0.00646597 
_atom_sites.fract_transf_matrix[2][2]   -0.00986272 
_atom_sites.fract_transf_matrix[2][3]   0.00406739 
_atom_sites.fract_transf_matrix[3][1]   -0.00444803 
_atom_sites.fract_transf_matrix[3][2]   -0.00009781 
_atom_sites.fract_transf_matrix[3][3]   -0.00730825 
_atom_sites.fract_transf_vector[1]      0.814659 
_atom_sites.fract_transf_vector[2]      0.382077 
_atom_sites.fract_transf_vector[3]      0.386713 
_atom_sites.solution_primary            ? 
_atom_sites.solution_secondary          ? 
_atom_sites.solution_hydrogens          ? 
_atom_sites.special_details             ? 
# 
loop_
_atom_type.symbol 
C 
N 
O 
S 
# 
loop_
_atom_site.group_PDB 
_atom_site.id 
_atom_site.type_symbol 
_atom_site.label_atom_id 
_atom_site.label_alt_id 
_atom_site.label_comp_id 
_atom_site.label_asym_id 
_atom_site.label_entity_id 
_atom_site.label_seq_id 
_atom_site.pdbx_PDB_ins_code 
_atom_site.Cartn_x 
_atom_site.Cartn_y 
_atom_site.Cartn_z 
_atom_site.occupancy 
_atom_site.B_iso_or_equiv 
_atom_site.pdbx_formal_charge 
_atom_site.auth_seq_id 
_atom_site.auth_comp_id 
_atom_site.auth_asym_id 
_atom_site.auth_atom_id 
_atom_site.pdbx_PDB_model_num 
ATOM   1    N N   . GLN A 1 1   ? -21.125 -0.425  -9.089  1.00 80.63 ? 272 GLN A N   1 
ATOM   2    C CA  . GLN A 1 1   ? -21.068 -1.825  -8.689  1.00 80.77 ? 272 GLN A CA  1 
ATOM   3    C C   . GLN A 1 1   ? -19.615 -2.296  -8.644  1.00 80.75 ? 272 GLN A C   1 
ATOM   4    O O   . GLN A 1 1   ? -18.696 -1.507  -8.872  1.00 79.97 ? 272 GLN A O   1 
ATOM   5    C CB  . GLN A 1 1   ? -21.875 -2.697  -9.661  1.00 77.61 ? 272 GLN A CB  1 
ATOM   6    C CG  . GLN A 1 1   ? -23.241 -2.118  -10.048 1.00 72.77 ? 272 GLN A CG  1 
ATOM   7    C CD  . GLN A 1 1   ? -24.151 -3.138  -10.715 1.00 69.56 ? 272 GLN A CD  1 
ATOM   8    O OE1 . GLN A 1 1   ? -24.200 -4.296  -10.305 1.00 76.87 ? 272 GLN A OE1 1 
ATOM   9    N NE2 . GLN A 1 1   ? -24.880 -2.712  -11.744 1.00 63.25 ? 272 GLN A NE2 1 
ATOM   10   N N   . SER A 1 2   ? -19.410 -3.579  -8.340  1.00 80.01 ? 273 SER A N   1 
ATOM   11   C CA  . SER A 1 2   ? -18.137 -4.252  -8.581  1.00 78.72 ? 273 SER A CA  1 
ATOM   12   C C   . SER A 1 2   ? -18.387 -5.263  -9.693  1.00 73.91 ? 273 SER A C   1 
ATOM   13   O O   . SER A 1 2   ? -19.133 -6.232  -9.506  1.00 73.59 ? 273 SER A O   1 
ATOM   14   C CB  . SER A 1 2   ? -17.597 -4.922  -7.319  1.00 81.15 ? 273 SER A CB  1 
ATOM   15   O OG  . SER A 1 2   ? -16.673 -5.948  -7.652  1.00 76.52 ? 273 SER A OG  1 
ATOM   16   N N   . GLN A 1 3   ? -17.778 -5.026  -10.851 1.00 72.22 ? 274 GLN A N   1 
ATOM   17   C CA  . GLN A 1 3   ? -18.155 -5.706  -12.078 1.00 68.25 ? 274 GLN A CA  1 
ATOM   18   C C   . GLN A 1 3   ? -17.475 -7.065  -12.258 1.00 66.96 ? 274 GLN A C   1 
ATOM   19   O O   . GLN A 1 3   ? -17.589 -7.658  -13.337 1.00 61.82 ? 274 GLN A O   1 
ATOM   20   C CB  . GLN A 1 3   ? -17.844 -4.790  -13.260 1.00 59.39 ? 274 GLN A CB  1 
ATOM   21   C CG  . GLN A 1 3   ? -18.256 -3.347  -13.009 1.00 64.96 ? 274 GLN A CG  1 
ATOM   22   C CD  . GLN A 1 3   ? -17.942 -2.413  -14.167 1.00 62.56 ? 274 GLN A CD  1 
ATOM   23   O OE1 . GLN A 1 3   ? -17.303 -2.804  -15.143 1.00 59.92 ? 274 GLN A OE1 1 
ATOM   24   N NE2 . GLN A 1 3   ? -18.388 -1.163  -14.056 1.00 60.57 ? 274 GLN A NE2 1 
ATOM   25   N N   . ILE A 1 4   ? -16.765 -7.568  -11.240 1.00 65.95 ? 275 ILE A N   1 
ATOM   26   C CA  . ILE A 1 4   ? -16.056 -8.840  -11.330 1.00 66.11 ? 275 ILE A CA  1 
ATOM   27   C C   . ILE A 1 4   ? -16.308 -9.641  -10.056 1.00 65.68 ? 275 ILE A C   1 
ATOM   28   O O   . ILE A 1 4   ? -16.742 -9.107  -9.034  1.00 69.29 ? 275 ILE A O   1 
ATOM   29   C CB  . ILE A 1 4   ? -14.532 -8.660  -11.564 1.00 65.00 ? 275 ILE A CB  1 
ATOM   30   C CG1 . ILE A 1 4   ? -14.249 -7.535  -12.564 1.00 61.43 ? 275 ILE A CG1 1 
ATOM   31   C CG2 . ILE A 1 4   ? -13.904 -9.952  -12.097 1.00 64.07 ? 275 ILE A CG2 1 
ATOM   32   C CD1 . ILE A 1 4   ? -13.960 -6.194  -11.930 1.00 61.54 ? 275 ILE A CD1 1 
ATOM   33   N N   . ASN A 1 5   ? -16.031 -10.944 -10.133 1.00 57.05 ? 276 ASN A N   1 
ATOM   34   C CA  . ASN A 1 5   ? -16.187 -11.853 -9.003  1.00 54.99 ? 276 ASN A CA  1 
ATOM   35   C C   . ASN A 1 5   ? -14.812 -12.230 -8.470  1.00 56.05 ? 276 ASN A C   1 
ATOM   36   O O   . ASN A 1 5   ? -14.118 -13.052 -9.091  1.00 52.62 ? 276 ASN A O   1 
ATOM   37   C CB  . ASN A 1 5   ? -16.962 -13.103 -9.429  1.00 54.29 ? 276 ASN A CB  1 
ATOM   38   C CG  . ASN A 1 5   ? -17.185 -14.089 -8.287  1.00 56.19 ? 276 ASN A CG  1 
ATOM   39   O OD1 . ASN A 1 5   ? -16.502 -14.059 -7.264  1.00 53.42 ? 276 ASN A OD1 1 
ATOM   40   N ND2 . ASN A 1 5   ? -18.147 -14.983 -8.472  1.00 59.68 ? 276 ASN A ND2 1 
ATOM   41   N N   . PRO A 1 6   ? -14.393 -11.697 -7.319  1.00 55.50 ? 277 PRO A N   1 
ATOM   42   C CA  . PRO A 1 6   ? -13.017 -11.942 -6.859  1.00 51.32 ? 277 PRO A CA  1 
ATOM   43   C C   . PRO A 1 6   ? -12.748 -13.380 -6.445  1.00 51.59 ? 277 PRO A C   1 
ATOM   44   O O   . PRO A 1 6   ? -11.617 -13.857 -6.611  1.00 46.93 ? 277 PRO A O   1 
ATOM   45   C CB  . PRO A 1 6   ? -12.879 -10.977 -5.674  1.00 55.61 ? 277 PRO A CB  1 
ATOM   46   C CG  . PRO A 1 6   ? -14.281 -10.871 -5.142  1.00 61.46 ? 277 PRO A CG  1 
ATOM   47   C CD  . PRO A 1 6   ? -15.156 -10.866 -6.369  1.00 57.39 ? 277 PRO A CD  1 
ATOM   48   N N   . HIS A 1 7   ? -13.738 -14.085 -5.902  1.00 49.66 ? 278 HIS A N   1 
ATOM   49   C CA  A HIS A 1 7   ? -13.553 -15.473 -5.478  0.50 51.05 ? 278 HIS A CA  1 
ATOM   50   C CA  B HIS A 1 7   ? -13.438 -15.445 -5.489  0.50 51.03 ? 278 HIS A CA  1 
ATOM   51   C C   . HIS A 1 7   ? -13.351 -16.393 -6.679  1.00 44.32 ? 278 HIS A C   1 
ATOM   52   O O   . HIS A 1 7   ? -12.583 -17.356 -6.620  1.00 46.71 ? 278 HIS A O   1 
ATOM   53   C CB  A HIS A 1 7   ? -14.767 -15.906 -4.649  0.50 51.76 ? 278 HIS A CB  1 
ATOM   54   C CB  B HIS A 1 7   ? -14.448 -15.917 -4.444  0.50 51.94 ? 278 HIS A CB  1 
ATOM   55   C CG  A HIS A 1 7   ? -14.816 -17.370 -4.335  0.50 50.67 ? 278 HIS A CG  1 
ATOM   56   C CG  B HIS A 1 7   ? -14.088 -15.497 -3.051  0.50 51.99 ? 278 HIS A CG  1 
ATOM   57   N ND1 A HIS A 1 7   ? -14.219 -17.915 -3.220  0.50 52.50 ? 278 HIS A ND1 1 
ATOM   58   N ND1 B HIS A 1 7   ? -13.038 -16.055 -2.354  0.50 51.81 ? 278 HIS A ND1 1 
ATOM   59   C CD2 A HIS A 1 7   ? -15.426 -18.399 -4.974  0.50 51.94 ? 278 HIS A CD2 1 
ATOM   60   C CD2 B HIS A 1 7   ? -14.614 -14.547 -2.240  0.50 54.42 ? 278 HIS A CD2 1 
ATOM   61   C CE1 A HIS A 1 7   ? -14.440 -19.217 -3.195  0.50 51.78 ? 278 HIS A CE1 1 
ATOM   62   C CE1 B HIS A 1 7   ? -12.944 -15.481 -1.167  0.50 51.30 ? 278 HIS A CE1 1 
ATOM   63   N NE2 A HIS A 1 7   ? -15.171 -19.535 -4.246  0.50 49.94 ? 278 HIS A NE2 1 
ATOM   64   N NE2 B HIS A 1 7   ? -13.888 -14.563 -1.073  0.50 51.32 ? 278 HIS A NE2 1 
ATOM   65   N N   . PHE A 1 8   ? -14.069 -16.126 -7.773  1.00 50.15 ? 279 PHE A N   1 
ATOM   66   C CA  . PHE A 1 8   ? -13.815 -16.867 -9.007  1.00 45.22 ? 279 PHE A CA  1 
ATOM   67   C C   . PHE A 1 8   ? -12.412 -16.583 -9.511  1.00 42.84 ? 279 PHE A C   1 
ATOM   68   O O   . PHE A 1 8   ? -11.729 -17.475 -10.036 1.00 40.60 ? 279 PHE A O   1 
ATOM   69   C CB  . PHE A 1 8   ? -14.841 -16.493 -10.079 1.00 42.95 ? 279 PHE A CB  1 
ATOM   70   C CG  . PHE A 1 8   ? -14.441 -16.890 -11.481 1.00 40.16 ? 279 PHE A CG  1 
ATOM   71   C CD1 . PHE A 1 8   ? -14.574 -18.201 -11.910 1.00 35.94 ? 279 PHE A CD1 1 
ATOM   72   C CD2 . PHE A 1 8   ? -13.944 -15.949 -12.371 1.00 39.62 ? 279 PHE A CD2 1 
ATOM   73   C CE1 . PHE A 1 8   ? -14.217 -18.571 -13.199 1.00 33.78 ? 279 PHE A CE1 1 
ATOM   74   C CE2 . PHE A 1 8   ? -13.579 -16.314 -13.671 1.00 38.85 ? 279 PHE A CE2 1 
ATOM   75   C CZ  . PHE A 1 8   ? -13.719 -17.622 -14.082 1.00 35.36 ? 279 PHE A CZ  1 
ATOM   76   N N   . LEU A 1 9   ? -11.969 -15.333 -9.370  1.00 43.62 ? 280 LEU A N   1 
ATOM   77   C CA  . LEU A 1 9   ? -10.639 -14.956 -9.827  1.00 43.15 ? 280 LEU A CA  1 
ATOM   78   C C   . LEU A 1 9   ? -9.556  -15.660 -9.021  1.00 42.80 ? 280 LEU A C   1 
ATOM   79   O O   . LEU A 1 9   ? -8.564  -16.129 -9.586  1.00 35.75 ? 280 LEU A O   1 
ATOM   80   C CB  . LEU A 1 9   ? -10.474 -13.443 -9.736  1.00 50.92 ? 280 LEU A CB  1 
ATOM   81   C CG  . LEU A 1 9   ? -10.636 -12.660 -11.034 1.00 52.14 ? 280 LEU A CG  1 
ATOM   82   C CD1 . LEU A 1 9   ? -10.687 -11.178 -10.735 1.00 60.94 ? 280 LEU A CD1 1 
ATOM   83   C CD2 . LEU A 1 9   ? -9.487  -12.980 -11.979 1.00 59.52 ? 280 LEU A CD2 1 
ATOM   84   N N   . PHE A 1 10  ? -9.724  -15.738 -7.701  1.00 43.21 ? 281 PHE A N   1 
ATOM   85   C CA  . PHE A 1 10  ? -8.733  -16.421 -6.875  1.00 39.77 ? 281 PHE A CA  1 
ATOM   86   C C   . PHE A 1 10  ? -8.666  -17.910 -7.201  1.00 42.40 ? 281 PHE A C   1 
ATOM   87   O O   . PHE A 1 10  ? -7.575  -18.481 -7.329  1.00 37.81 ? 281 PHE A O   1 
ATOM   88   C CB  . PHE A 1 10  ? -9.050  -16.219 -5.394  1.00 42.34 ? 281 PHE A CB  1 
ATOM   89   C CG  . PHE A 1 10  ? -8.033  -16.827 -4.481  1.00 45.73 ? 281 PHE A CG  1 
ATOM   90   C CD1 . PHE A 1 10  ? -6.758  -16.289 -4.386  1.00 41.59 ? 281 PHE A CD1 1 
ATOM   91   C CD2 . PHE A 1 10  ? -8.345  -17.948 -3.724  1.00 49.48 ? 281 PHE A CD2 1 
ATOM   92   C CE1 . PHE A 1 10  ? -5.807  -16.854 -3.545  1.00 41.11 ? 281 PHE A CE1 1 
ATOM   93   C CE2 . PHE A 1 10  ? -7.404  -18.513 -2.882  1.00 48.56 ? 281 PHE A CE2 1 
ATOM   94   C CZ  . PHE A 1 10  ? -6.135  -17.967 -2.793  1.00 46.35 ? 281 PHE A CZ  1 
ATOM   95   N N   . ASN A 1 11  ? -9.828  -18.561 -7.316  1.00 38.52 ? 282 ASN A N   1 
ATOM   96   C CA  . ASN A 1 11  ? -9.854  -19.979 -7.653  1.00 40.81 ? 282 ASN A CA  1 
ATOM   97   C C   . ASN A 1 11  ? -9.230  -20.227 -9.013  1.00 36.84 ? 282 ASN A C   1 
ATOM   98   O O   . ASN A 1 11  ? -8.541  -21.234 -9.223  1.00 34.65 ? 282 ASN A O   1 
ATOM   99   C CB  . ASN A 1 11  ? -11.289 -20.501 -7.646  1.00 36.13 ? 282 ASN A CB  1 
ATOM   100  C CG  . ASN A 1 11  ? -11.839 -20.643 -6.251  1.00 51.60 ? 282 ASN A CG  1 
ATOM   101  O OD1 . ASN A 1 11  ? -11.081 -20.782 -5.287  1.00 52.95 ? 282 ASN A OD1 1 
ATOM   102  N ND2 . ASN A 1 11  ? -13.160 -20.609 -6.128  1.00 49.56 ? 282 ASN A ND2 1 
ATOM   103  N N   . THR A 1 12  ? -9.476  -19.327 -9.956  1.00 33.66 ? 283 THR A N   1 
ATOM   104  C CA  . THR A 1 12  ? -8.916  -19.513 -11.286 1.00 31.14 ? 283 THR A CA  1 
ATOM   105  C C   . THR A 1 12  ? -7.401  -19.373 -11.259 1.00 30.95 ? 283 THR A C   1 
ATOM   106  O O   . THR A 1 12  ? -6.692  -20.153 -11.906 1.00 31.01 ? 283 THR A O   1 
ATOM   107  C CB  . THR A 1 12  ? -9.572  -18.521 -12.232 1.00 32.46 ? 283 THR A CB  1 
ATOM   108  O OG1 . THR A 1 12  ? -10.973 -18.821 -12.275 1.00 32.41 ? 283 THR A OG1 1 
ATOM   109  C CG2 . THR A 1 12  ? -8.994  -18.622 -13.641 1.00 32.47 ? 283 THR A CG2 1 
ATOM   110  N N   . LEU A 1 13  ? -6.884  -18.403 -10.496 1.00 30.46 ? 284 LEU A N   1 
ATOM   111  C CA  . LEU A 1 13  ? -5.435  -18.258 -10.400 1.00 29.40 ? 284 LEU A CA  1 
ATOM   112  C C   . LEU A 1 13  ? -4.786  -19.487 -9.783  1.00 33.56 ? 284 LEU A C   1 
ATOM   113  O O   . LEU A 1 13  ? -3.639  -19.826 -10.110 1.00 30.65 ? 284 LEU A O   1 
ATOM   114  C CB  . LEU A 1 13  ? -5.079  -17.014 -9.595  1.00 33.47 ? 284 LEU A CB  1 
ATOM   115  C CG  . LEU A 1 13  ? -4.976  -15.818 -10.540 1.00 42.02 ? 284 LEU A CG  1 
ATOM   116  C CD1 . LEU A 1 13  ? -4.942  -14.516 -9.764  1.00 48.29 ? 284 LEU A CD1 1 
ATOM   117  C CD2 . LEU A 1 13  ? -3.757  -15.978 -11.436 1.00 46.72 ? 284 LEU A CD2 1 
ATOM   118  N N   . ASN A 1 14  ? -5.497  -20.172 -8.895  1.00 33.79 ? 285 ASN A N   1 
ATOM   119  C CA  . ASN A 1 14  ? -4.963  -21.410 -8.353  1.00 32.67 ? 285 ASN A CA  1 
ATOM   120  C C   . ASN A 1 14  ? -4.901  -22.493 -9.424  1.00 30.71 ? 285 ASN A C   1 
ATOM   121  O O   . ASN A 1 14  ? -3.925  -23.237 -9.497  1.00 29.16 ? 285 ASN A O   1 
ATOM   122  C CB  . ASN A 1 14  ? -5.806  -21.844 -7.159  1.00 40.47 ? 285 ASN A CB  1 
ATOM   123  C CG  . ASN A 1 14  ? -5.390  -23.177 -6.623  1.00 43.83 ? 285 ASN A CG  1 
ATOM   124  O OD1 . ASN A 1 14  ? -5.959  -24.205 -6.988  1.00 50.04 ? 285 ASN A OD1 1 
ATOM   125  N ND2 . ASN A 1 14  ? -4.367  -23.182 -5.774  1.00 49.19 ? 285 ASN A ND2 1 
ATOM   126  N N   . THR A 1 15  ? -5.909  -22.558 -10.295 1.00 29.97 ? 286 THR A N   1 
ATOM   127  C CA  . THR A 1 15  ? -5.884  -23.498 -11.418 1.00 30.41 ? 286 THR A CA  1 
ATOM   128  C C   . THR A 1 15  ? -4.736  -23.197 -12.369 1.00 31.20 ? 286 THR A C   1 
ATOM   129  O O   . THR A 1 15  ? -4.064  -24.116 -12.863 1.00 29.40 ? 286 THR A O   1 
ATOM   130  C CB  . THR A 1 15  ? -7.229  -23.442 -12.153 1.00 31.03 ? 286 THR A CB  1 
ATOM   131  O OG1 . THR A 1 15  ? -8.251  -23.978 -11.308 1.00 35.15 ? 286 THR A OG1 1 
ATOM   132  C CG2 . THR A 1 15  ? -7.206  -24.239 -13.466 1.00 34.58 ? 286 THR A CG2 1 
ATOM   133  N N   . VAL A 1 16  ? -4.511  -21.913 -12.658 1.00 28.80 ? 287 VAL A N   1 
ATOM   134  C CA  . VAL A 1 16  ? -3.363  -21.519 -13.470 1.00 29.61 ? 287 VAL A CA  1 
ATOM   135  C C   . VAL A 1 16  ? -2.060  -21.917 -12.786 1.00 29.07 ? 287 VAL A C   1 
ATOM   136  O O   . VAL A 1 16  ? -1.134  -22.435 -13.425 1.00 28.36 ? 287 VAL A O   1 
ATOM   137  C CB  . VAL A 1 16  ? -3.410  -20.007 -13.751 1.00 30.82 ? 287 VAL A CB  1 
ATOM   138  C CG1 . VAL A 1 16  ? -2.179  -19.591 -14.530 1.00 28.62 ? 287 VAL A CG1 1 
ATOM   139  C CG2 . VAL A 1 16  ? -4.710  -19.638 -14.495 1.00 27.72 ? 287 VAL A CG2 1 
ATOM   140  N N   . ALA A 1 17  ? -1.964  -21.680 -11.478 1.00 27.23 ? 288 ALA A N   1 
ATOM   141  C CA  . ALA A 1 17  ? -0.753  -22.058 -10.752 1.00 30.45 ? 288 ALA A CA  1 
ATOM   142  C C   . ALA A 1 17  ? -0.513  -23.560 -10.821 1.00 29.60 ? 288 ALA A C   1 
ATOM   143  O O   . ALA A 1 17  ? 0.635   -24.004 -10.957 1.00 26.33 ? 288 ALA A O   1 
ATOM   144  C CB  . ALA A 1 17  ? -0.845  -21.588 -9.298  1.00 31.06 ? 288 ALA A CB  1 
ATOM   145  N N   . LYS A 1 18  ? -1.577  -24.361 -10.755 1.00 26.99 ? 289 LYS A N   1 
ATOM   146  C CA  . LYS A 1 18  ? -1.398  -25.806 -10.866 1.00 32.06 ? 289 LYS A CA  1 
ATOM   147  C C   . LYS A 1 18  ? -0.864  -26.188 -12.239 1.00 28.39 ? 289 LYS A C   1 
ATOM   148  O O   . LYS A 1 18  ? 0.050   -27.007 -12.348 1.00 27.39 ? 289 LYS A O   1 
ATOM   149  C CB  . LYS A 1 18  ? -2.705  -26.549 -10.571 1.00 29.61 ? 289 LYS A CB  1 
ATOM   150  C CG  . LYS A 1 18  ? -3.146  -26.461 -9.120  1.00 38.80 ? 289 LYS A CG  1 
ATOM   151  C CD  . LYS A 1 18  ? -4.172  -27.538 -8.765  1.00 44.77 ? 289 LYS A CD  1 
ATOM   152  C CE  . LYS A 1 18  ? -5.151  -27.048 -7.702  1.00 55.39 ? 289 LYS A CE  1 
ATOM   153  N NZ  . LYS A 1 18  ? -4.462  -26.560 -6.466  1.00 51.82 ? 289 LYS A NZ  1 
ATOM   154  N N   . MET A 1 19  ? -1.398  -25.582 -13.296 1.00 27.23 ? 290 MET A N   1 
ATOM   155  C CA  . MET A 1 19  ? -0.933  -25.907 -14.643 1.00 28.90 ? 290 MET A CA  1 
ATOM   156  C C   . MET A 1 19  ? 0.518   -25.470 -14.857 1.00 28.02 ? 290 MET A C   1 
ATOM   157  O O   . MET A 1 19  ? 1.308   -26.191 -15.480 1.00 28.53 ? 290 MET A O   1 
ATOM   158  C CB  . MET A 1 19  ? -1.865  -25.258 -15.672 1.00 30.11 ? 290 MET A CB  1 
ATOM   159  C CG  . MET A 1 19  ? -1.649  -25.765 -17.080 1.00 28.65 ? 290 MET A CG  1 
ATOM   160  S SD  . MET A 1 19  ? -1.979  -27.525 -17.255 1.00 41.57 ? 290 MET A SD  1 
ATOM   161  C CE  . MET A 1 19  ? -3.708  -27.594 -16.790 1.00 42.41 ? 290 MET A CE  1 
ATOM   162  N N   . ALA A 1 20  ? 0.896   -24.315 -14.315 1.00 25.47 ? 291 ALA A N   1 
ATOM   163  C CA  . ALA A 1 20  ? 2.274   -23.840 -14.449 1.00 27.90 ? 291 ALA A CA  1 
ATOM   164  C C   . ALA A 1 20  ? 3.250   -24.816 -13.809 1.00 26.13 ? 291 ALA A C   1 
ATOM   165  O O   . ALA A 1 20  ? 4.338   -25.057 -14.333 1.00 26.78 ? 291 ALA A O   1 
ATOM   166  C CB  . ALA A 1 20  ? 2.422   -22.462 -13.801 1.00 26.22 ? 291 ALA A CB  1 
ATOM   167  N N   . TYR A 1 21  ? 2.886   -25.346 -12.642 1.00 27.66 ? 292 TYR A N   1 
ATOM   168  C CA  . TYR A 1 21  ? 3.682   -26.390 -12.008 1.00 26.54 ? 292 TYR A CA  1 
ATOM   169  C C   . TYR A 1 21  ? 3.769   -27.630 -12.888 1.00 26.22 ? 292 TYR A C   1 
ATOM   170  O O   . TYR A 1 21  ? 4.855   -28.192 -13.085 1.00 28.82 ? 292 TYR A O   1 
ATOM   171  C CB  . TYR A 1 21  ? 3.062   -26.737 -10.654 1.00 29.59 ? 292 TYR A CB  1 
ATOM   172  C CG  . TYR A 1 21  ? 3.861   -27.774 -9.907  1.00 31.64 ? 292 TYR A CG  1 
ATOM   173  C CD1 . TYR A 1 21  ? 5.064   -27.440 -9.325  1.00 35.34 ? 292 TYR A CD1 1 
ATOM   174  C CD2 . TYR A 1 21  ? 3.419   -29.085 -9.806  1.00 41.66 ? 292 TYR A CD2 1 
ATOM   175  C CE1 . TYR A 1 21  ? 5.818   -28.382 -8.660  1.00 43.53 ? 292 TYR A CE1 1 
ATOM   176  C CE2 . TYR A 1 21  ? 4.169   -30.039 -9.133  1.00 37.34 ? 292 TYR A CE2 1 
ATOM   177  C CZ  . TYR A 1 21  ? 5.359   -29.677 -8.564  1.00 38.60 ? 292 TYR A CZ  1 
ATOM   178  O OH  . TYR A 1 21  ? 6.129   -30.609 -7.889  1.00 48.18 ? 292 TYR A OH  1 
ATOM   179  N N   . LEU A 1 22  ? 2.633   -28.062 -13.432 1.00 29.09 ? 293 LEU A N   1 
ATOM   180  C CA  . LEU A 1 22  ? 2.606   -29.271 -14.255 1.00 32.37 ? 293 LEU A CA  1 
ATOM   181  C C   . LEU A 1 22  ? 3.461   -29.125 -15.503 1.00 34.96 ? 293 LEU A C   1 
ATOM   182  O O   . LEU A 1 22  ? 4.022   -30.115 -15.989 1.00 33.18 ? 293 LEU A O   1 
ATOM   183  C CB  . LEU A 1 22  ? 1.170   -29.610 -14.635 1.00 30.48 ? 293 LEU A CB  1 
ATOM   184  C CG  . LEU A 1 22  ? 0.332   -30.101 -13.452 1.00 34.13 ? 293 LEU A CG  1 
ATOM   185  C CD1 . LEU A 1 22  ? -1.147  -30.214 -13.854 1.00 31.34 ? 293 LEU A CD1 1 
ATOM   186  C CD2 . LEU A 1 22  ? 0.879   -31.416 -12.968 1.00 33.45 ? 293 LEU A CD2 1 
ATOM   187  N N   . GLU A 1 23  ? 3.587   -27.908 -16.028 1.00 28.44 ? 294 GLU A N   1 
ATOM   188  C CA  . GLU A 1 23  ? 4.388   -27.645 -17.216 1.00 30.14 ? 294 GLU A CA  1 
ATOM   189  C C   . GLU A 1 23  ? 5.792   -27.168 -16.882 1.00 30.82 ? 294 GLU A C   1 
ATOM   190  O O   . GLU A 1 23  ? 6.546   -26.806 -17.790 1.00 32.95 ? 294 GLU A O   1 
ATOM   191  C CB  . GLU A 1 23  ? 3.661   -26.632 -18.104 1.00 33.08 ? 294 GLU A CB  1 
ATOM   192  C CG  . GLU A 1 23  ? 2.423   -27.227 -18.729 1.00 26.87 ? 294 GLU A CG  1 
ATOM   193  C CD  . GLU A 1 23  ? 1.764   -26.301 -19.753 1.00 36.38 ? 294 GLU A CD  1 
ATOM   194  O OE1 . GLU A 1 23  ? 1.559   -25.120 -19.436 1.00 30.23 ? 294 GLU A OE1 1 
ATOM   195  O OE2 . GLU A 1 23  ? 1.467   -26.755 -20.874 1.00 32.63 ? 294 GLU A OE2 1 
ATOM   196  N N   . ASP A 1 24  ? 6.160   -27.164 -15.594 1.00 28.73 ? 295 ASP A N   1 
ATOM   197  C CA  . ASP A 1 24  ? 7.489   -26.742 -15.136 1.00 32.75 ? 295 ASP A CA  1 
ATOM   198  C C   . ASP A 1 24  ? 7.835   -25.331 -15.604 1.00 30.96 ? 295 ASP A C   1 
ATOM   199  O O   . ASP A 1 24  ? 8.968   -25.042 -16.009 1.00 33.69 ? 295 ASP A O   1 
ATOM   200  C CB  . ASP A 1 24  ? 8.572   -27.733 -15.570 1.00 38.24 ? 295 ASP A CB  1 
ATOM   201  C CG  . ASP A 1 24  ? 9.800   -27.663 -14.683 1.00 42.88 ? 295 ASP A CG  1 
ATOM   202  O OD1 . ASP A 1 24  ? 9.654   -27.284 -13.501 1.00 46.85 ? 295 ASP A OD1 1 
ATOM   203  O OD2 . ASP A 1 24  ? 10.907  -27.977 -15.172 1.00 49.62 ? 295 ASP A OD2 1 
ATOM   204  N N   . ALA A 1 25  ? 6.861   -24.426 -15.529 1.00 27.17 ? 296 ALA A N   1 
ATOM   205  C CA  . ALA A 1 25  ? 7.101   -23.039 -15.917 1.00 28.22 ? 296 ALA A CA  1 
ATOM   206  C C   . ALA A 1 25  ? 7.509   -22.286 -14.656 1.00 29.81 ? 296 ALA A C   1 
ATOM   207  O O   . ALA A 1 25  ? 6.692   -21.663 -13.971 1.00 28.64 ? 296 ALA A O   1 
ATOM   208  C CB  . ALA A 1 25  ? 5.864   -22.448 -16.572 1.00 30.23 ? 296 ALA A CB  1 
ATOM   209  N N   . GLN A 1 26  ? 8.811   -22.349 -14.340 1.00 28.73 ? 297 GLN A N   1 
ATOM   210  C CA  . GLN A 1 26  ? 9.253   -21.932 -13.004 1.00 32.83 ? 297 GLN A CA  1 
ATOM   211  C C   . GLN A 1 26  ? 9.086   -20.437 -12.766 1.00 31.92 ? 297 GLN A C   1 
ATOM   212  O O   . GLN A 1 26  ? 8.687   -20.026 -11.667 1.00 29.17 ? 297 GLN A O   1 
ATOM   213  C CB  . GLN A 1 26  ? 10.712  -22.343 -12.778 1.00 31.71 ? 297 GLN A CB  1 
ATOM   214  C CG  . GLN A 1 26  ? 10.856  -23.830 -12.517 1.00 42.36 ? 297 GLN A CG  1 
ATOM   215  C CD  . GLN A 1 26  ? 12.285  -24.230 -12.249 1.00 47.63 ? 297 GLN A CD  1 
ATOM   216  O OE1 . GLN A 1 26  ? 13.057  -23.459 -11.684 1.00 55.36 ? 297 GLN A OE1 1 
ATOM   217  N NE2 . GLN A 1 26  ? 12.649  -25.441 -12.655 1.00 54.99 ? 297 GLN A NE2 1 
ATOM   218  N N   . GLN A 1 27  ? 9.413   -19.597 -13.757 1.00 31.75 ? 298 GLN A N   1 
ATOM   219  C CA  . GLN A 1 27  ? 9.288   -18.154 -13.551 1.00 33.42 ? 298 GLN A CA  1 
ATOM   220  C C   . GLN A 1 27  ? 7.826   -17.726 -13.554 1.00 29.84 ? 298 GLN A C   1 
ATOM   221  O O   . GLN A 1 27  ? 7.423   -16.833 -12.796 1.00 30.78 ? 298 GLN A O   1 
ATOM   222  C CB  . GLN A 1 27  ? 10.081  -17.392 -14.615 1.00 35.32 ? 298 GLN A CB  1 
ATOM   223  C CG  . GLN A 1 27  ? 11.586  -17.574 -14.536 1.00 33.85 ? 298 GLN A CG  1 
ATOM   224  C CD  . GLN A 1 27  ? 12.100  -17.402 -13.120 1.00 42.61 ? 298 GLN A CD  1 
ATOM   225  O OE1 . GLN A 1 27  ? 11.889  -16.361 -12.496 1.00 47.07 ? 298 GLN A OE1 1 
ATOM   226  N NE2 . GLN A 1 27  ? 12.755  -18.437 -12.593 1.00 51.79 ? 298 GLN A NE2 1 
ATOM   227  N N   . THR A 1 28  ? 7.013   -18.365 -14.399 1.00 27.04 ? 299 THR A N   1 
ATOM   228  C CA  . THR A 1 28  ? 5.580   -18.121 -14.360 1.00 28.62 ? 299 THR A CA  1 
ATOM   229  C C   . THR A 1 28  ? 5.003   -18.497 -12.998 1.00 29.25 ? 299 THR A C   1 
ATOM   230  O O   . THR A 1 28  ? 4.177   -17.762 -12.444 1.00 30.96 ? 299 THR A O   1 
ATOM   231  C CB  . THR A 1 28  ? 4.897   -18.916 -15.476 1.00 28.62 ? 299 THR A CB  1 
ATOM   232  O OG1 . THR A 1 28  ? 5.535   -18.609 -16.720 1.00 28.84 ? 299 THR A OG1 1 
ATOM   233  C CG2 . THR A 1 28  ? 3.411   -18.575 -15.579 1.00 29.26 ? 299 THR A CG2 1 
ATOM   234  N N   . SER A 1 29  ? 5.413   -19.650 -12.455 1.00 25.71 ? 300 SER A N   1 
ATOM   235  C CA  . SER A 1 29  ? 4.925   -20.069 -11.140 1.00 28.11 ? 300 SER A CA  1 
ATOM   236  C C   . SER A 1 29  ? 5.241   -19.037 -10.073 1.00 27.15 ? 300 SER A C   1 
ATOM   237  O O   . SER A 1 29  ? 4.396   -18.746 -9.214  1.00 30.50 ? 300 SER A O   1 
ATOM   238  C CB  . SER A 1 29  ? 5.508   -21.430 -10.756 1.00 28.68 ? 300 SER A CB  1 
ATOM   239  O OG  . SER A 1 29  ? 5.005   -22.457 -11.598 1.00 28.93 ? 300 SER A OG  1 
ATOM   240  N N   . ARG A 1 30  ? 6.434   -18.434 -10.121 1.00 30.58 ? 301 ARG A N   1 
ATOM   241  C CA  A ARG A 1 30  ? 6.787   -17.449 -9.114  0.56 32.91 ? 301 ARG A CA  1 
ATOM   242  C CA  B ARG A 1 30  ? 6.805   -17.430 -9.130  0.44 32.32 ? 301 ARG A CA  1 
ATOM   243  C C   . ARG A 1 30  ? 5.873   -16.214 -9.190  1.00 33.50 ? 301 ARG A C   1 
ATOM   244  O O   . ARG A 1 30  ? 5.450   -15.686 -8.160  1.00 31.93 ? 301 ARG A O   1 
ATOM   245  C CB  A ARG A 1 30  ? 8.256   -17.065 -9.258  0.56 32.55 ? 301 ARG A CB  1 
ATOM   246  C CB  B ARG A 1 30  ? 8.251   -16.973 -9.329  0.44 32.51 ? 301 ARG A CB  1 
ATOM   247  C CG  A ARG A 1 30  ? 8.716   -15.997 -8.293  0.56 36.09 ? 301 ARG A CG  1 
ATOM   248  C CG  B ARG A 1 30  ? 9.311   -18.042 -9.165  0.44 33.15 ? 301 ARG A CG  1 
ATOM   249  C CD  A ARG A 1 30  ? 8.762   -16.492 -6.867  0.56 36.62 ? 301 ARG A CD  1 
ATOM   250  C CD  B ARG A 1 30  ? 10.705  -17.466 -9.429  0.44 35.12 ? 301 ARG A CD  1 
ATOM   251  N NE  A ARG A 1 30  ? 9.063   -15.399 -5.948  0.56 38.25 ? 301 ARG A NE  1 
ATOM   252  N NE  B ARG A 1 30  ? 11.066  -16.438 -8.453  0.44 38.50 ? 301 ARG A NE  1 
ATOM   253  C CZ  A ARG A 1 30  ? 8.139   -14.675 -5.331  0.56 39.28 ? 301 ARG A CZ  1 
ATOM   254  C CZ  B ARG A 1 30  ? 11.835  -15.385 -8.719  0.44 36.83 ? 301 ARG A CZ  1 
ATOM   255  N NH1 A ARG A 1 30  ? 6.855   -14.940 -5.534  0.56 41.42 ? 301 ARG A NH1 1 
ATOM   256  N NH1 B ARG A 1 30  ? 12.326  -15.205 -9.937  0.44 34.33 ? 301 ARG A NH1 1 
ATOM   257  N NH2 A ARG A 1 30  ? 8.492   -13.697 -4.505  0.56 35.18 ? 301 ARG A NH2 1 
ATOM   258  N NH2 B ARG A 1 30  ? 12.105  -14.503 -7.767  0.44 36.59 ? 301 ARG A NH2 1 
ATOM   259  N N   . LEU A 1 31  ? 5.553   -15.777 -10.407 1.00 31.63 ? 302 LEU A N   1 
ATOM   260  C CA  . LEU A 1 31  ? 4.684   -14.608 -10.535 1.00 30.13 ? 302 LEU A CA  1 
ATOM   261  C C   . LEU A 1 31  ? 3.279   -14.905 -10.037 1.00 32.82 ? 302 LEU A C   1 
ATOM   262  O O   . LEU A 1 31  ? 2.663   -14.062 -9.368  1.00 35.79 ? 302 LEU A O   1 
ATOM   263  C CB  . LEU A 1 31  ? 4.631   -14.168 -11.996 1.00 27.18 ? 302 LEU A CB  1 
ATOM   264  C CG  . LEU A 1 31  ? 5.870   -13.435 -12.502 1.00 33.80 ? 302 LEU A CG  1 
ATOM   265  C CD1 . LEU A 1 31  ? 5.786   -13.392 -14.021 1.00 36.00 ? 302 LEU A CD1 1 
ATOM   266  C CD2 . LEU A 1 31  ? 5.917   -12.021 -11.921 1.00 31.88 ? 302 LEU A CD2 1 
ATOM   267  N N   . ILE A 1 32  ? 2.729   -16.069 -10.401 1.00 29.69 ? 303 ILE A N   1 
ATOM   268  C CA  . ILE A 1 32  ? 1.388   -16.418 -9.944  1.00 29.50 ? 303 ILE A CA  1 
ATOM   269  C C   . ILE A 1 32  ? 1.358   -16.478 -8.431  1.00 33.12 ? 303 ILE A C   1 
ATOM   270  O O   . ILE A 1 32  ? 0.399   -16.029 -7.794  1.00 36.47 ? 303 ILE A O   1 
ATOM   271  C CB  . ILE A 1 32  ? 0.915   -17.749 -10.554 1.00 31.44 ? 303 ILE A CB  1 
ATOM   272  C CG1 . ILE A 1 32  ? 0.922   -17.677 -12.078 1.00 31.66 ? 303 ILE A CG1 1 
ATOM   273  C CG2 . ILE A 1 32  ? -0.504  -18.057 -10.105 1.00 37.05 ? 303 ILE A CG2 1 
ATOM   274  C CD1 . ILE A 1 32  ? 0.800   -19.032 -12.709 1.00 31.66 ? 303 ILE A CD1 1 
ATOM   275  N N   . GLU A 1 33  ? 2.405   -17.045 -7.842  1.00 35.70 ? 304 GLU A N   1 
ATOM   276  C CA  . GLU A 1 33  ? 2.493   -17.151 -6.391  1.00 37.98 ? 304 GLU A CA  1 
ATOM   277  C C   . GLU A 1 33  ? 2.428   -15.778 -5.740  1.00 38.69 ? 304 GLU A C   1 
ATOM   278  O O   . GLU A 1 33  ? 1.760   -15.597 -4.714  1.00 38.51 ? 304 GLU A O   1 
ATOM   279  C CB  . GLU A 1 33  ? 3.785   -17.877 -6.020  1.00 37.50 ? 304 GLU A CB  1 
ATOM   280  C CG  . GLU A 1 33  ? 4.187   -17.756 -4.556  1.00 50.43 ? 304 GLU A CG  1 
ATOM   281  C CD  . GLU A 1 33  ? 5.426   -18.571 -4.224  1.00 53.34 ? 304 GLU A CD  1 
ATOM   282  O OE1 . GLU A 1 33  ? 5.286   -19.780 -3.948  1.00 60.63 ? 304 GLU A OE1 1 
ATOM   283  O OE2 . GLU A 1 33  ? 6.541   -18.005 -4.242  1.00 56.45 ? 304 GLU A OE2 1 
ATOM   284  N N   . ALA A 1 34  ? 3.090   -14.791 -6.347  1.00 35.75 ? 305 ALA A N   1 
ATOM   285  C CA  . ALA A 1 34  ? 3.068   -13.428 -5.825  1.00 36.00 ? 305 ALA A CA  1 
ATOM   286  C C   . ALA A 1 34  ? 1.682   -12.802 -5.937  1.00 38.67 ? 305 ALA A C   1 
ATOM   287  O O   . ALA A 1 34  ? 1.182   -12.214 -4.970  1.00 34.64 ? 305 ALA A O   1 
ATOM   288  C CB  . ALA A 1 34  ? 4.117   -12.580 -6.552  1.00 34.68 ? 305 ALA A CB  1 
ATOM   289  N N   . VAL A 1 35  ? 1.031   -12.901 -7.102  1.00 32.99 ? 306 VAL A N   1 
ATOM   290  C CA  . VAL A 1 35  ? -0.275  -12.250 -7.187  1.00 34.31 ? 306 VAL A CA  1 
ATOM   291  C C   . VAL A 1 35  ? -1.310  -13.037 -6.389  1.00 36.02 ? 306 VAL A C   1 
ATOM   292  O O   . VAL A 1 35  ? -2.226  -12.441 -5.803  1.00 37.56 ? 306 VAL A O   1 
ATOM   293  C CB  . VAL A 1 35  ? -0.717  -12.017 -8.648  1.00 34.99 ? 306 VAL A CB  1 
ATOM   294  C CG1 . VAL A 1 35  ? -1.137  -13.302 -9.316  1.00 36.48 ? 306 VAL A CG1 1 
ATOM   295  C CG2 . VAL A 1 35  ? -1.839  -10.980 -8.704  1.00 38.44 ? 306 VAL A CG2 1 
ATOM   296  N N   . ALA A 1 36  ? -1.151  -14.362 -6.291  1.00 33.87 ? 307 ALA A N   1 
ATOM   297  C CA  . ALA A 1 36  ? -2.027  -15.145 -5.417  1.00 36.55 ? 307 ALA A CA  1 
ATOM   298  C C   . ALA A 1 36  ? -1.889  -14.706 -3.963  1.00 35.16 ? 307 ALA A C   1 
ATOM   299  O O   . ALA A 1 36  ? -2.886  -14.626 -3.234  1.00 38.28 ? 307 ALA A O   1 
ATOM   300  C CB  . ALA A 1 36  ? -1.723  -16.636 -5.548  1.00 39.27 ? 307 ALA A CB  1 
ATOM   301  N N   . ALA A 1 37  ? -0.661  -14.426 -3.522  1.00 36.45 ? 308 ALA A N   1 
ATOM   302  C CA  . ALA A 1 37  ? -0.461  -13.980 -2.147  1.00 38.54 ? 308 ALA A CA  1 
ATOM   303  C C   . ALA A 1 37  ? -1.142  -12.641 -1.894  1.00 40.73 ? 308 ALA A C   1 
ATOM   304  O O   . ALA A 1 37  ? -1.746  -12.436 -0.833  1.00 38.93 ? 308 ALA A O   1 
ATOM   305  C CB  . ALA A 1 37  ? 1.027   -13.898 -1.831  1.00 37.46 ? 308 ALA A CB  1 
ATOM   306  N N   . ILE A 1 38  ? -1.079  -11.725 -2.864  1.00 35.76 ? 309 ILE A N   1 
ATOM   307  C CA  . ILE A 1 38  ? -1.720  -10.422 -2.697  1.00 36.29 ? 309 ILE A CA  1 
ATOM   308  C C   . ILE A 1 38  ? -3.232  -10.568 -2.692  1.00 40.09 ? 309 ILE A C   1 
ATOM   309  O O   . ILE A 1 38  ? -3.925  -9.988  -1.845  1.00 37.40 ? 309 ILE A O   1 
ATOM   310  C CB  . ILE A 1 38  ? -1.267  -9.442  -3.795  1.00 33.35 ? 309 ILE A CB  1 
ATOM   311  C CG1 . ILE A 1 38  ? 0.211   -9.096  -3.629  1.00 35.11 ? 309 ILE A CG1 1 
ATOM   312  C CG2 . ILE A 1 38  ? -2.117  -8.180  -3.767  1.00 33.81 ? 309 ILE A CG2 1 
ATOM   313  C CD1 . ILE A 1 38  ? 0.749   -8.273  -4.763  1.00 34.23 ? 309 ILE A CD1 1 
ATOM   314  N N   . LEU A 1 39  ? -3.771  -11.318 -3.656  1.00 35.24 ? 310 LEU A N   1 
ATOM   315  C CA  . LEU A 1 39  ? -5.218  -11.498 -3.726  1.00 38.39 ? 310 LEU A CA  1 
ATOM   316  C C   . LEU A 1 39  ? -5.762  -12.159 -2.462  1.00 36.64 ? 310 LEU A C   1 
ATOM   317  O O   . LEU A 1 39  ? -6.808  -11.748 -1.945  1.00 41.87 ? 310 LEU A O   1 
ATOM   318  C CB  . LEU A 1 39  ? -5.580  -12.310 -4.972  1.00 36.54 ? 310 LEU A CB  1 
ATOM   319  C CG  . LEU A 1 39  ? -7.060  -12.351 -5.362  1.00 45.39 ? 310 LEU A CG  1 
ATOM   320  C CD1 . LEU A 1 39  ? -7.658  -10.956 -5.461  1.00 48.00 ? 310 LEU A CD1 1 
ATOM   321  C CD2 . LEU A 1 39  ? -7.230  -13.076 -6.688  1.00 47.25 ? 310 LEU A CD2 1 
ATOM   322  N N   . ARG A 1 40  ? -5.068  -13.180 -1.945  1.00 35.92 ? 311 ARG A N   1 
ATOM   323  C CA  . ARG A 1 40  ? -5.535  -13.857 -0.738  1.00 38.03 ? 311 ARG A CA  1 
ATOM   324  C C   . ARG A 1 40  ? -5.596  -12.886 0.429   1.00 43.88 ? 311 ARG A C   1 
ATOM   325  O O   . ARG A 1 40  ? -6.577  -12.849 1.180   1.00 39.95 ? 311 ARG A O   1 
ATOM   326  C CB  . ARG A 1 40  ? -4.620  -15.030 -0.404  1.00 42.70 ? 311 ARG A CB  1 
ATOM   327  C CG  . ARG A 1 40  ? -5.073  -15.824 0.811   1.00 44.64 ? 311 ARG A CG  1 
ATOM   328  C CD  . ARG A 1 40  ? -4.031  -16.840 1.247   1.00 44.52 ? 311 ARG A CD  1 
ATOM   329  N NE  . ARG A 1 40  ? -3.781  -17.855 0.228   1.00 55.30 ? 311 ARG A NE  1 
ATOM   330  C CZ  . ARG A 1 40  ? -4.530  -18.943 0.060   1.00 60.45 ? 311 ARG A CZ  1 
ATOM   331  N NH1 . ARG A 1 40  ? -5.576  -19.158 0.848   1.00 58.55 ? 311 ARG A NH1 1 
ATOM   332  N NH2 . ARG A 1 40  ? -4.231  -19.818 -0.894  1.00 58.61 ? 311 ARG A NH2 1 
ATOM   333  N N   . TYR A 1 41  ? -4.547  -12.081 0.582   1.00 41.23 ? 312 TYR A N   1 
ATOM   334  C CA  . TYR A 1 41  ? -4.476  -11.095 1.654   1.00 38.54 ? 312 TYR A CA  1 
ATOM   335  C C   . TYR A 1 41  ? -5.580  -10.053 1.534   1.00 40.27 ? 312 TYR A C   1 
ATOM   336  O O   . TYR A 1 41  ? -6.164  -9.637  2.542   1.00 43.57 ? 312 TYR A O   1 
ATOM   337  C CB  . TYR A 1 41  ? -3.099  -10.440 1.596   1.00 40.52 ? 312 TYR A CB  1 
ATOM   338  C CG  . TYR A 1 41  ? -2.694  -9.570  2.759   1.00 37.30 ? 312 TYR A CG  1 
ATOM   339  C CD1 . TYR A 1 41  ? -2.162  -10.130 3.908   1.00 37.53 ? 312 TYR A CD1 1 
ATOM   340  C CD2 . TYR A 1 41  ? -2.773  -8.191  2.670   1.00 33.87 ? 312 TYR A CD2 1 
ATOM   341  C CE1 . TYR A 1 41  ? -1.747  -9.337  4.959   1.00 41.39 ? 312 TYR A CE1 1 
ATOM   342  C CE2 . TYR A 1 41  ? -2.370  -7.386  3.723   1.00 36.76 ? 312 TYR A CE2 1 
ATOM   343  C CZ  . TYR A 1 41  ? -1.855  -7.963  4.859   1.00 35.91 ? 312 TYR A CZ  1 
ATOM   344  O OH  . TYR A 1 41  ? -1.444  -7.156  5.906   1.00 38.53 ? 312 TYR A OH  1 
ATOM   345  N N   . ASN A 1 42  ? -5.880  -9.607  0.317   1.00 38.29 ? 313 ASN A N   1 
ATOM   346  C CA  . ASN A 1 42  ? -6.884  -8.567  0.161   1.00 43.91 ? 313 ASN A CA  1 
ATOM   347  C C   . ASN A 1 42  ? -8.306  -9.097  0.294   1.00 48.37 ? 313 ASN A C   1 
ATOM   348  O O   . ASN A 1 42  ? -9.220  -8.308  0.543   1.00 48.80 ? 313 ASN A O   1 
ATOM   349  C CB  . ASN A 1 42  ? -6.694  -7.860  -1.177  1.00 46.36 ? 313 ASN A CB  1 
ATOM   350  C CG  . ASN A 1 42  ? -5.328  -7.195  -1.287  1.00 49.47 ? 313 ASN A CG  1 
ATOM   351  O OD1 . ASN A 1 42  ? -4.530  -7.248  -0.348  1.00 51.69 ? 313 ASN A OD1 1 
ATOM   352  N ND2 . ASN A 1 42  ? -5.052  -6.575  -2.425  1.00 51.72 ? 313 ASN A ND2 1 
ATOM   353  N N   . LEU A 1 43  ? -8.509  -10.406 0.147   1.00 45.10 ? 314 LEU A N   1 
ATOM   354  C CA  . LEU A 1 43  ? -9.818  -11.007 0.364   1.00 38.73 ? 314 LEU A CA  1 
ATOM   355  C C   . LEU A 1 43  ? -10.061 -11.368 1.821   1.00 45.68 ? 314 LEU A C   1 
ATOM   356  O O   . LEU A 1 43  ? -11.183 -11.756 2.165   1.00 49.46 ? 314 LEU A O   1 
ATOM   357  C CB  . LEU A 1 43  ? -9.980  -12.255 -0.501  1.00 42.69 ? 314 LEU A CB  1 
ATOM   358  C CG  . LEU A 1 43  ? -10.101 -12.008 -2.004  1.00 51.18 ? 314 LEU A CG  1 
ATOM   359  C CD1 . LEU A 1 43  ? -9.944  -13.317 -2.775  1.00 47.45 ? 314 LEU A CD1 1 
ATOM   360  C CD2 . LEU A 1 43  ? -11.416 -11.341 -2.328  1.00 50.34 ? 314 LEU A CD2 1 
ATOM   361  N N   . GLY A 1 44  ? -9.050  -11.246 2.678   1.00 41.96 ? 315 GLY A N   1 
ATOM   362  C CA  . GLY A 1 44  ? -9.227  -11.528 4.088   1.00 42.20 ? 315 GLY A CA  1 
ATOM   363  C C   . GLY A 1 44  ? -10.200 -10.563 4.737   1.00 40.14 ? 315 GLY A C   1 
ATOM   364  O O   . GLY A 1 44  ? -10.652 -9.579  4.154   1.00 43.46 ? 315 GLY A O   1 
ATOM   365  N N   . ASP A 1 45  ? -10.529 -10.873 5.991   1.00 47.38 ? 316 ASP A N   1 
ATOM   366  C CA  . ASP A 1 45  ? -11.396 -10.022 6.798   1.00 43.04 ? 316 ASP A CA  1 
ATOM   367  C C   . ASP A 1 45  ? -10.711 -8.684  7.046   1.00 38.42 ? 316 ASP A C   1 
ATOM   368  O O   . ASP A 1 45  ? -9.639  -8.634  7.654   1.00 38.55 ? 316 ASP A O   1 
ATOM   369  C CB  . ASP A 1 45  ? -11.724 -10.732 8.114   1.00 42.20 ? 316 ASP A CB  1 
ATOM   370  C CG  . ASP A 1 45  ? -12.569 -9.885  9.065   1.00 45.83 ? 316 ASP A CG  1 
ATOM   371  O OD1 . ASP A 1 45  ? -13.098 -8.826  8.659   1.00 46.47 ? 316 ASP A OD1 1 
ATOM   372  O OD2 . ASP A 1 45  ? -12.724 -10.309 10.232  1.00 52.95 ? 316 ASP A OD2 1 
ATOM   373  N N   . LEU A 1 46  ? -11.334 -7.605  6.570   1.00 42.92 ? 317 LEU A N   1 
ATOM   374  C CA  . LEU A 1 46  ? -10.779 -6.263  6.686   1.00 45.07 ? 317 LEU A CA  1 
ATOM   375  C C   . LEU A 1 46  ? -10.671 -5.799  8.131   1.00 47.04 ? 317 LEU A C   1 
ATOM   376  O O   . LEU A 1 46  ? -9.900  -4.880  8.420   1.00 41.62 ? 317 LEU A O   1 
ATOM   377  C CB  . LEU A 1 46  ? -11.646 -5.285  5.891   1.00 47.25 ? 317 LEU A CB  1 
ATOM   378  C CG  . LEU A 1 46  ? -10.977 -4.128  5.152   1.00 54.04 ? 317 LEU A CG  1 
ATOM   379  C CD1 . LEU A 1 46  ? -9.776  -4.624  4.363   1.00 50.28 ? 317 LEU A CD1 1 
ATOM   380  C CD2 . LEU A 1 46  ? -11.976 -3.462  4.215   1.00 56.92 ? 317 LEU A CD2 1 
ATOM   381  N N   . GLN A 1 47  ? -11.428 -6.404  9.040   1.00 43.94 ? 318 GLN A N   1 
ATOM   382  C CA  . GLN A 1 47  ? -11.426 -5.991  10.433  1.00 47.53 ? 318 GLN A CA  1 
ATOM   383  C C   . GLN A 1 47  ? -10.524 -6.857  11.289  1.00 42.14 ? 318 GLN A C   1 
ATOM   384  O O   . GLN A 1 47  ? -10.501 -6.683  12.510  1.00 45.22 ? 318 GLN A O   1 
ATOM   385  C CB  . GLN A 1 47  ? -12.850 -6.000  10.995  1.00 46.12 ? 318 GLN A CB  1 
ATOM   386  C CG  . GLN A 1 47  ? -13.838 -5.196  10.165  1.00 52.61 ? 318 GLN A CG  1 
ATOM   387  C CD  . GLN A 1 47  ? -13.443 -3.734  10.023  1.00 57.19 ? 318 GLN A CD  1 
ATOM   388  O OE1 . GLN A 1 47  ? -12.965 -3.112  10.974  1.00 56.00 ? 318 GLN A OE1 1 
ATOM   389  N NE2 . GLN A 1 47  ? -13.661 -3.172  8.834   1.00 59.61 ? 318 GLN A NE2 1 
ATOM   390  N N   . ARG A 1 48  ? -9.781  -7.782  10.681  1.00 40.25 ? 319 ARG A N   1 
ATOM   391  C CA  . ARG A 1 48  ? -8.773  -8.510  11.423  1.00 37.68 ? 319 ARG A CA  1 
ATOM   392  C C   . ARG A 1 48  ? -7.611  -7.576  11.765  1.00 39.70 ? 319 ARG A C   1 
ATOM   393  O O   . ARG A 1 48  ? -7.527  -6.442  11.283  1.00 42.73 ? 319 ARG A O   1 
ATOM   394  C CB  . ARG A 1 48  ? -8.283  -9.722  10.628  1.00 42.82 ? 319 ARG A CB  1 
ATOM   395  C CG  . ARG A 1 48  ? -7.315  -9.411  9.476   1.00 42.03 ? 319 ARG A CG  1 
ATOM   396  C CD  . ARG A 1 48  ? -7.033  -10.696 8.695   1.00 43.90 ? 319 ARG A CD  1 
ATOM   397  N NE  . ARG A 1 48  ? -6.057  -10.549 7.619   1.00 43.53 ? 319 ARG A NE  1 
ATOM   398  C CZ  . ARG A 1 48  ? -6.281  -9.885  6.489   1.00 39.99 ? 319 ARG A CZ  1 
ATOM   399  N NH1 . ARG A 1 48  ? -7.443  -9.285  6.287   1.00 39.77 ? 319 ARG A NH1 1 
ATOM   400  N NH2 . ARG A 1 48  ? -5.334  -9.817  5.556   1.00 41.23 ? 319 ARG A NH2 1 
ATOM   401  N N   . THR A 1 49  ? -6.735  -8.052  12.642  1.00 41.30 ? 320 THR A N   1 
ATOM   402  C CA  . THR A 1 49  ? -5.531  -7.333  13.035  1.00 38.79 ? 320 THR A CA  1 
ATOM   403  C C   . THR A 1 49  ? -4.329  -8.104  12.509  1.00 40.15 ? 320 THR A C   1 
ATOM   404  O O   . THR A 1 49  ? -4.230  -9.319  12.704  1.00 42.32 ? 320 THR A O   1 
ATOM   405  C CB  . THR A 1 49  ? -5.451  -7.162  14.560  1.00 43.08 ? 320 THR A CB  1 
ATOM   406  O OG1 . THR A 1 49  ? -6.517  -6.314  15.011  1.00 42.28 ? 320 THR A OG1 1 
ATOM   407  C CG2 . THR A 1 49  ? -4.117  -6.539  14.978  1.00 40.58 ? 320 THR A CG2 1 
ATOM   408  N N   . VAL A 1 50  ? -3.442  -7.405  11.807  1.00 37.17 ? 321 VAL A N   1 
ATOM   409  C CA  . VAL A 1 50  ? -2.202  -7.993  11.326  1.00 34.49 ? 321 VAL A CA  1 
ATOM   410  C C   . VAL A 1 50  ? -1.061  -7.203  11.952  1.00 35.70 ? 321 VAL A C   1 
ATOM   411  O O   . VAL A 1 50  ? -1.289  -6.369  12.843  1.00 31.88 ? 321 VAL A O   1 
ATOM   412  C CB  . VAL A 1 50  ? -2.152  -7.995  9.783   1.00 30.42 ? 321 VAL A CB  1 
ATOM   413  C CG1 . VAL A 1 50  ? -3.348  -8.768  9.219   1.00 37.17 ? 321 VAL A CG1 1 
ATOM   414  C CG2 . VAL A 1 50  ? -2.151  -6.564  9.232   1.00 32.58 ? 321 VAL A CG2 1 
ATOM   415  N N   . THR A 1 51  ? 0.173   -7.468  11.533  1.00 32.46 ? 322 THR A N   1 
ATOM   416  C CA  . THR A 1 51  ? 1.297   -6.639  11.953  1.00 33.19 ? 322 THR A CA  1 
ATOM   417  C C   . THR A 1 51  ? 1.943   -5.985  10.744  1.00 32.65 ? 322 THR A C   1 
ATOM   418  O O   . THR A 1 51  ? 1.666   -6.345  9.598   1.00 31.09 ? 322 THR A O   1 
ATOM   419  C CB  . THR A 1 51  ? 2.362   -7.428  12.735  1.00 35.12 ? 322 THR A CB  1 
ATOM   420  O OG1 . THR A 1 51  ? 3.029   -8.356  11.866  1.00 35.89 ? 322 THR A OG1 1 
ATOM   421  C CG2 . THR A 1 51  ? 1.737   -8.161  13.936  1.00 36.30 ? 322 THR A CG2 1 
ATOM   422  N N   . LEU A 1 52  ? 2.825   -5.012  11.010  1.00 28.77 ? 323 LEU A N   1 
ATOM   423  C CA  . LEU A 1 52  ? 3.551   -4.375  9.911   1.00 28.54 ? 323 LEU A CA  1 
ATOM   424  C C   . LEU A 1 52  ? 4.365   -5.381  9.119   1.00 32.15 ? 323 LEU A C   1 
ATOM   425  O O   . LEU A 1 52  ? 4.554   -5.206  7.911   1.00 34.08 ? 323 LEU A O   1 
ATOM   426  C CB  . LEU A 1 52  ? 4.474   -3.278  10.429  1.00 30.34 ? 323 LEU A CB  1 
ATOM   427  C CG  . LEU A 1 52  ? 3.891   -1.868  10.371  1.00 33.44 ? 323 LEU A CG  1 
ATOM   428  C CD1 . LEU A 1 52  ? 4.869   -0.895  10.972  1.00 34.94 ? 323 LEU A CD1 1 
ATOM   429  C CD2 . LEU A 1 52  ? 3.571   -1.500  8.919   1.00 34.65 ? 323 LEU A CD2 1 
ATOM   430  N N   . ALA A 1 53  ? 4.857   -6.434  9.773   1.00 31.01 ? 324 ALA A N   1 
ATOM   431  C CA  . ALA A 1 53  ? 5.597   -7.466  9.048   1.00 33.05 ? 324 ALA A CA  1 
ATOM   432  C C   . ALA A 1 53  ? 4.752   -8.092  7.942   1.00 35.25 ? 324 ALA A C   1 
ATOM   433  O O   . ALA A 1 53  ? 5.270   -8.389  6.857   1.00 32.98 ? 324 ALA A O   1 
ATOM   434  C CB  . ALA A 1 53  ? 6.098   -8.537  10.022  1.00 36.89 ? 324 ALA A CB  1 
ATOM   435  N N   . ASP A 1 54  ? 3.449   -8.300  8.190   1.00 32.64 ? 325 ASP A N   1 
ATOM   436  C CA  . ASP A 1 54  ? 2.578   -8.828  7.141   1.00 33.28 ? 325 ASP A CA  1 
ATOM   437  C C   . ASP A 1 54  ? 2.402   -7.815  6.017   1.00 34.34 ? 325 ASP A C   1 
ATOM   438  O O   . ASP A 1 54  ? 2.398   -8.182  4.832   1.00 31.93 ? 325 ASP A O   1 
ATOM   439  C CB  . ASP A 1 54  ? 1.206   -9.210  7.709   1.00 36.08 ? 325 ASP A CB  1 
ATOM   440  C CG  . ASP A 1 54  ? 1.302   -10.136 8.895   1.00 37.47 ? 325 ASP A CG  1 
ATOM   441  O OD1 . ASP A 1 54  ? 1.861   -11.242 8.741   1.00 41.17 ? 325 ASP A OD1 1 
ATOM   442  O OD2 . ASP A 1 54  ? 0.832   -9.744  9.988   1.00 40.79 ? 325 ASP A OD2 1 
ATOM   443  N N   . GLU A 1 55  ? 2.200   -6.542  6.371   1.00 32.71 ? 326 GLU A N   1 
ATOM   444  C CA  . GLU A 1 55  ? 2.061   -5.506  5.351   1.00 32.05 ? 326 GLU A CA  1 
ATOM   445  C C   . GLU A 1 55  ? 3.320   -5.410  4.494   1.00 29.54 ? 326 GLU A C   1 
ATOM   446  O O   . GLU A 1 55  ? 3.236   -5.255  3.267   1.00 32.10 ? 326 GLU A O   1 
ATOM   447  C CB  . GLU A 1 55  ? 1.749   -4.159  6.007   1.00 32.73 ? 326 GLU A CB  1 
ATOM   448  C CG  . GLU A 1 55  ? 0.399   -4.132  6.716   1.00 30.34 ? 326 GLU A CG  1 
ATOM   449  C CD  . GLU A 1 55  ? -0.744  -3.890  5.753   1.00 35.46 ? 326 GLU A CD  1 
ATOM   450  O OE1 . GLU A 1 55  ? -0.855  -2.742  5.297   1.00 36.38 ? 326 GLU A OE1 1 
ATOM   451  O OE2 . GLU A 1 55  ? -1.542  -4.821  5.480   1.00 33.17 ? 326 GLU A OE2 1 
ATOM   452  N N   . VAL A 1 56  ? 4.494   -5.527  5.115   1.00 29.08 ? 327 VAL A N   1 
ATOM   453  C CA  . VAL A 1 56  ? 5.739   -5.422  4.359   1.00 32.39 ? 327 VAL A CA  1 
ATOM   454  C C   . VAL A 1 56  ? 5.921   -6.637  3.450   1.00 34.93 ? 327 VAL A C   1 
ATOM   455  O O   . VAL A 1 56  ? 6.373   -6.504  2.304   1.00 33.36 ? 327 VAL A O   1 
ATOM   456  C CB  . VAL A 1 56  ? 6.930   -5.218  5.317   1.00 29.53 ? 327 VAL A CB  1 
ATOM   457  C CG1 . VAL A 1 56  ? 8.248   -5.499  4.628   1.00 36.59 ? 327 VAL A CG1 1 
ATOM   458  C CG2 . VAL A 1 56  ? 6.906   -3.795  5.894   1.00 27.94 ? 327 VAL A CG2 1 
ATOM   459  N N   . ARG A 1 57  ? 5.539   -7.833  3.921   1.00 32.64 ? 328 ARG A N   1 
ATOM   460  C CA  A ARG A 1 57  ? 5.619   -9.018  3.063   0.52 33.08 ? 328 ARG A CA  1 
ATOM   461  C CA  B ARG A 1 57  ? 5.608   -9.024  3.073   0.48 33.47 ? 328 ARG A CA  1 
ATOM   462  C C   . ARG A 1 57  ? 4.802   -8.834  1.793   1.00 31.47 ? 328 ARG A C   1 
ATOM   463  O O   . ARG A 1 57  ? 5.265   -9.161  0.690   1.00 31.77 ? 328 ARG A O   1 
ATOM   464  C CB  A ARG A 1 57  ? 5.144   -10.265 3.813   0.52 34.98 ? 328 ARG A CB  1 
ATOM   465  C CB  B ARG A 1 57  ? 5.108   -10.244 3.852   0.48 35.09 ? 328 ARG A CB  1 
ATOM   466  C CG  A ARG A 1 57  ? 4.893   -11.477 2.898   0.52 37.18 ? 328 ARG A CG  1 
ATOM   467  C CG  B ARG A 1 57  ? 5.019   -11.542 3.051   0.48 37.11 ? 328 ARG A CG  1 
ATOM   468  C CD  A ARG A 1 57  ? 4.466   -12.720 3.673   0.52 37.51 ? 328 ARG A CD  1 
ATOM   469  C CD  B ARG A 1 57  ? 4.670   -12.725 3.955   0.48 37.58 ? 328 ARG A CD  1 
ATOM   470  N NE  A ARG A 1 57  ? 3.099   -12.615 4.182   0.52 39.98 ? 328 ARG A NE  1 
ATOM   471  N NE  B ARG A 1 57  ? 3.282   -12.689 4.421   0.48 39.90 ? 328 ARG A NE  1 
ATOM   472  C CZ  A ARG A 1 57  ? 2.012   -12.960 3.498   0.52 38.58 ? 328 ARG A CZ  1 
ATOM   473  C CZ  B ARG A 1 57  ? 2.910   -12.405 5.667   0.48 37.75 ? 328 ARG A CZ  1 
ATOM   474  N NH1 A ARG A 1 57  ? 2.117   -13.442 2.266   0.52 39.21 ? 328 ARG A NH1 1 
ATOM   475  N NH1 B ARG A 1 57  ? 1.625   -12.402 5.994   0.48 40.10 ? 328 ARG A NH1 1 
ATOM   476  N NH2 A ARG A 1 57  ? 0.815   -12.825 4.048   0.52 40.56 ? 328 ARG A NH2 1 
ATOM   477  N NH2 B ARG A 1 57  ? 3.819   -12.122 6.590   0.48 35.35 ? 328 ARG A NH2 1 
ATOM   478  N N   . ILE A 1 58  ? 3.586   -8.307  1.924   1.00 30.46 ? 329 ILE A N   1 
ATOM   479  C CA  . ILE A 1 58  ? 2.746   -8.075  0.755   1.00 32.48 ? 329 ILE A CA  1 
ATOM   480  C C   . ILE A 1 58  ? 3.372   -7.016  -0.141  1.00 35.15 ? 329 ILE A C   1 
ATOM   481  O O   . ILE A 1 58  ? 3.339   -7.128  -1.372  1.00 31.69 ? 329 ILE A O   1 
ATOM   482  C CB  . ILE A 1 58  ? 1.328   -7.689  1.207   1.00 32.06 ? 329 ILE A CB  1 
ATOM   483  C CG1 . ILE A 1 58  ? 0.651   -8.897  1.863   1.00 34.22 ? 329 ILE A CG1 1 
ATOM   484  C CG2 . ILE A 1 58  ? 0.503   -7.169  0.051   1.00 34.92 ? 329 ILE A CG2 1 
ATOM   485  C CD1 . ILE A 1 58  ? 0.442   -10.058 0.903   1.00 34.69 ? 329 ILE A CD1 1 
ATOM   486  N N   . ALA A 1 59  ? 3.971   -5.988  0.457   1.00 29.87 ? 330 ALA A N   1 
ATOM   487  C CA  . ALA A 1 59  ? 4.663   -4.966  -0.331  1.00 29.79 ? 330 ALA A CA  1 
ATOM   488  C C   . ALA A 1 59  ? 5.785   -5.565  -1.175  1.00 30.53 ? 330 ALA A C   1 
ATOM   489  O O   . ALA A 1 59  ? 5.975   -5.172  -2.336  1.00 28.75 ? 330 ALA A O   1 
ATOM   490  C CB  . ALA A 1 59  ? 5.211   -3.881  0.593   1.00 27.90 ? 330 ALA A CB  1 
ATOM   491  N N   . ARG A 1 60  ? 6.541   -6.516  -0.616  1.00 30.55 ? 331 ARG A N   1 
ATOM   492  C CA  . ARG A 1 60  ? 7.603   -7.154  -1.399  1.00 30.08 ? 331 ARG A CA  1 
ATOM   493  C C   . ARG A 1 60  ? 7.045   -7.919  -2.587  1.00 31.42 ? 331 ARG A C   1 
ATOM   494  O O   . ARG A 1 60  ? 7.648   -7.907  -3.674  1.00 31.91 ? 331 ARG A O   1 
ATOM   495  C CB  . ARG A 1 60  ? 8.441   -8.080  -0.515  1.00 37.65 ? 331 ARG A CB  1 
ATOM   496  C CG  . ARG A 1 60  ? 9.080   -7.354  0.648   1.00 40.73 ? 331 ARG A CG  1 
ATOM   497  C CD  . ARG A 1 60  ? 10.448  -7.918  0.995   1.00 52.47 ? 331 ARG A CD  1 
ATOM   498  N NE  . ARG A 1 60  ? 10.768  -7.670  2.396   1.00 54.57 ? 331 ARG A NE  1 
ATOM   499  C CZ  . ARG A 1 60  ? 11.525  -6.665  2.833   1.00 59.08 ? 331 ARG A CZ  1 
ATOM   500  N NH1 . ARG A 1 60  ? 11.740  -6.521  4.135   1.00 53.12 ? 331 ARG A NH1 1 
ATOM   501  N NH2 . ARG A 1 60  ? 12.067  -5.805  1.975   1.00 56.89 ? 331 ARG A NH2 1 
ATOM   502  N N   . GLU A 1 61  ? 5.915   -8.611  -2.404  1.00 30.23 ? 332 GLU A N   1 
ATOM   503  C CA  . GLU A 1 61  ? 5.297   -9.312  -3.531  1.00 33.79 ? 332 GLU A CA  1 
ATOM   504  C C   . GLU A 1 61  ? 4.899   -8.328  -4.620  1.00 35.67 ? 332 GLU A C   1 
ATOM   505  O O   . GLU A 1 61  ? 5.101   -8.583  -5.811  1.00 28.62 ? 332 GLU A O   1 
ATOM   506  C CB  . GLU A 1 61  ? 4.058   -10.097 -3.081  1.00 34.21 ? 332 GLU A CB  1 
ATOM   507  C CG  . GLU A 1 61  ? 4.260   -11.196 -2.023  1.00 39.19 ? 332 GLU A CG  1 
ATOM   508  C CD  . GLU A 1 61  ? 5.109   -12.369 -2.488  1.00 45.60 ? 332 GLU A CD  1 
ATOM   509  O OE1 . GLU A 1 61  ? 5.460   -12.430 -3.672  1.00 45.64 ? 332 GLU A OE1 1 
ATOM   510  O OE2 . GLU A 1 61  ? 5.412   -13.251 -1.658  1.00 57.98 ? 332 GLU A OE2 1 
ATOM   511  N N   . TYR A 1 62  ? 4.319   -7.198  -4.218  1.00 32.12 ? 333 TYR A N   1 
ATOM   512  C CA  . TYR A 1 62  ? 3.935   -6.157  -5.164  1.00 28.97 ? 333 TYR A CA  1 
ATOM   513  C C   . TYR A 1 62  ? 5.147   -5.619  -5.921  1.00 30.55 ? 333 TYR A C   1 
ATOM   514  O O   . TYR A 1 62  ? 5.104   -5.465  -7.144  1.00 32.22 ? 333 TYR A O   1 
ATOM   515  C CB  . TYR A 1 62  ? 3.212   -5.043  -4.406  1.00 29.90 ? 333 TYR A CB  1 
ATOM   516  C CG  . TYR A 1 62  ? 2.821   -3.865  -5.249  1.00 29.44 ? 333 TYR A CG  1 
ATOM   517  C CD1 . TYR A 1 62  ? 1.620   -3.851  -5.931  1.00 32.44 ? 333 TYR A CD1 1 
ATOM   518  C CD2 . TYR A 1 62  ? 3.671   -2.765  -5.375  1.00 30.83 ? 333 TYR A CD2 1 
ATOM   519  C CE1 . TYR A 1 62  ? 1.261   -2.771  -6.706  1.00 33.53 ? 333 TYR A CE1 1 
ATOM   520  C CE2 . TYR A 1 62  ? 3.322   -1.686  -6.148  1.00 28.60 ? 333 TYR A CE2 1 
ATOM   521  C CZ  . TYR A 1 62  ? 2.116   -1.693  -6.810  1.00 30.99 ? 333 TYR A CZ  1 
ATOM   522  O OH  . TYR A 1 62  ? 1.755   -0.620  -7.591  1.00 36.79 ? 333 TYR A OH  1 
ATOM   523  N N   . PHE A 1 63  ? 6.244   -5.332  -5.212  1.00 29.72 ? 334 PHE A N   1 
ATOM   524  C CA  . PHE A 1 63  ? 7.450   -4.867  -5.894  1.00 31.78 ? 334 PHE A CA  1 
ATOM   525  C C   . PHE A 1 63  ? 8.006   -5.930  -6.833  1.00 29.38 ? 334 PHE A C   1 
ATOM   526  O O   . PHE A 1 63  ? 8.492   -5.606  -7.920  1.00 32.17 ? 334 PHE A O   1 
ATOM   527  C CB  . PHE A 1 63  ? 8.524   -4.462  -4.889  1.00 32.67 ? 334 PHE A CB  1 
ATOM   528  C CG  . PHE A 1 63  ? 8.170   -3.247  -4.100  1.00 33.50 ? 334 PHE A CG  1 
ATOM   529  C CD1 . PHE A 1 63  ? 7.307   -2.306  -4.616  1.00 32.63 ? 334 PHE A CD1 1 
ATOM   530  C CD2 . PHE A 1 63  ? 8.700   -3.040  -2.839  1.00 36.79 ? 334 PHE A CD2 1 
ATOM   531  C CE1 . PHE A 1 63  ? 6.969   -1.181  -3.891  1.00 36.44 ? 334 PHE A CE1 1 
ATOM   532  C CE2 . PHE A 1 63  ? 8.349   -1.910  -2.110  1.00 33.51 ? 334 PHE A CE2 1 
ATOM   533  C CZ  . PHE A 1 63  ? 7.496   -0.997  -2.639  1.00 31.69 ? 334 PHE A CZ  1 
ATOM   534  N N   . PHE A 1 64  ? 7.961   -7.199  -6.426  1.00 29.98 ? 335 PHE A N   1 
ATOM   535  C CA  . PHE A 1 64  ? 8.420   -8.270  -7.314  1.00 30.39 ? 335 PHE A CA  1 
ATOM   536  C C   . PHE A 1 64  ? 7.633   -8.299  -8.622  1.00 32.59 ? 335 PHE A C   1 
ATOM   537  O O   . PHE A 1 64  ? 8.222   -8.475  -9.703  1.00 32.54 ? 335 PHE A O   1 
ATOM   538  C CB  . PHE A 1 64  ? 8.320   -9.623  -6.614  1.00 29.91 ? 335 PHE A CB  1 
ATOM   539  C CG  . PHE A 1 64  ? 8.698   -10.779 -7.507  1.00 33.94 ? 335 PHE A CG  1 
ATOM   540  C CD1 . PHE A 1 64  ? 10.025  -11.006 -7.838  1.00 38.94 ? 335 PHE A CD1 1 
ATOM   541  C CD2 . PHE A 1 64  ? 7.727   -11.588 -8.051  1.00 33.60 ? 335 PHE A CD2 1 
ATOM   542  C CE1 . PHE A 1 64  ? 10.360  -12.045 -8.665  1.00 37.98 ? 335 PHE A CE1 1 
ATOM   543  C CE2 . PHE A 1 64  ? 8.063   -12.631 -8.883  1.00 37.55 ? 335 PHE A CE2 1 
ATOM   544  C CZ  . PHE A 1 64  ? 9.371   -12.845 -9.197  1.00 33.84 ? 335 PHE A CZ  1 
ATOM   545  N N   . ILE A 1 65  ? 6.306   -8.160  -8.546  1.00 31.09 ? 336 ILE A N   1 
ATOM   546  C CA  . ILE A 1 65  ? 5.466   -8.159  -9.747  1.00 29.38 ? 336 ILE A CA  1 
ATOM   547  C C   . ILE A 1 65  ? 5.740   -6.926  -10.602 1.00 32.52 ? 336 ILE A C   1 
ATOM   548  O O   . ILE A 1 65  ? 5.829   -7.011  -11.835 1.00 30.84 ? 336 ILE A O   1 
ATOM   549  C CB  . ILE A 1 65  ? 3.975   -8.245  -9.354  1.00 28.65 ? 336 ILE A CB  1 
ATOM   550  C CG1 . ILE A 1 65  ? 3.639   -9.621  -8.774  1.00 29.00 ? 336 ILE A CG1 1 
ATOM   551  C CG2 . ILE A 1 65  ? 3.065   -7.921  -10.535 1.00 32.53 ? 336 ILE A CG2 1 
ATOM   552  C CD1 . ILE A 1 65  ? 2.305   -9.632  -8.041  1.00 35.04 ? 336 ILE A CD1 1 
ATOM   553  N N   . GLN A 1 66  ? 5.829   -5.752  -9.979  1.00 30.93 ? 337 GLN A N   1 
ATOM   554  C CA  . GLN A 1 66  ? 5.978   -4.532  -10.768 1.00 31.63 ? 337 GLN A CA  1 
ATOM   555  C C   . GLN A 1 66  ? 7.377   -4.424  -11.360 1.00 31.20 ? 337 GLN A C   1 
ATOM   556  O O   . GLN A 1 66  ? 7.540   -3.907  -12.474 1.00 33.03 ? 337 GLN A O   1 
ATOM   557  C CB  . GLN A 1 66  ? 5.657   -3.300  -9.916  1.00 32.24 ? 337 GLN A CB  1 
ATOM   558  C CG  . GLN A 1 66  ? 4.248   -3.282  -9.343  1.00 27.70 ? 337 GLN A CG  1 
ATOM   559  C CD  . GLN A 1 66  ? 3.142   -3.150  -10.367 1.00 34.11 ? 337 GLN A CD  1 
ATOM   560  O OE1 . GLN A 1 66  ? 2.967   -4.018  -11.215 1.00 38.47 ? 337 GLN A OE1 1 
ATOM   561  N NE2 . GLN A 1 66  ? 2.351   -2.076  -10.264 1.00 33.73 ? 337 GLN A NE2 1 
ATOM   562  N N   . GLN A 1 67  ? 8.383   -4.908  -10.639 1.00 30.40 ? 338 GLN A N   1 
ATOM   563  C CA  . GLN A 1 67  ? 9.742   -4.925  -11.171 1.00 36.20 ? 338 GLN A CA  1 
ATOM   564  C C   . GLN A 1 67  ? 9.841   -5.811  -12.397 1.00 39.64 ? 338 GLN A C   1 
ATOM   565  O O   . GLN A 1 67  ? 10.623  -5.526  -13.310 1.00 41.37 ? 338 GLN A O   1 
ATOM   566  C CB  . GLN A 1 67  ? 10.729  -5.408  -10.112 1.00 40.53 ? 338 GLN A CB  1 
ATOM   567  C CG  . GLN A 1 67  ? 12.158  -4.951  -10.357 1.00 47.16 ? 338 GLN A CG  1 
ATOM   568  C CD  . GLN A 1 67  ? 12.432  -3.582  -9.761  1.00 55.09 ? 338 GLN A CD  1 
ATOM   569  O OE1 . GLN A 1 67  ? 12.535  -2.582  -10.483 1.00 55.33 ? 338 GLN A OE1 1 
ATOM   570  N NE2 . GLN A 1 67  ? 12.551  -3.525  -8.432  1.00 55.98 ? 338 GLN A NE2 1 
ATOM   571  N N   . THR A 1 68  ? 9.067   -6.893  -12.431 1.00 32.39 ? 339 THR A N   1 
ATOM   572  C CA  . THR A 1 68  ? 9.087   -7.773  -13.596 1.00 34.88 ? 339 THR A CA  1 
ATOM   573  C C   . THR A 1 68  ? 8.598   -7.050  -14.842 1.00 36.25 ? 339 THR A C   1 
ATOM   574  O O   . THR A 1 68  ? 9.150   -7.233  -15.933 1.00 42.96 ? 339 THR A O   1 
ATOM   575  C CB  . THR A 1 68  ? 8.246   -9.011  -13.310 1.00 30.68 ? 339 THR A CB  1 
ATOM   576  O OG1 . THR A 1 68  ? 8.856   -9.713  -12.227 1.00 33.75 ? 339 THR A OG1 1 
ATOM   577  C CG2 . THR A 1 68  ? 8.226   -9.926  -14.522 1.00 37.36 ? 339 THR A CG2 1 
ATOM   578  N N   . ARG A 1 69  ? 7.590   -6.196  -14.694 1.00 36.33 ? 340 ARG A N   1 
ATOM   579  C CA  . ARG A 1 69  ? 6.975   -5.520  -15.830 1.00 36.86 ? 340 ARG A CA  1 
ATOM   580  C C   . ARG A 1 69  ? 7.620   -4.178  -16.161 1.00 42.10 ? 340 ARG A C   1 
ATOM   581  O O   . ARG A 1 69  ? 7.672   -3.803  -17.340 1.00 39.82 ? 340 ARG A O   1 
ATOM   582  C CB  . ARG A 1 69  ? 5.481   -5.339  -15.552 1.00 38.42 ? 340 ARG A CB  1 
ATOM   583  C CG  . ARG A 1 69  ? 4.702   -4.516  -16.557 1.00 44.25 ? 340 ARG A CG  1 
ATOM   584  C CD  . ARG A 1 69  ? 3.220   -4.680  -16.274 1.00 50.42 ? 340 ARG A CD  1 
ATOM   585  N NE  . ARG A 1 69  ? 2.487   -3.427  -16.396 1.00 56.96 ? 340 ARG A NE  1 
ATOM   586  C CZ  . ARG A 1 69  ? 1.422   -3.254  -17.170 1.00 56.19 ? 340 ARG A CZ  1 
ATOM   587  N NH1 . ARG A 1 69  ? 0.820   -2.071  -17.215 1.00 62.31 ? 340 ARG A NH1 1 
ATOM   588  N NH2 . ARG A 1 69  ? 0.961   -4.262  -17.897 1.00 62.51 ? 340 ARG A NH2 1 
ATOM   589  N N   . PHE A 1 70  ? 8.147   -3.468  -15.155 1.00 38.48 ? 341 PHE A N   1 
ATOM   590  C CA  . PHE A 1 70  ? 8.562   -2.069  -15.259 1.00 42.54 ? 341 PHE A CA  1 
ATOM   591  C C   . PHE A 1 70  ? 10.034  -1.857  -14.908 1.00 51.26 ? 341 PHE A C   1 
ATOM   592  O O   . PHE A 1 70  ? 10.392  -0.793  -14.393 1.00 51.42 ? 341 PHE A O   1 
ATOM   593  C CB  . PHE A 1 70  ? 7.725   -1.180  -14.331 1.00 36.13 ? 341 PHE A CB  1 
ATOM   594  C CG  . PHE A 1 70  ? 6.291   -1.049  -14.725 1.00 40.10 ? 341 PHE A CG  1 
ATOM   595  C CD1 . PHE A 1 70  ? 5.936   -0.320  -15.844 1.00 43.11 ? 341 PHE A CD1 1 
ATOM   596  C CD2 . PHE A 1 70  ? 5.294   -1.615  -13.955 1.00 33.76 ? 341 PHE A CD2 1 
ATOM   597  C CE1 . PHE A 1 70  ? 4.619   -0.186  -16.207 1.00 43.88 ? 341 PHE A CE1 1 
ATOM   598  C CE2 . PHE A 1 70  ? 3.969   -1.484  -14.320 1.00 41.92 ? 341 PHE A CE2 1 
ATOM   599  C CZ  . PHE A 1 70  ? 3.634   -0.763  -15.445 1.00 44.07 ? 341 PHE A CZ  1 
ATOM   600  N N   . PHE A 1 71  ? 10.901  -2.839  -15.169 1.00 44.88 ? 342 PHE A N   1 
ATOM   601  C CA  . PHE A 1 71  ? 12.201  -2.852  -14.496 1.00 56.20 ? 342 PHE A CA  1 
ATOM   602  C C   . PHE A 1 71  ? 13.072  -1.646  -14.842 1.00 60.24 ? 342 PHE A C   1 
ATOM   603  O O   . PHE A 1 71  ? 13.904  -1.233  -14.027 1.00 62.92 ? 342 PHE A O   1 
ATOM   604  C CB  . PHE A 1 71  ? 12.949  -4.152  -14.798 1.00 58.07 ? 342 PHE A CB  1 
ATOM   605  C CG  . PHE A 1 71  ? 13.386  -4.307  -16.230 1.00 65.44 ? 342 PHE A CG  1 
ATOM   606  C CD1 . PHE A 1 71  ? 12.469  -4.612  -17.224 1.00 67.14 ? 342 PHE A CD1 1 
ATOM   607  C CD2 . PHE A 1 71  ? 14.727  -4.191  -16.571 1.00 70.57 ? 342 PHE A CD2 1 
ATOM   608  C CE1 . PHE A 1 71  ? 12.879  -4.774  -18.539 1.00 72.44 ? 342 PHE A CE1 1 
ATOM   609  C CE2 . PHE A 1 71  ? 15.146  -4.349  -17.882 1.00 71.31 ? 342 PHE A CE2 1 
ATOM   610  C CZ  . PHE A 1 71  ? 14.222  -4.643  -18.868 1.00 73.92 ? 342 PHE A CZ  1 
ATOM   611  N N   . ASP A 1 72  ? 12.902  -1.053  -16.021 1.00 61.09 ? 343 ASP A N   1 
ATOM   612  C CA  . ASP A 1 72  ? 13.735  0.082   -16.399 1.00 64.30 ? 343 ASP A CA  1 
ATOM   613  C C   . ASP A 1 72  ? 12.969  1.401   -16.396 1.00 61.05 ? 343 ASP A C   1 
ATOM   614  O O   . ASP A 1 72  ? 13.463  2.403   -16.922 1.00 59.55 ? 343 ASP A O   1 
ATOM   615  C CB  . ASP A 1 72  ? 14.382  -0.159  -17.763 1.00 66.04 ? 343 ASP A CB  1 
ATOM   616  C CG  . ASP A 1 72  ? 13.429  -0.794  -18.754 1.00 73.00 ? 343 ASP A CG  1 
ATOM   617  O OD1 . ASP A 1 72  ? 12.226  -0.448  -18.730 1.00 70.40 ? 343 ASP A OD1 1 
ATOM   618  O OD2 . ASP A 1 72  ? 13.885  -1.637  -19.559 1.00 78.34 ? 343 ASP A OD2 1 
ATOM   619  N N   . ARG A 1 73  ? 11.774  1.430   -15.815 1.00 45.31 ? 344 ARG A N   1 
ATOM   620  C CA  . ARG A 1 73  ? 11.055  2.684   -15.685 1.00 45.45 ? 344 ARG A CA  1 
ATOM   621  C C   . ARG A 1 73  ? 11.035  3.211   -14.267 1.00 38.35 ? 344 ARG A C   1 
ATOM   622  O O   . ARG A 1 73  ? 10.982  4.424   -14.084 1.00 36.29 ? 344 ARG A O   1 
ATOM   623  C CB  . ARG A 1 73  ? 9.603   2.547   -16.171 1.00 44.74 ? 344 ARG A CB  1 
ATOM   624  C CG  . ARG A 1 73  ? 9.438   2.252   -17.659 1.00 51.14 ? 344 ARG A CG  1 
ATOM   625  C CD  . ARG A 1 73  ? 7.980   2.397   -18.100 1.00 51.10 ? 344 ARG A CD  1 
ATOM   626  N NE  . ARG A 1 73  ? 7.425   3.734   -17.866 1.00 47.97 ? 344 ARG A NE  1 
ATOM   627  C CZ  . ARG A 1 73  ? 6.128   4.028   -17.945 1.00 45.97 ? 344 ARG A CZ  1 
ATOM   628  N NH1 . ARG A 1 73  ? 5.252   3.077   -18.240 1.00 44.27 ? 344 ARG A NH1 1 
ATOM   629  N NH2 . ARG A 1 73  ? 5.697   5.270   -17.736 1.00 41.14 ? 344 ARG A NH2 1 
ATOM   630  N N   . ILE A 1 74  ? 11.071  2.336   -13.266 1.00 37.80 ? 345 ILE A N   1 
ATOM   631  C CA  . ILE A 1 74  ? 10.874  2.764   -11.888 1.00 35.07 ? 345 ILE A CA  1 
ATOM   632  C C   . ILE A 1 74  ? 11.769  1.949   -10.959 1.00 37.21 ? 345 ILE A C   1 
ATOM   633  O O   . ILE A 1 74  ? 12.041  0.771   -11.205 1.00 36.39 ? 345 ILE A O   1 
ATOM   634  C CB  . ILE A 1 74  ? 9.378   2.681   -11.508 1.00 37.98 ? 345 ILE A CB  1 
ATOM   635  C CG1 . ILE A 1 74  ? 9.146   3.122   -10.062 1.00 31.43 ? 345 ILE A CG1 1 
ATOM   636  C CG2 . ILE A 1 74  ? 8.796   1.313   -11.808 1.00 39.67 ? 345 ILE A CG2 1 
ATOM   637  C CD1 . ILE A 1 74  ? 7.693   3.308   -9.744  1.00 37.56 ? 345 ILE A CD1 1 
ATOM   638  N N   . LYS A 1 75  ? 12.271  2.611   -9.920  1.00 29.39 ? 346 LYS A N   1 
ATOM   639  C CA  . LYS A 1 75  ? 13.130  2.028   -8.903  1.00 30.49 ? 346 LYS A CA  1 
ATOM   640  C C   . LYS A 1 75  ? 12.356  1.961   -7.590  1.00 31.95 ? 346 LYS A C   1 
ATOM   641  O O   . LYS A 1 75  ? 11.819  2.974   -7.137  1.00 33.77 ? 346 LYS A O   1 
ATOM   642  C CB  . LYS A 1 75  ? 14.392  2.874   -8.734  1.00 32.80 ? 346 LYS A CB  1 
ATOM   643  C CG  . LYS A 1 75  ? 15.316  2.449   -7.609  1.00 42.98 ? 346 LYS A CG  1 
ATOM   644  C CD  . LYS A 1 75  ? 16.408  3.489   -7.400  1.00 47.12 ? 346 LYS A CD  1 
ATOM   645  C CE  . LYS A 1 75  ? 17.107  3.299   -6.058  1.00 57.35 ? 346 LYS A CE  1 
ATOM   646  N NZ  . LYS A 1 75  ? 18.102  4.384   -5.806  1.00 61.38 ? 346 LYS A NZ  1 
ATOM   647  N N   . PHE A 1 76  ? 12.278  0.767   -7.011  1.00 33.29 ? 347 PHE A N   1 
ATOM   648  C CA  . PHE A 1 76  ? 11.612  0.525   -5.734  1.00 31.39 ? 347 PHE A CA  1 
ATOM   649  C C   . PHE A 1 76  ? 12.638  0.365   -4.620  1.00 31.79 ? 347 PHE A C   1 
ATOM   650  O O   . PHE A 1 76  ? 13.679  -0.269  -4.802  1.00 34.10 ? 347 PHE A O   1 
ATOM   651  C CB  . PHE A 1 76  ? 10.750  -0.737  -5.795  1.00 35.33 ? 347 PHE A CB  1 
ATOM   652  C CG  . PHE A 1 76  ? 9.702   -0.712  -6.859  1.00 36.19 ? 347 PHE A CG  1 
ATOM   653  C CD1 . PHE A 1 76  ? 8.606   0.135   -6.754  1.00 33.59 ? 347 PHE A CD1 1 
ATOM   654  C CD2 . PHE A 1 76  ? 9.789   -1.554  -7.953  1.00 39.66 ? 347 PHE A CD2 1 
ATOM   655  C CE1 . PHE A 1 76  ? 7.627   0.160   -7.723  1.00 39.26 ? 347 PHE A CE1 1 
ATOM   656  C CE2 . PHE A 1 76  ? 8.811   -1.534  -8.934  1.00 36.91 ? 347 PHE A CE2 1 
ATOM   657  C CZ  . PHE A 1 76  ? 7.729   -0.679  -8.824  1.00 41.89 ? 347 PHE A CZ  1 
ATOM   658  N N   . SER A 1 77  ? 12.321  0.923   -3.455  1.00 28.51 ? 348 SER A N   1 
ATOM   659  C CA  . SER A 1 77  ? 13.162  0.844   -2.277  1.00 29.20 ? 348 SER A CA  1 
ATOM   660  C C   . SER A 1 77  ? 12.284  0.519   -1.081  1.00 28.91 ? 348 SER A C   1 
ATOM   661  O O   . SER A 1 77  ? 11.183  1.042   -0.962  1.00 27.86 ? 348 SER A O   1 
ATOM   662  C CB  . SER A 1 77  ? 13.901  2.150   -2.018  1.00 28.90 ? 348 SER A CB  1 
ATOM   663  O OG  . SER A 1 77  ? 14.897  1.967   -1.028  1.00 44.08 ? 348 SER A OG  1 
ATOM   664  N N   . LEU A 1 78  ? 12.761  -0.368  -0.214  1.00 28.55 ? 349 LEU A N   1 
ATOM   665  C CA  . LEU A 1 78  ? 12.002  -0.754  0.974   1.00 27.68 ? 349 LEU A CA  1 
ATOM   666  C C   . LEU A 1 78  ? 12.986  -0.984  2.113   1.00 31.88 ? 349 LEU A C   1 
ATOM   667  O O   . LEU A 1 78  ? 13.857  -1.848  2.005   1.00 32.68 ? 349 LEU A O   1 
ATOM   668  C CB  . LEU A 1 78  ? 11.190  -2.014  0.696   1.00 32.58 ? 349 LEU A CB  1 
ATOM   669  C CG  . LEU A 1 78  ? 10.399  -2.720  1.798   1.00 39.25 ? 349 LEU A CG  1 
ATOM   670  C CD1 . LEU A 1 78  ? 9.438   -1.774  2.503   1.00 32.95 ? 349 LEU A CD1 1 
ATOM   671  C CD2 . LEU A 1 78  ? 9.645   -3.877  1.188   1.00 41.69 ? 349 LEU A CD2 1 
ATOM   672  N N   . GLU A 1 79  ? 12.857  -0.208  3.190   1.00 34.39 ? 350 GLU A N   1 
ATOM   673  C CA  . GLU A 1 79  ? 13.736  -0.299  4.347   1.00 32.40 ? 350 GLU A CA  1 
ATOM   674  C C   . GLU A 1 79  ? 12.879  -0.331  5.603   1.00 32.88 ? 350 GLU A C   1 
ATOM   675  O O   . GLU A 1 79  ? 11.839  0.317   5.661   1.00 25.99 ? 350 GLU A O   1 
ATOM   676  C CB  . GLU A 1 79  ? 14.696  0.882   4.412   1.00 36.12 ? 350 GLU A CB  1 
ATOM   677  C CG  . GLU A 1 79  ? 15.707  0.924   3.280   1.00 39.38 ? 350 GLU A CG  1 
ATOM   678  C CD  . GLU A 1 79  ? 16.781  -0.149  3.411   1.00 51.98 ? 350 GLU A CD  1 
ATOM   679  O OE1 . GLU A 1 79  ? 17.069  -0.586  4.551   1.00 49.71 ? 350 GLU A OE1 1 
ATOM   680  O OE2 . GLU A 1 79  ? 17.337  -0.553  2.364   1.00 55.81 ? 350 GLU A OE2 1 
ATOM   681  N N   . ALA A 1 80  ? 13.306  -1.084  6.613   1.00 26.96 ? 351 ALA A N   1 
ATOM   682  C CA  . ALA A 1 80  ? 12.471  -1.190  7.805   1.00 23.27 ? 351 ALA A CA  1 
ATOM   683  C C   . ALA A 1 80  ? 13.343  -1.552  8.993   1.00 30.76 ? 351 ALA A C   1 
ATOM   684  O O   . ALA A 1 80  ? 14.223  -2.401  8.868   1.00 28.89 ? 351 ALA A O   1 
ATOM   685  C CB  . ALA A 1 80  ? 11.387  -2.261  7.658   1.00 24.22 ? 351 ALA A CB  1 
ATOM   686  N N   . GLU A 1 81  ? 13.065  -0.930  10.140  1.00 28.27 ? 352 GLU A N   1 
ATOM   687  C CA  . GLU A 1 81  ? 13.650  -1.376  11.409  1.00 30.01 ? 352 GLU A CA  1 
ATOM   688  C C   . GLU A 1 81  ? 12.931  -2.628  11.919  1.00 31.86 ? 352 GLU A C   1 
ATOM   689  O O   . GLU A 1 81  ? 11.710  -2.598  12.118  1.00 29.28 ? 352 GLU A O   1 
ATOM   690  C CB  . GLU A 1 81  ? 13.582  -0.244  12.439  1.00 26.59 ? 352 GLU A CB  1 
ATOM   691  C CG  . GLU A 1 81  ? 14.436  0.961   12.046  1.00 27.53 ? 352 GLU A CG  1 
ATOM   692  C CD  . GLU A 1 81  ? 14.412  2.097   13.068  1.00 32.18 ? 352 GLU A CD  1 
ATOM   693  O OE1 . GLU A 1 81  ? 13.548  2.069   13.978  1.00 33.12 ? 352 GLU A OE1 1 
ATOM   694  O OE2 . GLU A 1 81  ? 15.244  3.024   12.941  1.00 34.80 ? 352 GLU A OE2 1 
ATOM   695  N N   . PRO A 1 82  ? 13.646  -3.737  12.155  1.00 29.36 ? 353 PRO A N   1 
ATOM   696  C CA  . PRO A 1 82  ? 12.944  -4.978  12.519  1.00 29.81 ? 353 PRO A CA  1 
ATOM   697  C C   . PRO A 1 82  ? 12.093  -4.868  13.765  1.00 29.80 ? 353 PRO A C   1 
ATOM   698  O O   . PRO A 1 82  ? 11.029  -5.490  13.828  1.00 32.31 ? 353 PRO A O   1 
ATOM   699  C CB  . PRO A 1 82  ? 14.095  -5.977  12.720  1.00 38.33 ? 353 PRO A CB  1 
ATOM   700  C CG  . PRO A 1 82  ? 15.188  -5.448  11.868  1.00 34.51 ? 353 PRO A CG  1 
ATOM   701  C CD  . PRO A 1 82  ? 15.089  -3.958  11.944  1.00 33.28 ? 353 PRO A CD  1 
ATOM   702  N N   . SER A 1 83  ? 12.532  -4.087  14.756  1.00 34.51 ? 354 SER A N   1 
ATOM   703  C CA  A SER A 1 83  ? 11.789  -3.949  16.006  0.41 39.26 ? 354 SER A CA  1 
ATOM   704  C CA  B SER A 1 83  ? 11.779  -3.977  16.001  0.59 39.19 ? 354 SER A CA  1 
ATOM   705  C C   . SER A 1 83  ? 10.408  -3.347  15.797  1.00 41.29 ? 354 SER A C   1 
ATOM   706  O O   . SER A 1 83  ? 9.543   -3.484  16.670  1.00 45.77 ? 354 SER A O   1 
ATOM   707  C CB  A SER A 1 83  ? 12.582  -3.087  16.992  0.41 38.76 ? 354 SER A CB  1 
ATOM   708  C CB  B SER A 1 83  ? 12.579  -3.171  17.025  0.59 38.80 ? 354 SER A CB  1 
ATOM   709  O OG  A SER A 1 83  ? 13.817  -3.694  17.334  0.41 40.80 ? 354 SER A OG  1 
ATOM   710  O OG  B SER A 1 83  ? 13.062  -1.967  16.462  0.59 38.47 ? 354 SER A OG  1 
ATOM   711  N N   . CYS A 1 84  ? 10.187  -2.668  14.666  1.00 36.10 ? 355 CYS A N   1 
ATOM   712  C CA  . CYS A 1 84  ? 8.899   -2.058  14.351  1.00 31.60 ? 355 CYS A CA  1 
ATOM   713  C C   . CYS A 1 84  ? 7.917   -3.024  13.718  1.00 34.74 ? 355 CYS A C   1 
ATOM   714  O O   . CYS A 1 84  ? 6.733   -2.708  13.625  1.00 32.88 ? 355 CYS A O   1 
ATOM   715  C CB  . CYS A 1 84  ? 9.065   -0.896  13.375  1.00 34.43 ? 355 CYS A CB  1 
ATOM   716  S SG  . CYS A 1 84  ? 9.874   0.584   13.971  1.00 41.86 ? 355 CYS A SG  1 
ATOM   717  N N   . LEU A 1 85  ? 8.381   -4.163  13.219  1.00 30.62 ? 356 LEU A N   1 
ATOM   718  C CA  . LEU A 1 85  ? 7.495   -4.950  12.379  1.00 30.02 ? 356 LEU A CA  1 
ATOM   719  C C   . LEU A 1 85  ? 6.481   -5.751  13.177  1.00 35.01 ? 356 LEU A C   1 
ATOM   720  O O   . LEU A 1 85  ? 5.566   -6.308  12.570  1.00 33.94 ? 356 LEU A O   1 
ATOM   721  C CB  . LEU A 1 85  ? 8.327   -5.863  11.465  1.00 31.73 ? 356 LEU A CB  1 
ATOM   722  C CG  . LEU A 1 85  ? 9.105   -5.047  10.420  1.00 32.92 ? 356 LEU A CG  1 
ATOM   723  C CD1 . LEU A 1 85  ? 9.897   -5.962  9.531   1.00 38.76 ? 356 LEU A CD1 1 
ATOM   724  C CD2 . LEU A 1 85  ? 8.156   -4.212  9.555   1.00 33.25 ? 356 LEU A CD2 1 
ATOM   725  N N   . ASP A 1 86  ? 6.593   -5.805  14.513  1.00 32.23 ? 357 ASP A N   1 
ATOM   726  C CA  . ASP A 1 86  ? 5.559   -6.456  15.305  1.00 31.37 ? 357 ASP A CA  1 
ATOM   727  C C   . ASP A 1 86  ? 4.407   -5.509  15.656  1.00 35.02 ? 357 ASP A C   1 
ATOM   728  O O   . ASP A 1 86  ? 3.486   -5.907  16.372  1.00 36.89 ? 357 ASP A O   1 
ATOM   729  C CB  . ASP A 1 86  ? 6.160   -7.080  16.579  1.00 41.75 ? 357 ASP A CB  1 
ATOM   730  C CG  . ASP A 1 86  ? 6.798   -6.059  17.520  1.00 45.37 ? 357 ASP A CG  1 
ATOM   731  O OD1 . ASP A 1 86  ? 6.668   -4.827  17.304  1.00 43.93 ? 357 ASP A OD1 1 
ATOM   732  O OD2 . ASP A 1 86  ? 7.399   -6.508  18.527  1.00 46.07 ? 357 ASP A OD2 1 
ATOM   733  N N   . GLN A 1 87  ? 4.427   -4.289  15.133  1.00 32.97 ? 358 GLN A N   1 
ATOM   734  C CA  . GLN A 1 87  ? 3.354   -3.322  15.337  1.00 32.37 ? 358 GLN A CA  1 
ATOM   735  C C   . GLN A 1 87  ? 2.022   -3.838  14.810  1.00 30.98 ? 358 GLN A C   1 
ATOM   736  O O   . GLN A 1 87  ? 1.908   -4.098  13.601  1.00 31.01 ? 358 GLN A O   1 
ATOM   737  C CB  . GLN A 1 87  ? 3.691   -2.016  14.629  1.00 32.06 ? 358 GLN A CB  1 
ATOM   738  C CG  . GLN A 1 87  ? 2.563   -1.009  14.649  1.00 29.55 ? 358 GLN A CG  1 
ATOM   739  C CD  . GLN A 1 87  ? 2.508   -0.244  15.944  1.00 32.75 ? 358 GLN A CD  1 
ATOM   740  O OE1 . GLN A 1 87  ? 3.325   -0.464  16.838  1.00 31.90 ? 358 GLN A OE1 1 
ATOM   741  N NE2 . GLN A 1 87  ? 1.562   0.689   16.044  1.00 31.10 ? 358 GLN A NE2 1 
ATOM   742  N N   . PRO A 1 88  ? 0.988   -3.951  15.651  1.00 32.42 ? 359 PRO A N   1 
ATOM   743  C CA  . PRO A 1 88  ? -0.355  -4.250  15.139  1.00 30.18 ? 359 PRO A CA  1 
ATOM   744  C C   . PRO A 1 88  ? -0.906  -3.085  14.328  1.00 32.47 ? 359 PRO A C   1 
ATOM   745  O O   . PRO A 1 88  ? -0.699  -1.914  14.658  1.00 31.11 ? 359 PRO A O   1 
ATOM   746  C CB  . PRO A 1 88  ? -1.178  -4.485  16.418  1.00 33.63 ? 359 PRO A CB  1 
ATOM   747  C CG  . PRO A 1 88  ? -0.168  -4.727  17.479  1.00 36.31 ? 359 PRO A CG  1 
ATOM   748  C CD  . PRO A 1 88  ? 1.001   -3.886  17.122  1.00 36.34 ? 359 PRO A CD  1 
ATOM   749  N N   . ILE A 1 89  ? -1.606  -3.418  13.248  1.00 31.77 ? 360 ILE A N   1 
ATOM   750  C CA  . ILE A 1 89  ? -2.048  -2.419  12.276  1.00 29.77 ? 360 ILE A CA  1 
ATOM   751  C C   . ILE A 1 89  ? -3.223  -3.011  11.496  1.00 29.69 ? 360 ILE A C   1 
ATOM   752  O O   . ILE A 1 89  ? -3.302  -4.241  11.363  1.00 32.49 ? 360 ILE A O   1 
ATOM   753  C CB  . ILE A 1 89  ? -0.871  -2.027  11.358  1.00 31.97 ? 360 ILE A CB  1 
ATOM   754  C CG1 . ILE A 1 89  ? -1.185  -0.796  10.504  1.00 29.73 ? 360 ILE A CG1 1 
ATOM   755  C CG2 . ILE A 1 89  ? -0.466  -3.210  10.482  1.00 30.23 ? 360 ILE A CG2 1 
ATOM   756  C CD1 . ILE A 1 89  ? 0.057   -0.245  9.807   1.00 33.27 ? 360 ILE A CD1 1 
ATOM   757  N N   . PRO A 1 90  ? -4.162  -2.212  10.992  1.00 29.87 ? 361 PRO A N   1 
ATOM   758  C CA  . PRO A 1 90  ? -5.214  -2.756  10.130  1.00 33.59 ? 361 PRO A CA  1 
ATOM   759  C C   . PRO A 1 90  ? -4.628  -3.227  8.814   1.00 34.09 ? 361 PRO A C   1 
ATOM   760  O O   . PRO A 1 90  ? -3.696  -2.604  8.290   1.00 30.54 ? 361 PRO A O   1 
ATOM   761  C CB  . PRO A 1 90  ? -6.162  -1.569  9.914   1.00 32.61 ? 361 PRO A CB  1 
ATOM   762  C CG  . PRO A 1 90  ? -5.847  -0.601  11.003  1.00 35.09 ? 361 PRO A CG  1 
ATOM   763  C CD  . PRO A 1 90  ? -4.396  -0.795  11.314  1.00 29.10 ? 361 PRO A CD  1 
ATOM   764  N N   . PRO A 1 91  ? -5.134  -4.322  8.266   1.00 31.00 ? 362 PRO A N   1 
ATOM   765  C CA  . PRO A 1 91  ? -4.637  -4.786  6.962   1.00 32.46 ? 362 PRO A CA  1 
ATOM   766  C C   . PRO A 1 91  ? -5.011  -3.812  5.853   1.00 32.56 ? 362 PRO A C   1 
ATOM   767  O O   . PRO A 1 91  ? -5.965  -3.040  5.955   1.00 32.57 ? 362 PRO A O   1 
ATOM   768  C CB  . PRO A 1 91  ? -5.336  -6.136  6.786   1.00 32.24 ? 362 PRO A CB  1 
ATOM   769  C CG  . PRO A 1 91  ? -6.605  -5.999  7.573   1.00 34.94 ? 362 PRO A CG  1 
ATOM   770  C CD  . PRO A 1 91  ? -6.183  -5.208  8.797   1.00 37.81 ? 362 PRO A CD  1 
ATOM   771  N N   . LEU A 1 92  ? -4.241  -3.868  4.764   1.00 33.58 ? 363 LEU A N   1 
ATOM   772  C CA  . LEU A 1 92  ? -4.435  -2.968  3.624   1.00 31.38 ? 363 LEU A CA  1 
ATOM   773  C C   . LEU A 1 92  ? -4.246  -1.507  4.023   1.00 32.49 ? 363 LEU A C   1 
ATOM   774  O O   . LEU A 1 92  ? -4.964  -0.612  3.570   1.00 31.80 ? 363 LEU A O   1 
ATOM   775  C CB  . LEU A 1 92  ? -5.799  -3.184  2.971   1.00 35.13 ? 363 LEU A CB  1 
ATOM   776  C CG  . LEU A 1 92  ? -5.828  -4.420  2.075   1.00 35.85 ? 363 LEU A CG  1 
ATOM   777  C CD1 . LEU A 1 92  ? -7.199  -4.558  1.425   1.00 41.10 ? 363 LEU A CD1 1 
ATOM   778  C CD2 . LEU A 1 92  ? -4.716  -4.323  1.034   1.00 44.81 ? 363 LEU A CD2 1 
ATOM   779  N N   . THR A 1 93  ? -3.269  -1.259  4.884   1.00 28.30 ? 364 THR A N   1 
ATOM   780  C CA  . THR A 1 93  ? -2.858  0.105   5.171   1.00 27.75 ? 364 THR A CA  1 
ATOM   781  C C   . THR A 1 93  ? -1.789  0.595   4.204   1.00 30.99 ? 364 THR A C   1 
ATOM   782  O O   . THR A 1 93  ? -1.908  1.695   3.656   1.00 32.97 ? 364 THR A O   1 
ATOM   783  C CB  . THR A 1 93  ? -2.348  0.204   6.610   1.00 29.12 ? 364 THR A CB  1 
ATOM   784  O OG1 . THR A 1 93  ? -3.460  0.021   7.498   1.00 32.18 ? 364 THR A OG1 1 
ATOM   785  C CG2 . THR A 1 93  ? -1.755  1.582   6.826   1.00 28.30 ? 364 THR A CG2 1 
ATOM   786  N N   . LEU A 1 94  ? -0.780  -0.235  3.945   1.00 29.09 ? 365 LEU A N   1 
ATOM   787  C CA  . LEU A 1 94  ? 0.383   0.174   3.168   1.00 31.00 ? 365 LEU A CA  1 
ATOM   788  C C   . LEU A 1 94  ? 0.111   0.098   1.669   1.00 31.84 ? 365 LEU A C   1 
ATOM   789  O O   . LEU A 1 94  ? 0.524   0.984   0.917   1.00 27.05 ? 365 LEU A O   1 
ATOM   790  C CB  . LEU A 1 94  ? 1.583   -0.696  3.558   1.00 29.54 ? 365 LEU A CB  1 
ATOM   791  C CG  . LEU A 1 94  ? 2.965   -0.518  2.920   1.00 34.28 ? 365 LEU A CG  1 
ATOM   792  C CD1 . LEU A 1 94  ? 3.500   0.912   3.045   1.00 35.54 ? 365 LEU A CD1 1 
ATOM   793  C CD2 . LEU A 1 94  ? 3.958   -1.510  3.539   1.00 33.69 ? 365 LEU A CD2 1 
ATOM   794  N N   . GLN A 1 95  ? -0.601  -0.932  1.220   1.00 30.19 ? 366 GLN A N   1 
ATOM   795  C CA  . GLN A 1 95  ? -0.812  -1.101  -0.222  1.00 34.87 ? 366 GLN A CA  1 
ATOM   796  C C   . GLN A 1 95  ? -1.451  0.104   -0.894  1.00 32.82 ? 366 GLN A C   1 
ATOM   797  O O   . GLN A 1 95  ? -0.976  0.497   -1.976  1.00 32.76 ? 366 GLN A O   1 
ATOM   798  C CB  . GLN A 1 95  ? -1.623  -2.369  -0.493  1.00 37.40 ? 366 GLN A CB  1 
ATOM   799  C CG  . GLN A 1 95  ? -0.792  -3.595  -0.831  1.00 43.43 ? 366 GLN A CG  1 
ATOM   800  C CD  . GLN A 1 95  ? 0.487   -3.265  -1.598  1.00 41.98 ? 366 GLN A CD  1 
ATOM   801  O OE1 . GLN A 1 95  ? 1.584   -3.595  -1.152  1.00 36.70 ? 366 GLN A OE1 1 
ATOM   802  N NE2 . GLN A 1 95  ? 0.345   -2.644  -2.767  1.00 50.62 ? 366 GLN A NE2 1 
ATOM   803  N N   . PRO A 1 96  ? -2.515  0.725   -0.357  1.00 34.73 ? 367 PRO A N   1 
ATOM   804  C CA  . PRO A 1 96  ? -3.066  1.915   -1.030  1.00 30.16 ? 367 PRO A CA  1 
ATOM   805  C C   . PRO A 1 96  ? -2.082  3.059   -1.154  1.00 30.09 ? 367 PRO A C   1 
ATOM   806  O O   . PRO A 1 96  ? -2.135  3.823   -2.134  1.00 30.75 ? 367 PRO A O   1 
ATOM   807  C CB  . PRO A 1 96  ? -4.262  2.292   -0.140  1.00 36.21 ? 367 PRO A CB  1 
ATOM   808  C CG  . PRO A 1 96  ? -4.654  0.994   0.515   1.00 33.89 ? 367 PRO A CG  1 
ATOM   809  C CD  . PRO A 1 96  ? -3.375  0.279   0.757   1.00 27.81 ? 367 PRO A CD  1 
ATOM   810  N N   . LEU A 1 97  ? -1.219  3.237   -0.154  1.00 30.17 ? 368 LEU A N   1 
ATOM   811  C CA  . LEU A 1 97  ? -0.188  4.264   -0.236  1.00 27.66 ? 368 LEU A CA  1 
ATOM   812  C C   . LEU A 1 97  ? 0.810   3.946   -1.337  1.00 28.28 ? 368 LEU A C   1 
ATOM   813  O O   . LEU A 1 97  ? 1.223   4.837   -2.090  1.00 28.20 ? 368 LEU A O   1 
ATOM   814  C CB  . LEU A 1 97  ? 0.533   4.380   1.104   1.00 29.76 ? 368 LEU A CB  1 
ATOM   815  C CG  . LEU A 1 97  ? -0.054  5.405   2.083   1.00 37.48 ? 368 LEU A CG  1 
ATOM   816  C CD1 . LEU A 1 97  ? -1.558  5.321   2.158   1.00 38.93 ? 368 LEU A CD1 1 
ATOM   817  C CD2 . LEU A 1 97  ? 0.531   5.161   3.427   1.00 32.02 ? 368 LEU A CD2 1 
ATOM   818  N N   . ILE A 1 98  ? 1.237   2.685   -1.415  1.00 28.03 ? 369 ILE A N   1 
ATOM   819  C CA  . ILE A 1 98  ? 2.196   2.291   -2.443  1.00 25.61 ? 369 ILE A CA  1 
ATOM   820  C C   . ILE A 1 98  ? 1.577   2.429   -3.834  1.00 28.45 ? 369 ILE A C   1 
ATOM   821  O O   . ILE A 1 98  ? 2.229   2.904   -4.774  1.00 30.49 ? 369 ILE A O   1 
ATOM   822  C CB  . ILE A 1 98  ? 2.698   0.863   -2.174  1.00 29.55 ? 369 ILE A CB  1 
ATOM   823  C CG1 . ILE A 1 98  ? 3.555   0.847   -0.904  1.00 27.09 ? 369 ILE A CG1 1 
ATOM   824  C CG2 . ILE A 1 98  ? 3.545   0.346   -3.341  1.00 29.09 ? 369 ILE A CG2 1 
ATOM   825  C CD1 . ILE A 1 98  ? 3.950   -0.548  -0.459  1.00 29.98 ? 369 ILE A CD1 1 
ATOM   826  N N   . GLU A 1 99  ? 0.323   2.016   -3.990  1.00 30.08 ? 370 GLU A N   1 
ATOM   827  C CA  . GLU A 1 99  ? -0.309  2.127   -5.304  1.00 30.93 ? 370 GLU A CA  1 
ATOM   828  C C   . GLU A 1 99  ? -0.468  3.587   -5.708  1.00 33.08 ? 370 GLU A C   1 
ATOM   829  O O   . GLU A 1 99  ? -0.286  3.936   -6.882  1.00 35.70 ? 370 GLU A O   1 
ATOM   830  C CB  . GLU A 1 99  ? -1.661  1.401   -5.296  1.00 36.34 ? 370 GLU A CB  1 
ATOM   831  C CG  . GLU A 1 99  ? -1.522  -0.103  -4.978  1.00 46.01 ? 370 GLU A CG  1 
ATOM   832  C CD  . GLU A 1 99  ? -2.722  -0.948  -5.392  1.00 55.56 ? 370 GLU A CD  1 
ATOM   833  O OE1 . GLU A 1 99  ? -3.871  -0.559  -5.093  1.00 50.76 ? 370 GLU A OE1 1 
ATOM   834  O OE2 . GLU A 1 99  ? -2.502  -2.012  -6.022  1.00 54.86 ? 370 GLU A OE2 1 
ATOM   835  N N   . ASN A 1 100 ? -0.804  4.453   -4.748  1.00 29.38 ? 371 ASN A N   1 
ATOM   836  C CA  . ASN A 1 100 ? -0.824  5.894   -4.992  1.00 34.20 ? 371 ASN A CA  1 
ATOM   837  C C   . ASN A 1 100 ? 0.528   6.383   -5.519  1.00 32.69 ? 371 ASN A C   1 
ATOM   838  O O   . ASN A 1 100 ? 0.602   7.087   -6.538  1.00 34.21 ? 371 ASN A O   1 
ATOM   839  C CB  . ASN A 1 100 ? -1.220  6.602   -3.688  1.00 36.93 ? 371 ASN A CB  1 
ATOM   840  C CG  . ASN A 1 100 ? -1.383  8.098   -3.837  1.00 42.84 ? 371 ASN A CG  1 
ATOM   841  O OD1 . ASN A 1 100 ? -2.245  8.573   -4.574  1.00 45.54 ? 371 ASN A OD1 1 
ATOM   842  N ND2 . ASN A 1 100 ? -0.570  8.857   -3.103  1.00 39.80 ? 371 ASN A ND2 1 
ATOM   843  N N   . ALA A 1 101 ? 1.615   6.016   -4.835  1.00 27.06 ? 372 ALA A N   1 
ATOM   844  C CA  . ALA A 1 101 ? 2.940   6.464   -5.242  1.00 27.66 ? 372 ALA A CA  1 
ATOM   845  C C   . ALA A 1 101 ? 3.344   5.882   -6.589  1.00 27.83 ? 372 ALA A C   1 
ATOM   846  O O   . ALA A 1 101 ? 4.050   6.540   -7.363  1.00 31.60 ? 372 ALA A O   1 
ATOM   847  C CB  . ALA A 1 101 ? 3.961   6.064   -4.184  1.00 27.16 ? 372 ALA A CB  1 
ATOM   848  N N   . PHE A 1 102 ? 2.904   4.657   -6.880  1.00 27.37 ? 373 PHE A N   1 
ATOM   849  C CA  . PHE A 1 102 ? 3.266   4.019   -8.140  1.00 31.32 ? 373 PHE A CA  1 
ATOM   850  C C   . PHE A 1 102 ? 2.582   4.710   -9.313  1.00 32.10 ? 373 PHE A C   1 
ATOM   851  O O   . PHE A 1 102 ? 3.218   5.010   -10.331 1.00 33.12 ? 373 PHE A O   1 
ATOM   852  C CB  . PHE A 1 102 ? 2.888   2.543   -8.100  1.00 31.41 ? 373 PHE A CB  1 
ATOM   853  C CG  . PHE A 1 102 ? 2.975   1.866   -9.439  1.00 33.41 ? 373 PHE A CG  1 
ATOM   854  C CD1 . PHE A 1 102 ? 4.199   1.466   -9.928  1.00 33.78 ? 373 PHE A CD1 1 
ATOM   855  C CD2 . PHE A 1 102 ? 1.831   1.650   -10.201 1.00 35.71 ? 373 PHE A CD2 1 
ATOM   856  C CE1 . PHE A 1 102 ? 4.290   0.838   -11.168 1.00 40.92 ? 373 PHE A CE1 1 
ATOM   857  C CE2 . PHE A 1 102 ? 1.918   1.023   -11.443 1.00 35.02 ? 373 PHE A CE2 1 
ATOM   858  C CZ  . PHE A 1 102 ? 3.145   0.629   -11.916 1.00 35.21 ? 373 PHE A CZ  1 
ATOM   859  N N   . ILE A 1 103 ? 1.281   4.953   -9.193  1.00 33.55 ? 374 ILE A N   1 
ATOM   860  C CA  . ILE A 1 103 ? 0.566   5.692   -10.237 1.00 39.97 ? 374 ILE A CA  1 
ATOM   861  C C   . ILE A 1 103 ? 1.186   7.075   -10.437 1.00 36.90 ? 374 ILE A C   1 
ATOM   862  O O   . ILE A 1 103 ? 1.428   7.502   -11.572 1.00 41.13 ? 374 ILE A O   1 
ATOM   863  C CB  . ILE A 1 103 ? -0.932  5.782   -9.900  1.00 42.82 ? 374 ILE A CB  1 
ATOM   864  C CG1 . ILE A 1 103 ? -1.513  4.385   -9.697  1.00 42.06 ? 374 ILE A CG1 1 
ATOM   865  C CG2 . ILE A 1 103 ? -1.676  6.508   -11.004 1.00 42.93 ? 374 ILE A CG2 1 
ATOM   866  C CD1 . ILE A 1 103 ? -1.240  3.434   -10.846 1.00 44.09 ? 374 ILE A CD1 1 
ATOM   867  N N   . HIS A 1 104 ? 1.471   7.786   -9.338  1.00 35.97 ? 375 HIS A N   1 
ATOM   868  C CA  . HIS A 1 104 ? 2.184   9.064   -9.424  1.00 38.60 ? 375 HIS A CA  1 
ATOM   869  C C   . HIS A 1 104 ? 3.442   8.952   -10.280 1.00 37.93 ? 375 HIS A C   1 
ATOM   870  O O   . HIS A 1 104 ? 3.705   9.799   -11.142 1.00 38.68 ? 375 HIS A O   1 
ATOM   871  C CB  . HIS A 1 104 ? 2.563   9.565   -8.025  1.00 37.84 ? 375 HIS A CB  1 
ATOM   872  C CG  . HIS A 1 104 ? 1.421   10.147  -7.255  1.00 40.42 ? 375 HIS A CG  1 
ATOM   873  N ND1 . HIS A 1 104 ? 1.549   10.582  -5.951  1.00 39.22 ? 375 HIS A ND1 1 
ATOM   874  C CD2 . HIS A 1 104 ? 0.127   10.351  -7.597  1.00 41.33 ? 375 HIS A CD2 1 
ATOM   875  C CE1 . HIS A 1 104 ? 0.382   11.040  -5.530  1.00 48.18 ? 375 HIS A CE1 1 
ATOM   876  N NE2 . HIS A 1 104 ? -0.494  10.914  -6.512  1.00 43.28 ? 375 HIS A NE2 1 
ATOM   877  N N   . GLY A 1 105 ? 4.241   7.913   -10.040 1.00 34.89 ? 376 GLY A N   1 
ATOM   878  C CA  . GLY A 1 105 ? 5.508   7.787   -10.736 1.00 33.18 ? 376 GLY A CA  1 
ATOM   879  C C   . GLY A 1 105 ? 5.347   7.390   -12.193 1.00 40.17 ? 376 GLY A C   1 
ATOM   880  O O   . GLY A 1 105 ? 5.913   8.039   -13.076 1.00 35.96 ? 376 GLY A O   1 
ATOM   881  N N   . ILE A 1 106 ? 4.559   6.337   -12.468 1.00 36.87 ? 377 ILE A N   1 
ATOM   882  C CA  . ILE A 1 106 ? 4.389   5.875   -13.848 1.00 38.38 ? 377 ILE A CA  1 
ATOM   883  C C   . ILE A 1 106 ? 3.721   6.975   -14.664 1.00 38.90 ? 377 ILE A C   1 
ATOM   884  O O   . ILE A 1 106 ? 3.958   7.117   -15.869 1.00 44.86 ? 377 ILE A O   1 
ATOM   885  C CB  . ILE A 1 106 ? 3.585   4.553   -13.884 1.00 39.88 ? 377 ILE A CB  1 
ATOM   886  C CG1 . ILE A 1 106 ? 4.440   3.409   -13.419 1.00 42.63 ? 377 ILE A CG1 1 
ATOM   887  C CG2 . ILE A 1 106 ? 3.053   4.278   -15.282 1.00 51.72 ? 377 ILE A CG2 1 
ATOM   888  C CD1 . ILE A 1 106 ? 5.846   3.391   -13.948 1.00 43.84 ? 377 ILE A CD1 1 
ATOM   889  N N   . GLU A 1 107 ? 2.877   7.780   -14.019 1.00 36.08 ? 378 GLU A N   1 
ATOM   890  C CA  . GLU A 1 107 ? 2.307   8.953   -14.668 1.00 44.10 ? 378 GLU A CA  1 
ATOM   891  C C   . GLU A 1 107 ? 3.247   10.137  -14.726 1.00 47.13 ? 378 GLU A C   1 
ATOM   892  O O   . GLU A 1 107 ? 2.949   11.088  -15.449 1.00 51.14 ? 378 GLU A O   1 
ATOM   893  C CB  . GLU A 1 107 ? 1.024   9.426   -13.980 1.00 42.85 ? 378 GLU A CB  1 
ATOM   894  C CG  . GLU A 1 107 ? -0.104  8.616   -14.308 1.00 47.22 ? 378 GLU A CG  1 
ATOM   895  C CD  . GLU A 1 107 ? -1.365  9.080   -13.656 1.00 48.20 ? 378 GLU A CD  1 
ATOM   896  O OE1 . GLU A 1 107 ? -1.336  10.052  -12.873 1.00 55.66 ? 378 GLU A OE1 1 
ATOM   897  O OE2 . GLU A 1 107 ? -2.398  8.434   -13.931 1.00 60.80 ? 378 GLU A OE2 1 
ATOM   898  N N   . THR A 1 108 ? 4.326   10.168  -13.981 1.00 38.64 ? 379 THR A N   1 
ATOM   899  C CA  . THR A 1 108 ? 5.125   11.334  -14.285 1.00 35.82 ? 379 THR A CA  1 
ATOM   900  C C   . THR A 1 108 ? 6.292   11.013  -15.215 1.00 36.31 ? 379 THR A C   1 
ATOM   901  O O   . THR A 1 108 ? 6.737   11.873  -15.988 1.00 37.95 ? 379 THR A O   1 
ATOM   902  C CB  . THR A 1 108 ? 5.640   11.935  -12.988 1.00 31.72 ? 379 THR A CB  1 
ATOM   903  O OG1 . THR A 1 108 ? 4.554   12.427  -12.205 1.00 38.45 ? 379 THR A OG1 1 
ATOM   904  C CG2 . THR A 1 108 ? 6.599   13.092  -13.268 1.00 33.20 ? 379 THR A CG2 1 
ATOM   905  N N   . TYR A 1 109 ? 6.787   9.785   -15.200 1.00 31.86 ? 380 TYR A N   1 
ATOM   906  C CA  . TYR A 1 109 ? 8.046   9.473   -15.857 1.00 30.30 ? 380 TYR A CA  1 
ATOM   907  C C   . TYR A 1 109 ? 7.888   8.400   -16.920 1.00 40.01 ? 380 TYR A C   1 
ATOM   908  O O   . TYR A 1 109 ? 7.191   7.402   -16.710 1.00 39.58 ? 380 TYR A O   1 
ATOM   909  C CB  . TYR A 1 109 ? 9.078   8.992   -14.848 1.00 33.97 ? 380 TYR A CB  1 
ATOM   910  C CG  . TYR A 1 109 ? 9.508   10.052  -13.865 1.00 31.88 ? 380 TYR A CG  1 
ATOM   911  C CD1 . TYR A 1 109 ? 10.550  10.923  -14.160 1.00 36.66 ? 380 TYR A CD1 1 
ATOM   912  C CD2 . TYR A 1 109 ? 8.864   10.177  -12.637 1.00 32.23 ? 380 TYR A CD2 1 
ATOM   913  C CE1 . TYR A 1 109 ? 10.948  11.889  -13.259 1.00 36.37 ? 380 TYR A CE1 1 
ATOM   914  C CE2 . TYR A 1 109 ? 9.252   11.139  -11.734 1.00 32.08 ? 380 TYR A CE2 1 
ATOM   915  C CZ  . TYR A 1 109 ? 10.294  11.994  -12.055 1.00 37.73 ? 380 TYR A CZ  1 
ATOM   916  O OH  . TYR A 1 109 ? 10.695  12.962  -11.167 1.00 38.48 ? 380 TYR A OH  1 
ATOM   917  N N   . GLU A 1 110 ? 8.563   8.605   -18.058 1.00 40.51 ? 381 GLU A N   1 
ATOM   918  C CA  . GLU A 1 110 ? 8.810   7.498   -18.979 1.00 44.02 ? 381 GLU A CA  1 
ATOM   919  C C   . GLU A 1 110 ? 9.883   6.575   -18.414 1.00 41.11 ? 381 GLU A C   1 
ATOM   920  O O   . GLU A 1 110 ? 9.725   5.350   -18.396 1.00 46.33 ? 381 GLU A O   1 
ATOM   921  C CB  . GLU A 1 110 ? 9.220   8.036   -20.360 1.00 46.96 ? 381 GLU A CB  1 
ATOM   922  C CG  . GLU A 1 110 ? 9.475   6.963   -21.406 1.00 54.23 ? 381 GLU A CG  1 
ATOM   923  C CD  . GLU A 1 110 ? 8.278   6.059   -21.605 1.00 56.07 ? 381 GLU A CD  1 
ATOM   924  O OE1 . GLU A 1 110 ? 8.449   4.820   -21.560 1.00 61.97 ? 381 GLU A OE1 1 
ATOM   925  O OE2 . GLU A 1 110 ? 7.168   6.595   -21.799 1.00 58.60 ? 381 GLU A OE2 1 
ATOM   926  N N   . GLN A 1 111 ? 10.983  7.158   -17.961 1.00 38.30 ? 382 GLN A N   1 
ATOM   927  C CA  . GLN A 1 111 ? 11.990  6.491   -17.153 1.00 40.76 ? 382 GLN A CA  1 
ATOM   928  C C   . GLN A 1 111 ? 12.359  7.442   -16.031 1.00 40.25 ? 382 GLN A C   1 
ATOM   929  O O   . GLN A 1 111 ? 12.382  8.654   -16.230 1.00 36.48 ? 382 GLN A O   1 
ATOM   930  C CB  . GLN A 1 111 ? 13.260  6.157   -17.949 1.00 44.01 ? 382 GLN A CB  1 
ATOM   931  C CG  . GLN A 1 111 ? 13.043  5.318   -19.190 1.00 52.04 ? 382 GLN A CG  1 
ATOM   932  C CD  . GLN A 1 111 ? 14.114  5.565   -20.237 1.00 65.22 ? 382 GLN A CD  1 
ATOM   933  O OE1 . GLN A 1 111 ? 15.303  5.379   -19.974 1.00 66.95 ? 382 GLN A OE1 1 
ATOM   934  N NE2 . GLN A 1 111 ? 13.698  5.988   -21.430 1.00 67.39 ? 382 GLN A NE2 1 
ATOM   935  N N   . GLY A 1 112 ? 12.658  6.899   -14.855 1.00 35.23 ? 383 GLY A N   1 
ATOM   936  C CA  . GLY A 1 112 ? 13.159  7.720   -13.766 1.00 32.79 ? 383 GLY A CA  1 
ATOM   937  C C   . GLY A 1 112 ? 12.262  7.785   -12.547 1.00 30.98 ? 383 GLY A C   1 
ATOM   938  O O   . GLY A 1 112 ? 12.609  8.489   -11.592 1.00 30.54 ? 383 GLY A O   1 
ATOM   939  N N   . ALA A 1 113 ? 11.122  7.105   -12.516 1.00 32.89 ? 384 ALA A N   1 
ATOM   940  C CA  . ALA A 1 113 ? 10.297  7.153   -11.316 1.00 26.86 ? 384 ALA A CA  1 
ATOM   941  C C   . ALA A 1 113 ? 11.002  6.426   -10.180 1.00 32.27 ? 384 ALA A C   1 
ATOM   942  O O   . ALA A 1 113 ? 11.800  5.501   -10.393 1.00 28.19 ? 384 ALA A O   1 
ATOM   943  C CB  . ALA A 1 113 ? 8.928   6.540   -11.573 1.00 30.05 ? 384 ALA A CB  1 
ATOM   944  N N   . GLU A 1 114 ? 10.723  6.885   -8.967  1.00 30.00 ? 385 GLU A N   1 
ATOM   945  C CA  . GLU A 1 114 ? 11.253  6.302   -7.751  1.00 28.73 ? 385 GLU A CA  1 
ATOM   946  C C   . GLU A 1 114 ? 10.106  6.179   -6.762  1.00 29.81 ? 385 GLU A C   1 
ATOM   947  O O   . GLU A 1 114 ? 9.235   7.056   -6.687  1.00 28.01 ? 385 GLU A O   1 
ATOM   948  C CB  . GLU A 1 114 ? 12.390  7.156   -7.162  1.00 31.53 ? 385 GLU A CB  1 
ATOM   949  C CG  . GLU A 1 114 ? 13.694  7.040   -7.909  1.00 36.95 ? 385 GLU A CG  1 
ATOM   950  C CD  . GLU A 1 114 ? 14.681  8.142   -7.566  1.00 45.44 ? 385 GLU A CD  1 
ATOM   951  O OE1 . GLU A 1 114 ? 14.468  8.852   -6.562  1.00 50.54 ? 385 GLU A OE1 1 
ATOM   952  O OE2 . GLU A 1 114 ? 15.672  8.299   -8.309  1.00 49.78 ? 385 GLU A OE2 1 
ATOM   953  N N   . LEU A 1 115 ? 10.080  5.059   -6.051  1.00 27.42 ? 386 LEU A N   1 
ATOM   954  C CA  . LEU A 1 115 ? 9.089   4.807   -5.010  1.00 24.99 ? 386 LEU A CA  1 
ATOM   955  C C   . LEU A 1 115 ? 9.846   4.214   -3.840  1.00 30.92 ? 386 LEU A C   1 
ATOM   956  O O   . LEU A 1 115 ? 10.455  3.157   -3.993  1.00 28.35 ? 386 LEU A O   1 
ATOM   957  C CB  . LEU A 1 115 ? 8.017   3.836   -5.494  1.00 29.27 ? 386 LEU A CB  1 
ATOM   958  C CG  . LEU A 1 115 ? 6.722   3.705   -4.701  1.00 33.20 ? 386 LEU A CG  1 
ATOM   959  C CD1 . LEU A 1 115 ? 5.704   3.022   -5.594  1.00 30.42 ? 386 LEU A CD1 1 
ATOM   960  C CD2 . LEU A 1 115 ? 6.935   2.908   -3.409  1.00 31.95 ? 386 LEU A CD2 1 
ATOM   961  N N   . SER A 1 116 ? 9.787   4.859   -2.683  1.00 27.23 ? 387 SER A N   1 
ATOM   962  C CA  . SER A 1 116 ? 10.526  4.364   -1.529  1.00 26.97 ? 387 SER A CA  1 
ATOM   963  C C   . SER A 1 116 ? 9.581   4.192   -0.343  1.00 29.30 ? 387 SER A C   1 
ATOM   964  O O   . SER A 1 116 ? 8.655   4.981   -0.154  1.00 27.76 ? 387 SER A O   1 
ATOM   965  C CB  . SER A 1 116 ? 11.696  5.303   -1.201  1.00 31.56 ? 387 SER A CB  1 
ATOM   966  O OG  . SER A 1 116 ? 11.272  6.412   -0.441  1.00 41.34 ? 387 SER A OG  1 
ATOM   967  N N   . VAL A 1 117 ? 9.771   3.112   0.407   1.00 27.64 ? 388 VAL A N   1 
ATOM   968  C CA  . VAL A 1 117 ? 8.998   2.837   1.613   1.00 28.95 ? 388 VAL A CA  1 
ATOM   969  C C   . VAL A 1 117 ? 9.991   2.723   2.751   1.00 28.84 ? 388 VAL A C   1 
ATOM   970  O O   . VAL A 1 117 ? 10.969  1.980   2.631   1.00 26.51 ? 388 VAL A O   1 
ATOM   971  C CB  . VAL A 1 117 ? 8.179   1.539   1.494   1.00 27.33 ? 388 VAL A CB  1 
ATOM   972  C CG1 . VAL A 1 117 ? 7.432   1.254   2.804   1.00 28.66 ? 388 VAL A CG1 1 
ATOM   973  C CG2 . VAL A 1 117 ? 7.170   1.616   0.316   1.00 28.04 ? 388 VAL A CG2 1 
ATOM   974  N N   . SER A 1 118 ? 9.741   3.440   3.861   1.00 25.85 ? 389 SER A N   1 
ATOM   975  C CA  . SER A 1 118 ? 10.612  3.344   5.032   1.00 27.86 ? 389 SER A CA  1 
ATOM   976  C C   . SER A 1 118 ? 9.774   3.197   6.293   1.00 25.60 ? 389 SER A C   1 
ATOM   977  O O   . SER A 1 118 ? 8.728   3.838   6.429   1.00 25.40 ? 389 SER A O   1 
ATOM   978  C CB  . SER A 1 118 ? 11.526  4.564   5.169   1.00 32.66 ? 389 SER A CB  1 
ATOM   979  O OG  . SER A 1 118 ? 12.083  4.936   3.924   1.00 43.87 ? 389 SER A OG  1 
ATOM   980  N N   . VAL A 1 119 ? 10.233  2.344   7.207   1.00 25.67 ? 390 VAL A N   1 
ATOM   981  C CA  . VAL A 1 119 ? 9.516   2.063   8.448   1.00 27.91 ? 390 VAL A CA  1 
ATOM   982  C C   . VAL A 1 119 ? 10.512  2.217   9.582   1.00 24.78 ? 390 VAL A C   1 
ATOM   983  O O   . VAL A 1 119 ? 11.529  1.523   9.600   1.00 26.74 ? 390 VAL A O   1 
ATOM   984  C CB  . VAL A 1 119 ? 8.897   0.656   8.455   1.00 25.05 ? 390 VAL A CB  1 
ATOM   985  C CG1 . VAL A 1 119 ? 8.241   0.361   9.801   1.00 29.02 ? 390 VAL A CG1 1 
ATOM   986  C CG2 . VAL A 1 119 ? 7.874   0.486   7.303   1.00 26.53 ? 390 VAL A CG2 1 
ATOM   987  N N   . PHE A 1 120 ? 10.257  3.133   10.494  1.00 25.50 ? 391 PHE A N   1 
ATOM   988  C CA  . PHE A 1 120 ? 11.227  3.373   11.580  1.00 24.14 ? 391 PHE A CA  1 
ATOM   989  C C   . PHE A 1 120 ? 10.553  3.978   12.804  1.00 27.23 ? 391 PHE A C   1 
ATOM   990  O O   . PHE A 1 120 ? 9.510   4.480   12.712  1.00 28.38 ? 391 PHE A O   1 
ATOM   991  C CB  . PHE A 1 120 ? 12.352  4.285   11.106  1.00 25.51 ? 391 PHE A CB  1 
ATOM   992  C CG  . PHE A 1 120 ? 11.919  5.588   10.493  1.00 29.62 ? 391 PHE A CG  1 
ATOM   993  C CD1 . PHE A 1 120 ? 11.624  5.668   9.154   1.00 31.26 ? 391 PHE A CD1 1 
ATOM   994  C CD2 . PHE A 1 120 ? 11.785  6.724   11.262  1.00 30.59 ? 391 PHE A CD2 1 
ATOM   995  C CE1 . PHE A 1 120 ? 11.216  6.861   8.601   1.00 35.29 ? 391 PHE A CE1 1 
ATOM   996  C CE2 . PHE A 1 120 ? 11.397  7.919   10.703  1.00 33.84 ? 391 PHE A CE2 1 
ATOM   997  C CZ  . PHE A 1 120 ? 11.118  7.988   9.370   1.00 33.38 ? 391 PHE A CZ  1 
ATOM   998  N N   . ALA A 1 121 ? 11.236  3.934   13.924  1.00 29.06 ? 392 ALA A N   1 
ATOM   999  C CA  . ALA A 1 121 ? 10.688  4.464   15.180  1.00 29.31 ? 392 ALA A CA  1 
ATOM   1000 C C   . ALA A 1 121 ? 11.062  5.924   15.326  1.00 29.95 ? 392 ALA A C   1 
ATOM   1001 O O   . ALA A 1 121 ? 12.139  6.288   15.001  1.00 34.57 ? 392 ALA A O   1 
ATOM   1002 C CB  . ALA A 1 121 ? 11.240  3.696   16.343  1.00 29.37 ? 392 ALA A CB  1 
ATOM   1003 N N   . GLU A 1 122 ? 10.147  6.686   15.871  1.00 28.44 ? 393 GLU A N   1 
ATOM   1004 C CA  . GLU A 1 122 ? 10.423  8.086   16.181  1.00 35.88 ? 393 GLU A CA  1 
ATOM   1005 C C   . GLU A 1 122 ? 9.581   8.514   17.389  1.00 37.27 ? 393 GLU A C   1 
ATOM   1006 O O   . GLU A 1 122 ? 8.418   8.500   17.295  1.00 36.40 ? 393 GLU A O   1 
ATOM   1007 C CB  . GLU A 1 122 ? 10.278  8.962   14.956  1.00 35.16 ? 393 GLU A CB  1 
ATOM   1008 C CG  . GLU A 1 122 ? 10.850  10.311  15.210  1.00 44.97 ? 393 GLU A CG  1 
ATOM   1009 C CD  . GLU A 1 122 ? 11.010  11.208  14.019  1.00 52.09 ? 393 GLU A CD  1 
ATOM   1010 O OE1 . GLU A 1 122 ? 11.549  10.787  13.048  1.00 53.92 ? 393 GLU A OE1 1 
ATOM   1011 O OE2 . GLU A 1 122 ? 10.620  12.329  14.114  1.00 60.86 ? 393 GLU A OE2 1 
ATOM   1012 N N   . ASN A 1 123 ? 10.240  8.728   18.515  1.00 49.30 ? 394 ASN A N   1 
ATOM   1013 C CA  . ASN A 1 123 ? 9.689   9.211   19.817  1.00 48.17 ? 394 ASN A CA  1 
ATOM   1014 C C   . ASN A 1 123 ? 8.334   8.614   20.229  1.00 45.72 ? 394 ASN A C   1 
ATOM   1015 O O   . ASN A 1 123 ? 7.435   9.375   20.444  1.00 48.98 ? 394 ASN A O   1 
ATOM   1016 C CB  . ASN A 1 123 ? 9.580   10.730  19.785  1.00 48.88 ? 394 ASN A CB  1 
ATOM   1017 C CG  . ASN A 1 123 ? 10.894  11.416  19.512  1.00 51.15 ? 394 ASN A CG  1 
ATOM   1018 O OD1 . ASN A 1 123 ? 11.944  10.970  19.933  1.00 62.91 ? 394 ASN A OD1 1 
ATOM   1019 N ND2 . ASN A 1 123 ? 10.833  12.512  18.802  1.00 55.07 ? 394 ASN A ND2 1 
ATOM   1020 N N   . GLY A 1 124 ? 8.206   7.319   20.421  1.00 40.61 ? 395 GLY A N   1 
ATOM   1021 C CA  . GLY A 1 124 ? 6.881   6.819   20.805  1.00 32.34 ? 395 GLY A CA  1 
ATOM   1022 C C   . GLY A 1 124 ? 5.987   6.490   19.624  1.00 36.71 ? 395 GLY A C   1 
ATOM   1023 O O   . GLY A 1 124 ? 4.914   6.012   19.847  1.00 35.84 ? 395 GLY A O   1 
ATOM   1024 N N   . ARG A 1 125 ? 6.409   6.765   18.405  1.00 32.57 ? 396 ARG A N   1 
ATOM   1025 C CA  . ARG A 1 125 ? 5.538   6.396   17.272  1.00 28.55 ? 396 ARG A CA  1 
ATOM   1026 C C   . ARG A 1 125 ? 6.307   5.518   16.288  1.00 30.38 ? 396 ARG A C   1 
ATOM   1027 O O   . ARG A 1 125 ? 7.497   5.530   16.337  1.00 30.26 ? 396 ARG A O   1 
ATOM   1028 C CB  . ARG A 1 125 ? 5.093   7.636   16.507  1.00 31.52 ? 396 ARG A CB  1 
ATOM   1029 C CG  . ARG A 1 125 ? 4.149   8.553   17.267  1.00 36.39 ? 396 ARG A CG  1 
ATOM   1030 C CD  . ARG A 1 125 ? 2.684   8.267   17.114  1.00 31.87 ? 396 ARG A CD  1 
ATOM   1031 N NE  . ARG A 1 125 ? 1.856   9.166   17.878  1.00 31.97 ? 396 ARG A NE  1 
ATOM   1032 C CZ  . ARG A 1 125 ? 0.771   9.758   17.424  1.00 39.39 ? 396 ARG A CZ  1 
ATOM   1033 N NH1 . ARG A 1 125 ? 0.384   9.569   16.188  1.00 29.00 ? 396 ARG A NH1 1 
ATOM   1034 N NH2 . ARG A 1 125 ? 0.061   10.540  18.200  1.00 33.91 ? 396 ARG A NH2 1 
ATOM   1035 N N   . VAL A 1 126 ? 5.591   4.719   15.527  1.00 22.89 ? 397 VAL A N   1 
ATOM   1036 C CA  . VAL A 1 126 ? 6.185   4.028   14.377  1.00 28.10 ? 397 VAL A CA  1 
ATOM   1037 C C   . VAL A 1 126 ? 5.846   4.857   13.153  1.00 27.94 ? 397 VAL A C   1 
ATOM   1038 O O   . VAL A 1 126 ? 4.667   5.124   12.897  1.00 30.92 ? 397 VAL A O   1 
ATOM   1039 C CB  . VAL A 1 126 ? 5.651   2.602   14.201  1.00 25.83 ? 397 VAL A CB  1 
ATOM   1040 C CG1 . VAL A 1 126 ? 6.295   1.975   12.952  1.00 26.03 ? 397 VAL A CG1 1 
ATOM   1041 C CG2 . VAL A 1 126 ? 5.924   1.755   15.448  1.00 34.81 ? 397 VAL A CG2 1 
ATOM   1042 N N   . VAL A 1 127 ? 6.864   5.251   12.401  1.00 25.83 ? 398 VAL A N   1 
ATOM   1043 C CA  . VAL A 1 127 ? 6.689   6.059   11.205  1.00 26.46 ? 398 VAL A CA  1 
ATOM   1044 C C   . VAL A 1 127 ? 6.715   5.129   9.995   1.00 27.74 ? 398 VAL A C   1 
ATOM   1045 O O   . VAL A 1 127 ? 7.578   4.257   9.882   1.00 23.97 ? 398 VAL A O   1 
ATOM   1046 C CB  . VAL A 1 127 ? 7.766   7.153   11.110  1.00 31.50 ? 398 VAL A CB  1 
ATOM   1047 C CG1 . VAL A 1 127 ? 7.607   7.964   9.828   1.00 32.00 ? 398 VAL A CG1 1 
ATOM   1048 C CG2 . VAL A 1 127 ? 7.699   8.082   12.347  1.00 32.44 ? 398 VAL A CG2 1 
ATOM   1049 N N   . VAL A 1 128 ? 5.745   5.289   9.105   1.00 27.02 ? 399 VAL A N   1 
ATOM   1050 C CA  . VAL A 1 128 ? 5.736   4.595   7.824   1.00 23.83 ? 399 VAL A CA  1 
ATOM   1051 C C   . VAL A 1 128 ? 5.731   5.697   6.778   1.00 28.80 ? 399 VAL A C   1 
ATOM   1052 O O   . VAL A 1 128 ? 4.792   6.500   6.748   1.00 27.82 ? 399 VAL A O   1 
ATOM   1053 C CB  . VAL A 1 128 ? 4.504   3.681   7.665   1.00 24.21 ? 399 VAL A CB  1 
ATOM   1054 C CG1 . VAL A 1 128 ? 4.482   3.067   6.262   1.00 27.08 ? 399 VAL A CG1 1 
ATOM   1055 C CG2 . VAL A 1 128 ? 4.479   2.565   8.723   1.00 30.72 ? 399 VAL A CG2 1 
ATOM   1056 N N   . GLU A 1 129 ? 6.799   5.788   5.978   1.00 25.55 ? 400 GLU A N   1 
ATOM   1057 C CA  . GLU A 1 129 ? 6.940   6.844   4.972   1.00 27.12 ? 400 GLU A CA  1 
ATOM   1058 C C   . GLU A 1 129 ? 6.861   6.219   3.590   1.00 28.11 ? 400 GLU A C   1 
ATOM   1059 O O   . GLU A 1 129 ? 7.606   5.286   3.297   1.00 26.03 ? 400 GLU A O   1 
ATOM   1060 C CB  . GLU A 1 129 ? 8.279   7.580   5.120   1.00 31.26 ? 400 GLU A CB  1 
ATOM   1061 C CG  . GLU A 1 129 ? 8.250   8.766   6.056   1.00 35.92 ? 400 GLU A CG  1 
ATOM   1062 C CD  . GLU A 1 129 ? 9.600   9.477   6.174   1.00 39.11 ? 400 GLU A CD  1 
ATOM   1063 O OE1 . GLU A 1 129 ? 10.561  9.092   5.483   1.00 41.37 ? 400 GLU A OE1 1 
ATOM   1064 O OE2 . GLU A 1 129 ? 9.691   10.429  6.974   1.00 45.41 ? 400 GLU A OE2 1 
ATOM   1065 N N   . VAL A 1 130 ? 5.956   6.708   2.752   1.00 23.58 ? 401 VAL A N   1 
ATOM   1066 C CA  . VAL A 1 130 ? 5.889   6.259   1.366   1.00 23.93 ? 401 VAL A CA  1 
ATOM   1067 C C   . VAL A 1 130 ? 6.126   7.487   0.505   1.00 24.33 ? 401 VAL A C   1 
ATOM   1068 O O   . VAL A 1 130 ? 5.346   8.448   0.556   1.00 27.52 ? 401 VAL A O   1 
ATOM   1069 C CB  . VAL A 1 130 ? 4.555   5.582   1.026   1.00 27.87 ? 401 VAL A CB  1 
ATOM   1070 C CG1 . VAL A 1 130 ? 4.587   5.090   -0.429  1.00 27.74 ? 401 VAL A CG1 1 
ATOM   1071 C CG2 . VAL A 1 130 ? 4.287   4.408   1.963   1.00 29.93 ? 401 VAL A CG2 1 
ATOM   1072 N N   . ARG A 1 131 ? 7.207   7.466   -0.253  1.00 25.14 ? 402 ARG A N   1 
ATOM   1073 C CA  . ARG A 1 131 ? 7.709   8.638   -0.954  1.00 25.90 ? 402 ARG A CA  1 
ATOM   1074 C C   . ARG A 1 131 ? 7.783   8.339   -2.444  1.00 29.86 ? 402 ARG A C   1 
ATOM   1075 O O   . ARG A 1 131 ? 8.215   7.255   -2.843  1.00 28.42 ? 402 ARG A O   1 
ATOM   1076 C CB  . ARG A 1 131 ? 9.089   9.009   -0.418  1.00 31.61 ? 402 ARG A CB  1 
ATOM   1077 C CG  . ARG A 1 131 ? 9.813   10.088  -1.186  1.00 38.22 ? 402 ARG A CG  1 
ATOM   1078 C CD  . ARG A 1 131 ? 11.293  9.755   -1.314  1.00 45.22 ? 402 ARG A CD  1 
ATOM   1079 N NE  . ARG A 1 131 ? 11.860  10.323  -2.532  1.00 58.92 ? 402 ARG A NE  1 
ATOM   1080 C CZ  . ARG A 1 131 ? 11.909  9.692   -3.703  1.00 48.05 ? 402 ARG A CZ  1 
ATOM   1081 N NH1 . ARG A 1 131 ? 12.449  10.301  -4.752  1.00 53.38 ? 402 ARG A NH1 1 
ATOM   1082 N NH2 . ARG A 1 131 ? 11.423  8.454   -3.823  1.00 38.96 ? 402 ARG A NH2 1 
ATOM   1083 N N   . ASP A 1 132 ? 7.378   9.304   -3.264  1.00 27.96 ? 403 ASP A N   1 
ATOM   1084 C CA  . ASP A 1 132 ? 7.564   9.226   -4.709  1.00 27.02 ? 403 ASP A CA  1 
ATOM   1085 C C   . ASP A 1 132 ? 8.127   10.552  -5.212  1.00 30.59 ? 403 ASP A C   1 
ATOM   1086 O O   . ASP A 1 132 ? 8.068   11.572  -4.522  1.00 32.51 ? 403 ASP A O   1 
ATOM   1087 C CB  . ASP A 1 132 ? 6.255   8.868   -5.432  1.00 27.96 ? 403 ASP A CB  1 
ATOM   1088 C CG  . ASP A 1 132 ? 5.213   9.958   -5.339  1.00 32.06 ? 403 ASP A CG  1 
ATOM   1089 O OD1 . ASP A 1 132 ? 5.394   11.028  -5.956  1.00 35.25 ? 403 ASP A OD1 1 
ATOM   1090 O OD2 . ASP A 1 132 ? 4.176   9.738   -4.689  1.00 31.90 ? 403 ASP A OD2 1 
ATOM   1091 N N   . ASN A 1 133 ? 8.701   10.534  -6.419  1.00 29.39 ? 404 ASN A N   1 
ATOM   1092 C CA  . ASN A 1 133 ? 9.310   11.730  -6.999  1.00 29.19 ? 404 ASN A CA  1 
ATOM   1093 C C   . ASN A 1 133 ? 8.445   12.323  -8.113  1.00 35.42 ? 404 ASN A C   1 
ATOM   1094 O O   . ASN A 1 133 ? 8.963   12.915  -9.058  1.00 37.57 ? 404 ASN A O   1 
ATOM   1095 C CB  . ASN A 1 133 ? 10.720  11.435  -7.512  1.00 31.71 ? 404 ASN A CB  1 
ATOM   1096 C CG  . ASN A 1 133 ? 10.735  10.378  -8.598  1.00 32.74 ? 404 ASN A CG  1 
ATOM   1097 O OD1 . ASN A 1 133 ? 9.781   9.634   -8.746  1.00 28.31 ? 404 ASN A OD1 1 
ATOM   1098 N ND2 . ASN A 1 133 ? 11.830  10.290  -9.337  1.00 35.05 ? 404 ASN A ND2 1 
ATOM   1099 N N   . GLY A 1 134 ? 7.131   12.180  -7.999  1.00 33.40 ? 405 GLY A N   1 
ATOM   1100 C CA  . GLY A 1 134 ? 6.210   12.645  -9.019  1.00 32.63 ? 405 GLY A CA  1 
ATOM   1101 C C   . GLY A 1 134 ? 6.044   14.157  -9.024  1.00 36.55 ? 405 GLY A C   1 
ATOM   1102 O O   . GLY A 1 134 ? 6.804   14.911  -8.420  1.00 37.88 ? 405 GLY A O   1 
ATOM   1103 N N   . VAL A 1 135 ? 5.010   14.604  -9.746  1.00 38.23 ? 406 VAL A N   1 
ATOM   1104 C CA  . VAL A 1 135 ? 4.799   16.043  -9.905  1.00 38.26 ? 406 VAL A CA  1 
ATOM   1105 C C   . VAL A 1 135 ? 4.133   16.698  -8.709  1.00 40.23 ? 406 VAL A C   1 
ATOM   1106 O O   . VAL A 1 135 ? 4.078   17.932  -8.658  1.00 45.52 ? 406 VAL A O   1 
ATOM   1107 C CB  . VAL A 1 135 ? 3.947   16.369  -11.145 1.00 38.33 ? 406 VAL A CB  1 
ATOM   1108 C CG1 . VAL A 1 135 ? 4.601   15.842  -12.381 1.00 42.28 ? 406 VAL A CG1 1 
ATOM   1109 C CG2 . VAL A 1 135 ? 2.549   15.797  -10.995 1.00 39.65 ? 406 VAL A CG2 1 
ATOM   1110 N N   . GLY A 1 136 ? 3.640   15.928  -7.751  1.00 37.61 ? 407 GLY A N   1 
ATOM   1111 C CA  . GLY A 1 136 ? 3.018   16.434  -6.538  1.00 37.95 ? 407 GLY A CA  1 
ATOM   1112 C C   . GLY A 1 136 ? 1.517   16.203  -6.607  1.00 43.07 ? 407 GLY A C   1 
ATOM   1113 O O   . GLY A 1 136 ? 0.908   16.321  -7.675  1.00 43.94 ? 407 GLY A O   1 
ATOM   1114 N N   . MET A 1 137 ? 0.910   15.856  -5.470  1.00 45.72 ? 408 MET A N   1 
ATOM   1115 C CA  . MET A 1 137 ? -0.522  15.596  -5.508  1.00 44.66 ? 408 MET A CA  1 
ATOM   1116 C C   . MET A 1 137 ? -1.298  16.914  -5.571  1.00 47.26 ? 408 MET A C   1 
ATOM   1117 O O   . MET A 1 137 ? -0.773  17.988  -5.270  1.00 46.78 ? 408 MET A O   1 
ATOM   1118 C CB  . MET A 1 137 ? -0.961  14.731  -4.314  1.00 51.64 ? 408 MET A CB  1 
ATOM   1119 C CG  . MET A 1 137 ? -0.825  15.344  -2.929  1.00 46.47 ? 408 MET A CG  1 
ATOM   1120 S SD  . MET A 1 137 ? -1.921  14.594  -1.671  1.00 48.48 ? 408 MET A SD  1 
ATOM   1121 C CE  . MET A 1 137 ? -1.498  12.851  -1.806  1.00 48.65 ? 408 MET A CE  1 
ATOM   1122 N N   . ASP A 1 138 ? -2.553  16.829  -6.017  1.00 43.08 ? 409 ASP A N   1 
ATOM   1123 C CA  . ASP A 1 138 ? -3.361  18.027  -6.206  1.00 47.50 ? 409 ASP A CA  1 
ATOM   1124 C C   . ASP A 1 138 ? -3.643  18.715  -4.876  1.00 43.47 ? 409 ASP A C   1 
ATOM   1125 O O   . ASP A 1 138 ? -3.879  18.060  -3.857  1.00 41.42 ? 409 ASP A O   1 
ATOM   1126 C CB  . ASP A 1 138 ? -4.680  17.682  -6.897  1.00 48.43 ? 409 ASP A CB  1 
ATOM   1127 C CG  . ASP A 1 138 ? -5.688  18.812  -6.812  1.00 56.07 ? 409 ASP A CG  1 
ATOM   1128 O OD1 . ASP A 1 138 ? -5.481  19.861  -7.465  1.00 61.20 ? 409 ASP A OD1 1 
ATOM   1129 O OD2 . ASP A 1 138 ? -6.675  18.657  -6.066  1.00 54.09 ? 409 ASP A OD2 1 
ATOM   1130 N N   . GLU A 1 139 ? -3.642  20.050  -4.902  1.00 41.55 ? 410 GLU A N   1 
ATOM   1131 C CA  . GLU A 1 139 ? -3.746  20.825  -3.668  1.00 46.60 ? 410 GLU A CA  1 
ATOM   1132 C C   . GLU A 1 139 ? -5.099  20.639  -2.993  1.00 42.07 ? 410 GLU A C   1 
ATOM   1133 O O   . GLU A 1 139 ? -5.177  20.578  -1.759  1.00 40.56 ? 410 GLU A O   1 
ATOM   1134 C CB  . GLU A 1 139 ? -3.490  22.301  -3.958  1.00 49.36 ? 410 GLU A CB  1 
ATOM   1135 C CG  . GLU A 1 139 ? -2.019  22.659  -4.005  1.00 57.91 ? 410 GLU A CG  1 
ATOM   1136 C CD  . GLU A 1 139 ? -1.792  24.145  -4.185  1.00 64.19 ? 410 GLU A CD  1 
ATOM   1137 O OE1 . GLU A 1 139 ? -1.522  24.575  -5.326  1.00 64.35 ? 410 GLU A OE1 1 
ATOM   1138 O OE2 . GLU A 1 139 ? -1.895  24.886  -3.185  1.00 68.22 ? 410 GLU A OE2 1 
ATOM   1139 N N   . GLN A 1 140 ? -6.176  20.559  -3.779  1.00 44.22 ? 411 GLN A N   1 
ATOM   1140 C CA  . GLN A 1 140 ? -7.498  20.325  -3.202  1.00 44.92 ? 411 GLN A CA  1 
ATOM   1141 C C   . GLN A 1 140 ? -7.598  18.930  -2.587  1.00 41.35 ? 411 GLN A C   1 
ATOM   1142 O O   . GLN A 1 140 ? -8.172  18.763  -1.505  1.00 39.76 ? 411 GLN A O   1 
ATOM   1143 C CB  . GLN A 1 140 ? -8.575  20.533  -4.274  1.00 47.68 ? 411 GLN A CB  1 
ATOM   1144 C CG  . GLN A 1 140 ? -10.005 20.163  -3.865  1.00 52.40 ? 411 GLN A CG  1 
ATOM   1145 C CD  . GLN A 1 140 ? -10.535 20.938  -2.657  1.00 58.88 ? 411 GLN A CD  1 
ATOM   1146 O OE1 . GLN A 1 140 ? -9.956  21.938  -2.232  1.00 62.44 ? 411 GLN A OE1 1 
ATOM   1147 N NE2 . GLN A 1 140 ? -11.659 20.476  -2.112  1.00 57.65 ? 411 GLN A NE2 1 
ATOM   1148 N N   . VAL A 1 141 ? -7.032  17.921  -3.254  1.00 40.30 ? 412 VAL A N   1 
ATOM   1149 C CA  . VAL A 1 141 ? -7.025  16.566  -2.704  1.00 38.22 ? 412 VAL A CA  1 
ATOM   1150 C C   . VAL A 1 141 ? -6.255  16.539  -1.388  1.00 41.82 ? 412 VAL A C   1 
ATOM   1151 O O   . VAL A 1 141 ? -6.693  15.942  -0.394  1.00 37.39 ? 412 VAL A O   1 
ATOM   1152 C CB  . VAL A 1 141 ? -6.429  15.586  -3.729  1.00 41.32 ? 412 VAL A CB  1 
ATOM   1153 C CG1 . VAL A 1 141 ? -6.120  14.242  -3.088  1.00 42.20 ? 412 VAL A CG1 1 
ATOM   1154 C CG2 . VAL A 1 141 ? -7.378  15.420  -4.902  1.00 47.16 ? 412 VAL A CG2 1 
ATOM   1155 N N   . LYS A 1 142 ? -5.103  17.209  -1.365  1.00 35.48 ? 413 LYS A N   1 
ATOM   1156 C CA  . LYS A 1 142 ? -4.283  17.273  -0.160  1.00 37.91 ? 413 LYS A CA  1 
ATOM   1157 C C   . LYS A 1 142 ? -5.029  17.974  0.970   1.00 36.90 ? 413 LYS A C   1 
ATOM   1158 O O   . LYS A 1 142 ? -5.038  17.503  2.114   1.00 36.44 ? 413 LYS A O   1 
ATOM   1159 C CB  . LYS A 1 142 ? -2.972  17.991  -0.486  1.00 40.74 ? 413 LYS A CB  1 
ATOM   1160 C CG  . LYS A 1 142 ? -2.025  18.165  0.673   1.00 40.09 ? 413 LYS A CG  1 
ATOM   1161 C CD  . LYS A 1 142 ? -0.701  18.706  0.169   1.00 38.73 ? 413 LYS A CD  1 
ATOM   1162 C CE  . LYS A 1 142 ? 0.382   18.563  1.205   1.00 46.54 ? 413 LYS A CE  1 
ATOM   1163 N NZ  . LYS A 1 142 ? 0.223   19.563  2.293   1.00 51.55 ? 413 LYS A NZ  1 
ATOM   1164 N N   . ALA A 1 143 ? -5.681  19.097  0.662   1.00 34.87 ? 414 ALA A N   1 
ATOM   1165 C CA  . ALA A 1 143 ? -6.441  19.816  1.680   1.00 35.45 ? 414 ALA A CA  1 
ATOM   1166 C C   . ALA A 1 143 ? -7.540  18.950  2.281   1.00 34.23 ? 414 ALA A C   1 
ATOM   1167 O O   . ALA A 1 143 ? -7.794  19.007  3.492   1.00 35.90 ? 414 ALA A O   1 
ATOM   1168 C CB  . ALA A 1 143 ? -7.035  21.089  1.077   1.00 33.63 ? 414 ALA A CB  1 
ATOM   1169 N N   . GLU A 1 144 ? -8.227  18.166  1.448   1.00 30.40 ? 415 GLU A N   1 
ATOM   1170 C CA  . GLU A 1 144 ? -9.325  17.345  1.944   1.00 31.66 ? 415 GLU A CA  1 
ATOM   1171 C C   . GLU A 1 144 ? -8.810  16.211  2.815   1.00 34.08 ? 415 GLU A C   1 
ATOM   1172 O O   . GLU A 1 144 ? -9.446  15.843  3.813   1.00 35.96 ? 415 GLU A O   1 
ATOM   1173 C CB  . GLU A 1 144 ? -10.153 16.804  0.777   1.00 42.79 ? 415 GLU A CB  1 
ATOM   1174 C CG  . GLU A 1 144 ? -10.909 17.895  0.021   1.00 46.78 ? 415 GLU A CG  1 
ATOM   1175 C CD  . GLU A 1 144 ? -11.944 17.350  -0.964  1.00 56.84 ? 415 GLU A CD  1 
ATOM   1176 O OE1 . GLU A 1 144 ? -12.542 18.161  -1.707  1.00 61.14 ? 415 GLU A OE1 1 
ATOM   1177 O OE2 . GLU A 1 144 ? -12.165 16.122  -0.993  1.00 55.09 ? 415 GLU A OE2 1 
ATOM   1178 N N   . LEU A 1 145 ? -7.654  15.652  2.461   1.00 34.06 ? 416 LEU A N   1 
ATOM   1179 C CA  . LEU A 1 145 ? -7.050  14.635  3.309   1.00 31.71 ? 416 LEU A CA  1 
ATOM   1180 C C   . LEU A 1 145 ? -6.626  15.231  4.644   1.00 29.98 ? 416 LEU A C   1 
ATOM   1181 O O   . LEU A 1 145 ? -6.843  14.626  5.697   1.00 34.02 ? 416 LEU A O   1 
ATOM   1182 C CB  . LEU A 1 145 ? -5.857  13.997  2.593   1.00 36.26 ? 416 LEU A CB  1 
ATOM   1183 C CG  . LEU A 1 145 ? -6.262  12.890  1.617   1.00 40.46 ? 416 LEU A CG  1 
ATOM   1184 C CD1 . LEU A 1 145 ? -5.121  12.562  0.661   1.00 41.02 ? 416 LEU A CD1 1 
ATOM   1185 C CD2 . LEU A 1 145 ? -6.709  11.656  2.378   1.00 43.53 ? 416 LEU A CD2 1 
ATOM   1186 N N   . GLU A 1 146 ? -6.033  16.420  4.625   1.00 30.72 ? 417 GLU A N   1 
ATOM   1187 C CA  . GLU A 1 146 ? -5.606  17.015  5.889   1.00 31.39 ? 417 GLU A CA  1 
ATOM   1188 C C   . GLU A 1 146 ? -6.804  17.354  6.766   1.00 36.37 ? 417 GLU A C   1 
ATOM   1189 O O   . GLU A 1 146 ? -6.754  17.177  7.990   1.00 31.41 ? 417 GLU A O   1 
ATOM   1190 C CB  . GLU A 1 146 ? -4.735  18.235  5.612   1.00 39.47 ? 417 GLU A CB  1 
ATOM   1191 C CG  . GLU A 1 146 ? -3.421  17.821  4.968   1.00 41.17 ? 417 GLU A CG  1 
ATOM   1192 C CD  . GLU A 1 146 ? -2.543  18.981  4.597   1.00 48.58 ? 417 GLU A CD  1 
ATOM   1193 O OE1 . GLU A 1 146 ? -3.084  20.086  4.388   1.00 47.93 ? 417 GLU A OE1 1 
ATOM   1194 O OE2 . GLU A 1 146 ? -1.309  18.779  4.517   1.00 47.17 ? 417 GLU A OE2 1 
ATOM   1195 N N   . ALA A 1 147 ? -7.909  17.791  6.160   1.00 33.89 ? 418 ALA A N   1 
ATOM   1196 C CA  . ALA A 1 147 ? -9.123  18.023  6.935   1.00 31.05 ? 418 ALA A CA  1 
ATOM   1197 C C   . ALA A 1 147 ? -9.610  16.738  7.602   1.00 31.41 ? 418 ALA A C   1 
ATOM   1198 O O   . ALA A 1 147 ? -9.975  16.747  8.782   1.00 34.05 ? 418 ALA A O   1 
ATOM   1199 C CB  . ALA A 1 147 ? -10.202 18.613  6.024   1.00 29.99 ? 418 ALA A CB  1 
ATOM   1200 N N   . LEU A 1 148 ? -9.616  15.619  6.862   1.00 28.94 ? 419 LEU A N   1 
ATOM   1201 C CA  . LEU A 1 148 ? -10.012 14.331  7.420   1.00 27.72 ? 419 LEU A CA  1 
ATOM   1202 C C   . LEU A 1 148 ? -9.113  13.935  8.585   1.00 30.47 ? 419 LEU A C   1 
ATOM   1203 O O   . LEU A 1 148 ? -9.582  13.384  9.591   1.00 32.74 ? 419 LEU A O   1 
ATOM   1204 C CB  . LEU A 1 148 ? -9.957  13.252  6.325   1.00 33.78 ? 419 LEU A CB  1 
ATOM   1205 C CG  . LEU A 1 148 ? -10.415 11.820  6.650   1.00 32.45 ? 419 LEU A CG  1 
ATOM   1206 C CD1 . LEU A 1 148 ? -11.913 11.766  6.883   1.00 37.99 ? 419 LEU A CD1 1 
ATOM   1207 C CD2 . LEU A 1 148 ? -10.034 10.839  5.531   1.00 39.82 ? 419 LEU A CD2 1 
ATOM   1208 N N   . ILE A 1 149 ? -7.813  14.176  8.443   1.00 28.98 ? 420 ILE A N   1 
ATOM   1209 C CA  . ILE A 1 149 ? -6.864  13.849  9.516   1.00 27.53 ? 420 ILE A CA  1 
ATOM   1210 C C   . ILE A 1 149 ? -7.194  14.635  10.778  1.00 33.96 ? 420 ILE A C   1 
ATOM   1211 O O   . ILE A 1 149 ? -7.105  14.109  11.899  1.00 32.26 ? 420 ILE A O   1 
ATOM   1212 C CB  . ILE A 1 149 ? -5.429  14.105  9.021   1.00 34.02 ? 420 ILE A CB  1 
ATOM   1213 C CG1 . ILE A 1 149 ? -5.087  13.092  7.923   1.00 32.00 ? 420 ILE A CG1 1 
ATOM   1214 C CG2 . ILE A 1 149 ? -4.428  13.959  10.153  1.00 32.13 ? 420 ILE A CG2 1 
ATOM   1215 C CD1 . ILE A 1 149 ? -3.907  13.456  7.037   1.00 28.70 ? 420 ILE A CD1 1 
ATOM   1216 N N   . ARG A 1 150 ? -7.607  15.891  10.623  1.00 31.39 ? 421 ARG A N   1 
ATOM   1217 C CA  . ARG A 1 150 ? -7.993  16.714  11.767  1.00 34.59 ? 421 ARG A CA  1 
ATOM   1218 C C   . ARG A 1 150 ? -9.362  16.359  12.341  1.00 36.42 ? 421 ARG A C   1 
ATOM   1219 O O   . ARG A 1 150 ? -9.710  16.853  13.420  1.00 37.99 ? 421 ARG A O   1 
ATOM   1220 C CB  . ARG A 1 150 ? -7.979  18.195  11.382  1.00 33.58 ? 421 ARG A CB  1 
ATOM   1221 C CG  . ARG A 1 150 ? -6.607  18.762  11.094  1.00 40.56 ? 421 ARG A CG  1 
ATOM   1222 C CD  . ARG A 1 150 ? -6.680  20.276  10.947  1.00 47.16 ? 421 ARG A CD  1 
ATOM   1223 N NE  . ARG A 1 150 ? -7.624  20.683  9.907   1.00 48.78 ? 421 ARG A NE  1 
ATOM   1224 C CZ  . ARG A 1 150 ? -7.271  20.985  8.661   1.00 47.64 ? 421 ARG A CZ  1 
ATOM   1225 N NH1 . ARG A 1 150 ? -5.993  20.925  8.297   1.00 45.94 ? 421 ARG A NH1 1 
ATOM   1226 N NH2 . ARG A 1 150 ? -8.195  21.343  7.779   1.00 48.93 ? 421 ARG A NH2 1 
ATOM   1227 N N   . GLY A 1 151 ? -10.154 15.542  11.656  1.00 31.99 ? 422 GLY A N   1 
ATOM   1228 C CA  . GLY A 1 151 ? -11.463 15.157  12.143  1.00 40.79 ? 422 GLY A CA  1 
ATOM   1229 C C   . GLY A 1 151 ? -12.655 15.757  11.428  1.00 43.58 ? 422 GLY A C   1 
ATOM   1230 O O   . GLY A 1 151 ? -13.792 15.408  11.770  1.00 53.08 ? 422 GLY A O   1 
ATOM   1231 N N   . GLU A 1 152 ? -12.440 16.630  10.466  1.00 41.81 ? 423 GLU A N   1 
ATOM   1232 C CA  . GLU A 1 152 ? -13.592 17.243  9.762   1.00 45.71 ? 423 GLU A CA  1 
ATOM   1233 C C   . GLU A 1 152 ? -13.993 16.366  8.589   1.00 48.23 ? 423 GLU A C   1 
ATOM   1234 O O   . GLU A 1 152 ? -13.147 16.011  7.816   1.00 54.06 ? 423 GLU A O   1 
ATOM   1235 C CB  . GLU A 1 152 ? -13.212 18.644  9.334   1.00 46.67 ? 423 GLU A CB  1 
ATOM   1236 C CG  . GLU A 1 152 ? -12.670 19.418  10.482  1.00 47.09 ? 423 GLU A CG  1 
ATOM   1237 C CD  . GLU A 1 152 ? -11.677 20.434  10.018  1.00 52.83 ? 423 GLU A CD  1 
ATOM   1238 O OE1 . GLU A 1 152 ? -10.810 20.806  10.777  1.00 51.32 ? 423 GLU A OE1 1 
ATOM   1239 O OE2 . GLU A 1 152 ? -11.785 20.814  8.876   1.00 59.78 ? 423 GLU A OE2 1 
ATOM   1240 N N   . GLU A 1 153 ? -15.257 16.017  8.458   1.00 55.75 ? 424 GLU A N   1 
ATOM   1241 C CA  . GLU A 1 153 ? -15.585 15.134  7.318   1.00 56.55 ? 424 GLU A CA  1 
ATOM   1242 C C   . GLU A 1 153 ? -15.625 15.961  6.046   1.00 57.55 ? 424 GLU A C   1 
ATOM   1243 O O   . GLU A 1 153 ? -16.294 16.967  6.022   1.00 54.90 ? 424 GLU A O   1 
ATOM   1244 C CB  . GLU A 1 153 ? -16.885 14.380  7.508   1.00 59.88 ? 424 GLU A CB  1 
ATOM   1245 C CG  . GLU A 1 153 ? -16.970 13.206  6.561   1.00 59.63 ? 424 GLU A CG  1 
ATOM   1246 C CD  . GLU A 1 153 ? -16.334 11.932  7.083   1.00 64.36 ? 424 GLU A CD  1 
ATOM   1247 O OE1 . GLU A 1 153 ? -15.686 11.202  6.299   1.00 65.72 ? 424 GLU A OE1 1 
ATOM   1248 O OE2 . GLU A 1 153 ? -16.502 11.674  8.260   1.00 61.79 ? 424 GLU A OE2 1 
ATOM   1249 N N   . PRO A 1 154 ? -14.916 15.551  4.990   1.00 55.54 ? 425 PRO A N   1 
ATOM   1250 C CA  . PRO A 1 154 ? -14.897 16.279  3.754   1.00 58.97 ? 425 PRO A CA  1 
ATOM   1251 C C   . PRO A 1 154 ? -16.219 16.219  2.994   1.00 54.67 ? 425 PRO A C   1 
ATOM   1252 O O   . PRO A 1 154 ? -17.032 15.402  3.238   1.00 49.02 ? 425 PRO A O   1 
ATOM   1253 C CB  . PRO A 1 154 ? -13.885 15.536  2.879   1.00 60.14 ? 425 PRO A CB  1 
ATOM   1254 C CG  . PRO A 1 154 ? -13.816 14.170  3.466   1.00 59.74 ? 425 PRO A CG  1 
ATOM   1255 C CD  . PRO A 1 154 ? -14.065 14.385  4.938   1.00 59.88 ? 425 PRO A CD  1 
ATOM   1256 N N   . ARG A 1 155 ? -16.290 17.065  1.987   1.00 52.89 ? 426 ARG A N   1 
ATOM   1257 C CA  . ARG A 1 155 ? -17.447 17.168  1.086   1.00 55.34 ? 426 ARG A CA  1 
ATOM   1258 C C   . ARG A 1 155 ? -17.806 15.794  0.537   1.00 45.72 ? 426 ARG A C   1 
ATOM   1259 O O   . ARG A 1 155 ? -16.948 15.075  0.091   1.00 53.86 ? 426 ARG A O   1 
ATOM   1260 C CB  . ARG A 1 155 ? -17.080 18.117  -0.061  1.00 62.34 ? 426 ARG A CB  1 
ATOM   1261 C CG  . ARG A 1 155 ? -17.793 17.820  -1.370  1.00 63.95 ? 426 ARG A CG  1 
ATOM   1262 C CD  . ARG A 1 155 ? -17.643 18.842  -2.469  1.00 63.67 ? 426 ARG A CD  1 
ATOM   1263 N NE  . ARG A 1 155 ? -16.725 19.852  -2.014  1.00 65.31 ? 426 ARG A NE  1 
ATOM   1264 C CZ  . ARG A 1 155 ? -17.072 21.066  -1.617  1.00 64.23 ? 426 ARG A CZ  1 
ATOM   1265 N NH1 . ARG A 1 155 ? -16.133 21.896  -1.198  1.00 64.12 ? 426 ARG A NH1 1 
ATOM   1266 N NH2 . ARG A 1 155 ? -18.339 21.446  -1.657  1.00 64.90 ? 426 ARG A NH2 1 
ATOM   1267 N N   . THR A 1 156 ? -19.070 15.465  0.577   1.00 39.51 ? 427 THR A N   1 
ATOM   1268 C CA  . THR A 1 156 ? -19.489 14.186  -0.004  1.00 38.01 ? 427 THR A CA  1 
ATOM   1269 C C   . THR A 1 156 ? -19.719 14.413  -1.498  1.00 39.18 ? 427 THR A C   1 
ATOM   1270 O O   . THR A 1 156 ? -20.332 15.386  -1.818  1.00 40.26 ? 427 THR A O   1 
ATOM   1271 C CB  . THR A 1 156 ? -20.745 13.706  0.712   1.00 39.59 ? 427 THR A CB  1 
ATOM   1272 O OG1 . THR A 1 156 ? -20.517 13.817  2.112   1.00 44.17 ? 427 THR A OG1 1 
ATOM   1273 C CG2 . THR A 1 156 ? -21.094 12.298  0.328   1.00 39.17 ? 427 THR A CG2 1 
ATOM   1274 N N   . ARG A 1 157 ? -19.195 13.535  -2.340  1.00 39.52 ? 428 ARG A N   1 
ATOM   1275 C CA  . ARG A 1 157 ? -19.351 13.664  -3.805  1.00 43.19 ? 428 ARG A CA  1 
ATOM   1276 C C   . ARG A 1 157 ? -19.811 12.332  -4.381  1.00 44.68 ? 428 ARG A C   1 
ATOM   1277 O O   . ARG A 1 157 ? -19.457 11.312  -3.860  1.00 38.19 ? 428 ARG A O   1 
ATOM   1278 C CB  . ARG A 1 157 ? -18.075 14.199  -4.461  1.00 39.45 ? 428 ARG A CB  1 
ATOM   1279 C CG  . ARG A 1 157 ? -17.729 15.611  -4.035  1.00 43.20 ? 428 ARG A CG  1 
ATOM   1280 C CD  . ARG A 1 157 ? -16.657 16.302  -4.833  1.00 45.62 ? 428 ARG A CD  1 
ATOM   1281 N NE  . ARG A 1 157 ? -15.387 15.697  -4.563  1.00 53.75 ? 428 ARG A NE  1 
ATOM   1282 C CZ  . ARG A 1 157 ? -14.607 15.977  -3.530  1.00 53.44 ? 428 ARG A CZ  1 
ATOM   1283 N NH1 . ARG A 1 157 ? -14.965 16.873  -2.645  1.00 53.70 ? 428 ARG A NH1 1 
ATOM   1284 N NH2 . ARG A 1 157 ? -13.471 15.346  -3.371  1.00 58.53 ? 428 ARG A NH2 1 
ATOM   1285 N N   . ARG A 1 158 ? -20.568 12.402  -5.459  1.00 36.57 ? 429 ARG A N   1 
ATOM   1286 C CA  . ARG A 1 158 ? -21.114 11.202  -6.072  1.00 37.86 ? 429 ARG A CA  1 
ATOM   1287 C C   . ARG A 1 158 ? -20.051 10.370  -6.771  1.00 47.83 ? 429 ARG A C   1 
ATOM   1288 O O   . ARG A 1 158 ? -19.057 10.892  -7.290  1.00 44.82 ? 429 ARG A O   1 
ATOM   1289 C CB  . ARG A 1 158 ? -22.202 11.560  -7.076  1.00 39.59 ? 429 ARG A CB  1 
ATOM   1290 C CG  . ARG A 1 158 ? -23.548 11.701  -6.444  1.00 39.44 ? 429 ARG A CG  1 
ATOM   1291 C CD  . ARG A 1 158 ? -24.590 11.978  -7.482  1.00 34.80 ? 429 ARG A CD  1 
ATOM   1292 N NE  . ARG A 1 158 ? -24.858 10.822  -8.333  1.00 45.04 ? 429 ARG A NE  1 
ATOM   1293 C CZ  . ARG A 1 158 ? -25.894 10.000  -8.189  1.00 45.31 ? 429 ARG A CZ  1 
ATOM   1294 N NH1 . ARG A 1 158 ? -26.050 8.986   -9.029  1.00 44.86 ? 429 ARG A NH1 1 
ATOM   1295 N NH2 . ARG A 1 158 ? -26.774 10.185  -7.209  1.00 41.11 ? 429 ARG A NH2 1 
ATOM   1296 N N   . GLU A 1 159 ? -20.344 9.067   -6.857  1.00 47.59 ? 430 GLU A N   1 
ATOM   1297 C CA  . GLU A 1 159 ? -19.393 8.013   -7.215  1.00 57.15 ? 430 GLU A CA  1 
ATOM   1298 C C   . GLU A 1 159 ? -18.228 7.999   -6.232  1.00 64.64 ? 430 GLU A C   1 
ATOM   1299 O O   . GLU A 1 159 ? -17.051 7.961   -6.602  1.00 67.52 ? 430 GLU A O   1 
ATOM   1300 C CB  . GLU A 1 159 ? -18.948 8.116   -8.674  1.00 54.55 ? 430 GLU A CB  1 
ATOM   1301 C CG  . GLU A 1 159 ? -20.106 7.738   -9.590  1.00 53.31 ? 430 GLU A CG  1 
ATOM   1302 C CD  . GLU A 1 159 ? -20.039 8.329   -10.981 1.00 56.91 ? 430 GLU A CD  1 
ATOM   1303 O OE1 . GLU A 1 159 ? -19.014 8.145   -11.671 1.00 63.72 ? 430 GLU A OE1 1 
ATOM   1304 O OE2 . GLU A 1 159 ? -21.030 8.975   -11.390 1.00 60.59 ? 430 GLU A OE2 1 
ATOM   1305 N N   . GLN A 1 160 ? -18.596 8.017   -4.954  1.00 69.12 ? 431 GLN A N   1 
ATOM   1306 C CA  . GLN A 1 160 ? -17.694 7.939   -3.813  1.00 73.43 ? 431 GLN A CA  1 
ATOM   1307 C C   . GLN A 1 160 ? -16.909 6.632   -3.775  1.00 77.68 ? 431 GLN A C   1 
ATOM   1308 O O   . GLN A 1 160 ? -16.378 6.249   -2.730  1.00 83.28 ? 431 GLN A O   1 
ATOM   1309 C CB  . GLN A 1 160 ? -18.503 8.103   -2.520  1.00 76.37 ? 431 GLN A CB  1 
ATOM   1310 C CG  . GLN A 1 160 ? -19.718 7.171   -2.430  1.00 77.49 ? 431 GLN A CG  1 
ATOM   1311 C CD  . GLN A 1 160 ? -20.973 7.877   -1.928  1.00 75.53 ? 431 GLN A CD  1 
ATOM   1312 O OE1 . GLN A 1 160 ? -21.149 9.083   -2.132  1.00 67.63 ? 431 GLN A OE1 1 
ATOM   1313 N NE2 . GLN A 1 160 ? -21.856 7.121   -1.276  1.00 69.31 ? 431 GLN A NE2 1 
ATOM   1314 N N   . THR A 1 166 ? -6.531  2.003   -6.922  1.00 73.33 ? 437 THR A N   1 
ATOM   1315 C CA  . THR A 1 166 ? -7.979  1.802   -6.899  1.00 78.49 ? 437 THR A CA  1 
ATOM   1316 C C   . THR A 1 166 ? -8.334  0.880   -5.720  1.00 74.77 ? 437 THR A C   1 
ATOM   1317 O O   . THR A 1 166 ? -7.445  0.369   -5.038  1.00 69.22 ? 437 THR A O   1 
ATOM   1318 C CB  . THR A 1 166 ? -8.489  1.222   -8.247  1.00 72.20 ? 437 THR A CB  1 
ATOM   1319 O OG1 . THR A 1 166 ? -7.857  1.919   -9.329  1.00 69.62 ? 437 THR A OG1 1 
ATOM   1320 C CG2 . THR A 1 166 ? -10.000 1.400   -8.396  1.00 70.57 ? 437 THR A CG2 1 
ATOM   1321 N N   . GLY A 1 167 ? -9.628  0.684   -5.473  1.00 78.16 ? 438 GLY A N   1 
ATOM   1322 C CA  . GLY A 1 167 ? -10.078 -0.040  -4.300  1.00 78.36 ? 438 GLY A CA  1 
ATOM   1323 C C   . GLY A 1 167 ? -10.130 0.869   -3.091  1.00 75.75 ? 438 GLY A C   1 
ATOM   1324 O O   . GLY A 1 167 ? -10.608 2.004   -3.191  1.00 79.78 ? 438 GLY A O   1 
ATOM   1325 N N   . ILE A 1 168 ? -9.648  0.385   -1.942  1.00 72.81 ? 439 ILE A N   1 
ATOM   1326 C CA  . ILE A 1 168 ? -9.499  1.249   -0.778  1.00 66.35 ? 439 ILE A CA  1 
ATOM   1327 C C   . ILE A 1 168 ? -8.632  2.436   -1.164  1.00 61.18 ? 439 ILE A C   1 
ATOM   1328 O O   . ILE A 1 168 ? -7.551  2.268   -1.738  1.00 68.16 ? 439 ILE A O   1 
ATOM   1329 C CB  . ILE A 1 168 ? -8.885  0.468   0.400   1.00 64.10 ? 439 ILE A CB  1 
ATOM   1330 C CG1 . ILE A 1 168 ? -9.779  -0.704  0.811   1.00 63.60 ? 439 ILE A CG1 1 
ATOM   1331 C CG2 . ILE A 1 168 ? -8.641  1.400   1.581   1.00 53.29 ? 439 ILE A CG2 1 
ATOM   1332 C CD1 . ILE A 1 168 ? -9.581  -1.154  2.250   1.00 62.51 ? 439 ILE A CD1 1 
ATOM   1333 N N   . GLY A 1 169 ? -9.115  3.646   -0.878  1.00 58.45 ? 440 GLY A N   1 
ATOM   1334 C CA  . GLY A 1 169 ? -8.365  4.852   -1.141  1.00 46.31 ? 440 GLY A CA  1 
ATOM   1335 C C   . GLY A 1 169 ? -7.628  5.338   0.098   1.00 45.83 ? 440 GLY A C   1 
ATOM   1336 O O   . GLY A 1 169 ? -7.615  4.696   1.144   1.00 40.37 ? 440 GLY A O   1 
ATOM   1337 N N   . LEU A 1 170 ? -7.014  6.515   -0.040  1.00 45.13 ? 441 LEU A N   1 
ATOM   1338 C CA  . LEU A 1 170 ? -6.287  7.100   1.086   1.00 39.59 ? 441 LEU A CA  1 
ATOM   1339 C C   . LEU A 1 170 ? -7.233  7.545   2.200   1.00 39.79 ? 441 LEU A C   1 
ATOM   1340 O O   . LEU A 1 170 ? -6.851  7.524   3.375   1.00 36.83 ? 441 LEU A O   1 
ATOM   1341 C CB  . LEU A 1 170 ? -5.431  8.271   0.604   1.00 39.15 ? 441 LEU A CB  1 
ATOM   1342 C CG  . LEU A 1 170 ? -4.031  7.977   0.045   1.00 43.72 ? 441 LEU A CG  1 
ATOM   1343 C CD1 . LEU A 1 170 ? -4.089  7.038   -1.158  1.00 47.33 ? 441 LEU A CD1 1 
ATOM   1344 C CD2 . LEU A 1 170 ? -3.323  9.269   -0.334  1.00 40.66 ? 441 LEU A CD2 1 
ATOM   1345 N N   . HIS A 1 171 ? -8.461  7.948   1.865   1.00 39.35 ? 442 HIS A N   1 
ATOM   1346 C CA  . HIS A 1 171 ? -9.384  8.379   2.912   1.00 35.25 ? 442 HIS A CA  1 
ATOM   1347 C C   . HIS A 1 171 ? -9.774  7.216   3.807   1.00 37.26 ? 442 HIS A C   1 
ATOM   1348 O O   . HIS A 1 171 ? -9.838  7.359   5.036   1.00 30.49 ? 442 HIS A O   1 
ATOM   1349 C CB  . HIS A 1 171 ? -10.634 9.021   2.299   1.00 41.03 ? 442 HIS A CB  1 
ATOM   1350 C CG  . HIS A 1 171 ? -10.357 10.282  1.545   1.00 43.08 ? 442 HIS A CG  1 
ATOM   1351 N ND1 . HIS A 1 171 ? -10.791 11.517  1.974   1.00 54.44 ? 442 HIS A ND1 1 
ATOM   1352 C CD2 . HIS A 1 171 ? -9.694  10.499  0.385   1.00 56.10 ? 442 HIS A CD2 1 
ATOM   1353 C CE1 . HIS A 1 171 ? -10.406 12.442  1.113   1.00 50.70 ? 442 HIS A CE1 1 
ATOM   1354 N NE2 . HIS A 1 171 ? -9.739  11.851  0.139   1.00 55.82 ? 442 HIS A NE2 1 
ATOM   1355 N N   . ASN A 1 172 ? -10.022 6.050   3.211   1.00 36.42 ? 443 ASN A N   1 
ATOM   1356 C CA  . ASN A 1 172 ? -10.412 4.897   4.006   1.00 37.21 ? 443 ASN A CA  1 
ATOM   1357 C C   . ASN A 1 172 ? -9.259  4.414   4.874   1.00 31.62 ? 443 ASN A C   1 
ATOM   1358 O O   . ASN A 1 172 ? -9.481  3.966   6.001   1.00 35.20 ? 443 ASN A O   1 
ATOM   1359 C CB  . ASN A 1 172 ? -10.914 3.763   3.109   1.00 41.55 ? 443 ASN A CB  1 
ATOM   1360 C CG  . ASN A 1 172 ? -12.322 3.998   2.600   1.00 50.50 ? 443 ASN A CG  1 
ATOM   1361 O OD1 . ASN A 1 172 ? -12.569 3.981   1.394   1.00 57.69 ? 443 ASN A OD1 1 
ATOM   1362 N ND2 . ASN A 1 172 ? -13.254 4.232   3.519   1.00 47.67 ? 443 ASN A ND2 1 
ATOM   1363 N N   . VAL A 1 173 ? -8.023  4.493   4.367   1.00 30.90 ? 444 VAL A N   1 
ATOM   1364 C CA  . VAL A 1 173 ? -6.876  4.097   5.179   1.00 30.93 ? 444 VAL A CA  1 
ATOM   1365 C C   . VAL A 1 173 ? -6.795  4.975   6.422   1.00 31.48 ? 444 VAL A C   1 
ATOM   1366 O O   . VAL A 1 173 ? -6.669  4.480   7.547   1.00 33.52 ? 444 VAL A O   1 
ATOM   1367 C CB  . VAL A 1 173 ? -5.577  4.165   4.359   1.00 31.05 ? 444 VAL A CB  1 
ATOM   1368 C CG1 . VAL A 1 173 ? -4.381  3.964   5.272   1.00 33.17 ? 444 VAL A CG1 1 
ATOM   1369 C CG2 . VAL A 1 173 ? -5.573  3.108   3.251   1.00 35.85 ? 444 VAL A CG2 1 
ATOM   1370 N N   . ILE A 1 174 ? -6.898  6.292   6.235   1.00 28.61 ? 445 ILE A N   1 
ATOM   1371 C CA  . ILE A 1 174 ? -6.828  7.222   7.370   1.00 31.12 ? 445 ILE A CA  1 
ATOM   1372 C C   . ILE A 1 174 ? -7.919  6.916   8.383   1.00 29.38 ? 445 ILE A C   1 
ATOM   1373 O O   . ILE A 1 174 ? -7.660  6.815   9.589   1.00 32.27 ? 445 ILE A O   1 
ATOM   1374 C CB  . ILE A 1 174 ? -6.915  8.680   6.888   1.00 31.82 ? 445 ILE A CB  1 
ATOM   1375 C CG1 . ILE A 1 174 ? -5.747  9.024   5.975   1.00 38.37 ? 445 ILE A CG1 1 
ATOM   1376 C CG2 . ILE A 1 174 ? -7.021  9.649   8.076   1.00 33.04 ? 445 ILE A CG2 1 
ATOM   1377 C CD1 . ILE A 1 174 ? -4.426  8.689   6.555   1.00 37.94 ? 445 ILE A CD1 1 
ATOM   1378 N N   . ARG A 1 175 ? -9.166  6.776   7.917   1.00 30.29 ? 446 ARG A N   1 
ATOM   1379 C CA  . ARG A 1 175 ? -10.272 6.509   8.832   1.00 29.14 ? 446 ARG A CA  1 
ATOM   1380 C C   . ARG A 1 175 ? -10.058 5.236   9.636   1.00 29.41 ? 446 ARG A C   1 
ATOM   1381 O O   . ARG A 1 175 ? -10.335 5.201   10.840  1.00 31.65 ? 446 ARG A O   1 
ATOM   1382 C CB  . ARG A 1 175 ? -11.574 6.406   8.051   1.00 32.94 ? 446 ARG A CB  1 
ATOM   1383 C CG  . ARG A 1 175 ? -12.143 7.727   7.686   1.00 35.17 ? 446 ARG A CG  1 
ATOM   1384 C CD  . ARG A 1 175 ? -13.577 7.560   7.215   1.00 46.65 ? 446 ARG A CD  1 
ATOM   1385 N NE  . ARG A 1 175 ? -13.967 8.651   6.336   1.00 48.57 ? 446 ARG A NE  1 
ATOM   1386 C CZ  . ARG A 1 175 ? -13.930 8.586   5.012   1.00 52.13 ? 446 ARG A CZ  1 
ATOM   1387 N NH1 . ARG A 1 175 ? -13.527 7.471   4.417   1.00 53.09 ? 446 ARG A NH1 1 
ATOM   1388 N NH2 . ARG A 1 175 ? -14.299 9.632   4.285   1.00 60.19 ? 446 ARG A NH2 1 
ATOM   1389 N N   . ARG A 1 176 ? -9.594  4.171   8.982   1.00 30.82 ? 447 ARG A N   1 
ATOM   1390 C CA  . ARG A 1 176 ? -9.366  2.913   9.679   1.00 32.35 ? 447 ARG A CA  1 
ATOM   1391 C C   . ARG A 1 176 ? -8.236  3.041   10.685  1.00 27.80 ? 447 ARG A C   1 
ATOM   1392 O O   . ARG A 1 176 ? -8.280  2.408   11.746  1.00 35.39 ? 447 ARG A O   1 
ATOM   1393 C CB  . ARG A 1 176 ? -9.071  1.789   8.679   1.00 33.51 ? 447 ARG A CB  1 
ATOM   1394 C CG  . ARG A 1 176 ? -10.247 1.489   7.747   1.00 34.46 ? 447 ARG A CG  1 
ATOM   1395 C CD  . ARG A 1 176 ? -9.840  0.643   6.541   1.00 37.14 ? 447 ARG A CD  1 
ATOM   1396 N NE  . ARG A 1 176 ? -9.589  -0.725  6.950   1.00 43.08 ? 447 ARG A NE  1 
ATOM   1397 C CZ  . ARG A 1 176 ? -8.437  -1.359  6.787   1.00 38.94 ? 447 ARG A CZ  1 
ATOM   1398 N NH1 . ARG A 1 176 ? -7.418  -0.741  6.201   1.00 47.19 ? 447 ARG A NH1 1 
ATOM   1399 N NH2 . ARG A 1 176 ? -8.315  -2.616  7.201   1.00 38.99 ? 447 ARG A NH2 1 
ATOM   1400 N N   . LEU A 1 177 ? -7.204  3.829   10.369  1.00 26.43 ? 448 LEU A N   1 
ATOM   1401 C CA  . LEU A 1 177 ? -6.128  4.000   11.338  1.00 26.04 ? 448 LEU A CA  1 
ATOM   1402 C C   . LEU A 1 177 ? -6.628  4.778   12.535  1.00 28.38 ? 448 LEU A C   1 
ATOM   1403 O O   . LEU A 1 177 ? -6.287  4.456   13.677  1.00 29.95 ? 448 LEU A O   1 
ATOM   1404 C CB  . LEU A 1 177 ? -4.927  4.710   10.720  1.00 26.39 ? 448 LEU A CB  1 
ATOM   1405 C CG  . LEU A 1 177 ? -4.163  3.921   9.643   1.00 27.99 ? 448 LEU A CG  1 
ATOM   1406 C CD1 . LEU A 1 177 ? -3.200  4.834   8.933   1.00 31.29 ? 448 LEU A CD1 1 
ATOM   1407 C CD2 . LEU A 1 177 ? -3.434  2.776   10.288  1.00 31.45 ? 448 LEU A CD2 1 
ATOM   1408 N N   . GLN A 1 178 ? -7.456  5.796   12.292  1.00 28.81 ? 449 GLN A N   1 
ATOM   1409 C CA  . GLN A 1 178 ? -7.954  6.611   13.397  1.00 28.24 ? 449 GLN A CA  1 
ATOM   1410 C C   . GLN A 1 178 ? -8.801  5.778   14.345  1.00 34.78 ? 449 GLN A C   1 
ATOM   1411 O O   . GLN A 1 178 ? -8.642  5.859   15.568  1.00 33.59 ? 449 GLN A O   1 
ATOM   1412 C CB  . GLN A 1 178 ? -8.752  7.792   12.854  1.00 27.33 ? 449 GLN A CB  1 
ATOM   1413 C CG  . GLN A 1 178 ? -7.901  8.868   12.232  1.00 26.76 ? 449 GLN A CG  1 
ATOM   1414 C CD  . GLN A 1 178 ? -8.724  9.949   11.559  1.00 31.09 ? 449 GLN A CD  1 
ATOM   1415 O OE1 . GLN A 1 178 ? -9.846  9.705   11.102  1.00 31.99 ? 449 GLN A OE1 1 
ATOM   1416 N NE2 . GLN A 1 178 ? -8.168  11.145  11.479  1.00 27.50 ? 449 GLN A NE2 1 
ATOM   1417 N N   . LEU A 1 179 ? -9.692  4.947   13.803  1.00 31.53 ? 450 LEU A N   1 
ATOM   1418 C CA  . LEU A 1 179 ? -10.498 4.102   14.675  1.00 35.19 ? 450 LEU A CA  1 
ATOM   1419 C C   . LEU A 1 179 ? -9.671  3.002   15.327  1.00 38.42 ? 450 LEU A C   1 
ATOM   1420 O O   . LEU A 1 179 ? -9.946  2.609   16.464  1.00 37.34 ? 450 LEU A O   1 
ATOM   1421 C CB  . LEU A 1 179 ? -11.667 3.508   13.898  1.00 39.19 ? 450 LEU A CB  1 
ATOM   1422 C CG  . LEU A 1 179 ? -12.508 4.554   13.156  1.00 46.24 ? 450 LEU A CG  1 
ATOM   1423 C CD1 . LEU A 1 179 ? -13.605 3.915   12.302  1.00 46.69 ? 450 LEU A CD1 1 
ATOM   1424 C CD2 . LEU A 1 179 ? -13.095 5.571   14.143  1.00 53.73 ? 450 LEU A CD2 1 
ATOM   1425 N N   . PHE A 1 180 ? -8.655  2.497   14.638  1.00 32.17 ? 451 PHE A N   1 
ATOM   1426 C CA  . PHE A 1 180 ? -7.878  1.397   15.193  1.00 33.77 ? 451 PHE A CA  1 
ATOM   1427 C C   . PHE A 1 180 ? -7.093  1.840   16.418  1.00 34.45 ? 451 PHE A C   1 
ATOM   1428 O O   . PHE A 1 180 ? -7.110  1.167   17.454  1.00 35.80 ? 451 PHE A O   1 
ATOM   1429 C CB  . PHE A 1 180 ? -6.931  0.843   14.131  1.00 34.72 ? 451 PHE A CB  1 
ATOM   1430 C CG  . PHE A 1 180 ? -6.184  -0.369  14.566  1.00 33.76 ? 451 PHE A CG  1 
ATOM   1431 C CD1 . PHE A 1 180 ? -6.746  -1.628  14.424  1.00 37.52 ? 451 PHE A CD1 1 
ATOM   1432 C CD2 . PHE A 1 180 ? -4.908  -0.261  15.101  1.00 32.38 ? 451 PHE A CD2 1 
ATOM   1433 C CE1 . PHE A 1 180 ? -6.055  -2.759  14.814  1.00 38.59 ? 451 PHE A CE1 1 
ATOM   1434 C CE2 . PHE A 1 180 ? -4.215  -1.389  15.495  1.00 33.06 ? 451 PHE A CE2 1 
ATOM   1435 C CZ  . PHE A 1 180 ? -4.793  -2.639  15.353  1.00 39.17 ? 451 PHE A CZ  1 
ATOM   1436 N N   . TYR A 1 181 ? -6.413  2.981   16.323  1.00 27.95 ? 452 TYR A N   1 
ATOM   1437 C CA  . TYR A 1 181 ? -5.506  3.436   17.365  1.00 30.98 ? 452 TYR A CA  1 
ATOM   1438 C C   . TYR A 1 181 ? -6.165  4.374   18.370  1.00 31.13 ? 452 TYR A C   1 
ATOM   1439 O O   . TYR A 1 181 ? -5.565  4.663   19.415  1.00 35.33 ? 452 TYR A O   1 
ATOM   1440 C CB  . TYR A 1 181 ? -4.297  4.133   16.738  1.00 29.21 ? 452 TYR A CB  1 
ATOM   1441 C CG  . TYR A 1 181 ? -3.380  3.196   15.993  1.00 31.56 ? 452 TYR A CG  1 
ATOM   1442 C CD1 . TYR A 1 181 ? -2.640  2.230   16.663  1.00 29.18 ? 452 TYR A CD1 1 
ATOM   1443 C CD2 . TYR A 1 181 ? -3.248  3.271   14.612  1.00 31.01 ? 452 TYR A CD2 1 
ATOM   1444 C CE1 . TYR A 1 181 ? -1.788  1.360   15.972  1.00 31.02 ? 452 TYR A CE1 1 
ATOM   1445 C CE2 . TYR A 1 181 ? -2.407  2.401   13.922  1.00 27.34 ? 452 TYR A CE2 1 
ATOM   1446 C CZ  . TYR A 1 181 ? -1.678  1.453   14.605  1.00 31.46 ? 452 TYR A CZ  1 
ATOM   1447 O OH  . TYR A 1 181 ? -0.826  0.588   13.920  1.00 32.31 ? 452 TYR A OH  1 
ATOM   1448 N N   . GLY A 1 182 ? -7.359  4.878   18.078  1.00 31.86 ? 453 GLY A N   1 
ATOM   1449 C CA  . GLY A 1 182 ? -7.996  5.809   18.993  1.00 36.21 ? 453 GLY A CA  1 
ATOM   1450 C C   . GLY A 1 182 ? -7.403  7.197   19.022  1.00 36.43 ? 453 GLY A C   1 
ATOM   1451 O O   . GLY A 1 182 ? -7.605  7.924   20.005  1.00 36.99 ? 453 GLY A O   1 
ATOM   1452 N N   . VAL A 1 183 ? -6.667  7.598   17.983  1.00 26.21 ? 454 VAL A N   1 
ATOM   1453 C CA  . VAL A 1 183 ? -6.137  8.947   17.865  1.00 26.66 ? 454 VAL A CA  1 
ATOM   1454 C C   . VAL A 1 183 ? -6.335  9.445   16.444  1.00 32.86 ? 454 VAL A C   1 
ATOM   1455 O O   . VAL A 1 183 ? -6.325  8.670   15.481  1.00 29.50 ? 454 VAL A O   1 
ATOM   1456 C CB  . VAL A 1 183 ? -4.647  9.058   18.267  1.00 33.13 ? 454 VAL A CB  1 
ATOM   1457 C CG1 . VAL A 1 183 ? -4.475  8.494   19.623  1.00 36.36 ? 454 VAL A CG1 1 
ATOM   1458 C CG2 . VAL A 1 183 ? -3.739  8.348   17.272  1.00 33.73 ? 454 VAL A CG2 1 
ATOM   1459 N N   . MET A 1 184 ? -6.511  10.755  16.315  1.00 31.25 ? 455 MET A N   1 
ATOM   1460 C CA  . MET A 1 184 ? -6.794  11.300  14.987  1.00 27.55 ? 455 MET A CA  1 
ATOM   1461 C C   . MET A 1 184 ? -5.536  11.601  14.178  1.00 27.49 ? 455 MET A C   1 
ATOM   1462 O O   . MET A 1 184 ? -5.560  11.455  12.948  1.00 26.77 ? 455 MET A O   1 
ATOM   1463 C CB  . MET A 1 184 ? -7.652  12.565  15.116  1.00 31.17 ? 455 MET A CB  1 
ATOM   1464 C CG  . MET A 1 184 ? -9.009  12.293  15.747  1.00 34.04 ? 455 MET A CG  1 
ATOM   1465 S SD  . MET A 1 184 ? -10.037 11.197  14.741  1.00 37.39 ? 455 MET A SD  1 
ATOM   1466 C CE  . MET A 1 184 ? -10.549 12.340  13.510  1.00 39.32 ? 455 MET A CE  1 
ATOM   1467 N N   . ASP A 1 185 ? -4.429  11.993  14.829  1.00 27.99 ? 456 ASP A N   1 
ATOM   1468 C CA  . ASP A 1 185 ? -3.249  12.505  14.132  1.00 27.12 ? 456 ASP A CA  1 
ATOM   1469 C C   . ASP A 1 185 ? -2.363  11.338  13.690  1.00 33.11 ? 456 ASP A C   1 
ATOM   1470 O O   . ASP A 1 185 ? -1.232  11.159  14.146  1.00 33.50 ? 456 ASP A O   1 
ATOM   1471 C CB  . ASP A 1 185 ? -2.466  13.491  15.003  1.00 30.88 ? 456 ASP A CB  1 
ATOM   1472 C CG  . ASP A 1 185 ? -1.990  12.887  16.321  1.00 38.05 ? 456 ASP A CG  1 
ATOM   1473 O OD1 . ASP A 1 185 ? -2.526  11.845  16.754  1.00 39.33 ? 456 ASP A OD1 1 
ATOM   1474 O OD2 . ASP A 1 185 ? -1.068  13.470  16.937  1.00 38.52 ? 456 ASP A OD2 1 
ATOM   1475 N N   . VAL A 1 186 ? -2.896  10.549  12.752  1.00 26.62 ? 457 VAL A N   1 
ATOM   1476 C CA  . VAL A 1 186 ? -2.219  9.327   12.307  1.00 23.34 ? 457 VAL A CA  1 
ATOM   1477 C C   . VAL A 1 186 ? -1.422  9.517   11.017  1.00 24.01 ? 457 VAL A C   1 
ATOM   1478 O O   . VAL A 1 186 ? -0.736  8.580   10.590  1.00 25.56 ? 457 VAL A O   1 
ATOM   1479 C CB  . VAL A 1 186 ? -3.215  8.156   12.146  1.00 25.33 ? 457 VAL A CB  1 
ATOM   1480 C CG1 . VAL A 1 186 ? -3.825  7.770   13.487  1.00 31.08 ? 457 VAL A CG1 1 
ATOM   1481 C CG2 . VAL A 1 186 ? -4.332  8.527   11.141  1.00 27.89 ? 457 VAL A CG2 1 
ATOM   1482 N N   . ALA A 1 187 ? -1.425  10.702  10.421  1.00 26.82 ? 458 ALA A N   1 
ATOM   1483 C CA  . ALA A 1 187 ? -0.729  10.850  9.154   1.00 26.09 ? 458 ALA A CA  1 
ATOM   1484 C C   . ALA A 1 187 ? -0.440  12.315  8.869   1.00 27.86 ? 458 ALA A C   1 
ATOM   1485 O O   . ALA A 1 187 ? -1.052  13.226  9.437   1.00 29.92 ? 458 ALA A O   1 
ATOM   1486 C CB  . ALA A 1 187 ? -1.524  10.213  8.002   1.00 27.33 ? 458 ALA A CB  1 
ATOM   1487 N N   . GLU A 1 188 ? 0.535   12.527  7.999   1.00 24.18 ? 459 GLU A N   1 
ATOM   1488 C CA  . GLU A 1 188 ? 0.798   13.836  7.433   1.00 28.72 ? 459 GLU A CA  1 
ATOM   1489 C C   . GLU A 1 188 ? 1.234   13.673  5.990   1.00 30.77 ? 459 GLU A C   1 
ATOM   1490 O O   . GLU A 1 188 ? 1.785   12.646  5.592   1.00 29.16 ? 459 GLU A O   1 
ATOM   1491 C CB  . GLU A 1 188 ? 1.850   14.623  8.202   1.00 35.74 ? 459 GLU A CB  1 
ATOM   1492 C CG  . GLU A 1 188 ? 3.215   14.058  8.163   1.00 39.42 ? 459 GLU A CG  1 
ATOM   1493 C CD  . GLU A 1 188 ? 4.136   14.799  9.099   1.00 46.10 ? 459 GLU A CD  1 
ATOM   1494 O OE1 . GLU A 1 188 ? 3.658   15.717  9.806   1.00 50.93 ? 459 GLU A OE1 1 
ATOM   1495 O OE2 . GLU A 1 188 ? 5.330   14.458  9.139   1.00 43.75 ? 459 GLU A OE2 1 
ATOM   1496 N N   . ILE A 1 189 ? 0.963   14.694  5.203   1.00 30.15 ? 460 ILE A N   1 
ATOM   1497 C CA  . ILE A 1 189 ? 1.270   14.666  3.782   1.00 31.42 ? 460 ILE A CA  1 
ATOM   1498 C C   . ILE A 1 189 ? 2.212   15.811  3.489   1.00 35.86 ? 460 ILE A C   1 
ATOM   1499 O O   . ILE A 1 189 ? 1.990   16.944  3.933   1.00 36.40 ? 460 ILE A O   1 
ATOM   1500 C CB  . ILE A 1 189 ? 0.003   14.757  2.918   1.00 33.72 ? 460 ILE A CB  1 
ATOM   1501 C CG1 . ILE A 1 189 ? -0.964  13.648  3.302   1.00 37.95 ? 460 ILE A CG1 1 
ATOM   1502 C CG2 . ILE A 1 189 ? 0.387   14.677  1.435   1.00 34.36 ? 460 ILE A CG2 1 
ATOM   1503 C CD1 . ILE A 1 189 ? -2.298  13.764  2.627   1.00 42.06 ? 460 ILE A CD1 1 
ATOM   1504 N N   . GLU A 1 190 ? 3.264   15.509  2.755   1.00 33.09 ? 461 GLU A N   1 
ATOM   1505 C CA  . GLU A 1 190 ? 4.287   16.455  2.361   1.00 32.24 ? 461 GLU A CA  1 
ATOM   1506 C C   . GLU A 1 190 ? 4.341   16.410  0.841   1.00 37.99 ? 461 GLU A C   1 
ATOM   1507 O O   . GLU A 1 190 ? 4.635   15.358  0.273   1.00 36.52 ? 461 GLU A O   1 
ATOM   1508 C CB  . GLU A 1 190 ? 5.602   16.022  3.001   1.00 41.52 ? 461 GLU A CB  1 
ATOM   1509 C CG  . GLU A 1 190 ? 6.751   16.967  3.019   1.00 45.17 ? 461 GLU A CG  1 
ATOM   1510 C CD  . GLU A 1 190 ? 7.916   16.339  3.771   1.00 50.94 ? 461 GLU A CD  1 
ATOM   1511 O OE1 . GLU A 1 190 ? 7.837   16.248  5.019   1.00 50.70 ? 461 GLU A OE1 1 
ATOM   1512 O OE2 . GLU A 1 190 ? 8.885   15.904  3.113   1.00 48.55 ? 461 GLU A OE2 1 
ATOM   1513 N N   . SER A 1 191 ? 4.001   17.518  0.183   1.00 33.72 ? 462 SER A N   1 
ATOM   1514 C CA  . SER A 1 191 ? 3.962   17.517  -1.272  1.00 31.05 ? 462 SER A CA  1 
ATOM   1515 C C   . SER A 1 191 ? 4.158   18.941  -1.771  1.00 40.01 ? 462 SER A C   1 
ATOM   1516 O O   . SER A 1 191 ? 3.736   19.899  -1.122  1.00 36.22 ? 462 SER A O   1 
ATOM   1517 C CB  . SER A 1 191 ? 2.635   16.950  -1.796  1.00 34.90 ? 462 SER A CB  1 
ATOM   1518 O OG  . SER A 1 191 ? 2.696   16.643  -3.182  1.00 39.20 ? 462 SER A OG  1 
ATOM   1519 N N   . ALA A 1 192 ? 4.798   19.065  -2.929  1.00 37.51 ? 463 ALA A N   1 
ATOM   1520 C CA  . ALA A 1 192 ? 4.976   20.360  -3.575  1.00 39.63 ? 463 ALA A CA  1 
ATOM   1521 C C   . ALA A 1 192 ? 5.198   20.123  -5.058  1.00 38.47 ? 463 ALA A C   1 
ATOM   1522 O O   . ALA A 1 192 ? 5.755   19.098  -5.453  1.00 39.70 ? 463 ALA A O   1 
ATOM   1523 C CB  . ALA A 1 192 ? 6.152   21.142  -2.984  1.00 42.96 ? 463 ALA A CB  1 
ATOM   1524 N N   . LEU A 1 193 ? 4.746   21.079  -5.868  1.00 38.47 ? 464 LEU A N   1 
ATOM   1525 C CA  . LEU A 1 193 ? 4.876   20.971  -7.317  1.00 42.55 ? 464 LEU A CA  1 
ATOM   1526 C C   . LEU A 1 193 ? 6.317   20.682  -7.702  1.00 39.91 ? 464 LEU A C   1 
ATOM   1527 O O   . LEU A 1 193 ? 7.238   21.403  -7.311  1.00 39.53 ? 464 LEU A O   1 
ATOM   1528 C CB  . LEU A 1 193 ? 4.381   22.265  -7.980  1.00 42.06 ? 464 LEU A CB  1 
ATOM   1529 C CG  . LEU A 1 193 ? 4.109   22.230  -9.494  1.00 44.98 ? 464 LEU A CG  1 
ATOM   1530 C CD1 . LEU A 1 193 ? 5.357   22.433  -10.316 1.00 39.19 ? 464 LEU A CD1 1 
ATOM   1531 C CD2 . LEU A 1 193 ? 3.479   20.915  -9.872  1.00 46.84 ? 464 LEU A CD2 1 
ATOM   1532 N N   . GLY A 1 194 ? 6.518   19.596  -8.442  1.00 38.13 ? 465 GLY A N   1 
ATOM   1533 C CA  . GLY A 1 194 ? 7.829   19.240  -8.919  1.00 38.27 ? 465 GLY A CA  1 
ATOM   1534 C C   . GLY A 1 194 ? 8.717   18.520  -7.931  1.00 41.24 ? 465 GLY A C   1 
ATOM   1535 O O   . GLY A 1 194 ? 9.806   18.080  -8.317  1.00 44.86 ? 465 GLY A O   1 
ATOM   1536 N N   . LYS A 1 195 ? 8.288   18.354  -6.679  1.00 39.79 ? 466 LYS A N   1 
ATOM   1537 C CA  . LYS A 1 195 ? 9.143   17.768  -5.653  1.00 40.59 ? 466 LYS A CA  1 
ATOM   1538 C C   . LYS A 1 195 ? 8.527   16.522  -5.019  1.00 40.89 ? 466 LYS A C   1 
ATOM   1539 O O   . LYS A 1 195 ? 8.974   16.085  -3.955  1.00 44.90 ? 466 LYS A O   1 
ATOM   1540 C CB  . LYS A 1 195 ? 9.484   18.818  -4.595  1.00 45.22 ? 466 LYS A CB  1 
ATOM   1541 C CG  . LYS A 1 195 ? 10.180  20.030  -5.202  1.00 50.35 ? 466 LYS A CG  1 
ATOM   1542 C CD  . LYS A 1 195 ? 10.179  21.240  -4.289  1.00 61.30 ? 466 LYS A CD  1 
ATOM   1543 C CE  . LYS A 1 195 ? 11.401  22.115  -4.568  1.00 61.04 ? 466 LYS A CE  1 
ATOM   1544 N NZ  . LYS A 1 195 ? 11.620  23.140  -3.505  1.00 64.86 ? 466 LYS A NZ  1 
ATOM   1545 N N   . GLY A 1 196 ? 7.525   15.931  -5.659  1.00 34.72 ? 467 GLY A N   1 
ATOM   1546 C CA  . GLY A 1 196 ? 7.022   14.642  -5.237  1.00 33.39 ? 467 GLY A CA  1 
ATOM   1547 C C   . GLY A 1 196 ? 6.069   14.700  -4.056  1.00 31.65 ? 467 GLY A C   1 
ATOM   1548 O O   . GLY A 1 196 ? 5.561   15.750  -3.647  1.00 32.71 ? 467 GLY A O   1 
ATOM   1549 N N   . THR A 1 197 ? 5.834   13.520  -3.496  1.00 29.69 ? 468 THR A N   1 
ATOM   1550 C CA  . THR A 1 197 ? 4.870   13.341  -2.425  1.00 27.55 ? 468 THR A CA  1 
ATOM   1551 C C   . THR A 1 197 ? 5.438   12.384  -1.396  1.00 30.44 ? 468 THR A C   1 
ATOM   1552 O O   . THR A 1 197 ? 5.995   11.348  -1.753  1.00 28.02 ? 468 THR A O   1 
ATOM   1553 C CB  . THR A 1 197 ? 3.528   12.815  -2.961  1.00 32.67 ? 468 THR A CB  1 
ATOM   1554 O OG1 . THR A 1 197 ? 2.971   13.804  -3.832  1.00 32.76 ? 468 THR A OG1 1 
ATOM   1555 C CG2 . THR A 1 197 ? 2.519   12.576  -1.827  1.00 30.19 ? 468 THR A CG2 1 
ATOM   1556 N N   . THR A 1 198 ? 5.318   12.741  -0.123  1.00 27.59 ? 469 THR A N   1 
ATOM   1557 C CA  . THR A 1 198 ? 5.554   11.791  0.957   1.00 27.88 ? 469 THR A CA  1 
ATOM   1558 C C   . THR A 1 198 ? 4.277   11.711  1.773   1.00 30.35 ? 469 THR A C   1 
ATOM   1559 O O   . THR A 1 198 ? 3.775   12.742  2.239   1.00 29.09 ? 469 THR A O   1 
ATOM   1560 C CB  . THR A 1 198 ? 6.730   12.196  1.849   1.00 32.83 ? 469 THR A CB  1 
ATOM   1561 O OG1 . THR A 1 198 ? 7.924   12.335  1.066   1.00 35.65 ? 469 THR A OG1 1 
ATOM   1562 C CG2 . THR A 1 198 ? 6.973   11.126  2.868   1.00 33.10 ? 469 THR A CG2 1 
ATOM   1563 N N   . VAL A 1 199 ? 3.723   10.511  1.899   1.00 26.30 ? 470 VAL A N   1 
ATOM   1564 C CA  . VAL A 1 199 ? 2.693   10.234  2.896   1.00 24.41 ? 470 VAL A CA  1 
ATOM   1565 C C   . VAL A 1 199 ? 3.385   9.568   4.068   1.00 27.37 ? 470 VAL A C   1 
ATOM   1566 O O   . VAL A 1 199 ? 4.080   8.559   3.903   1.00 25.39 ? 470 VAL A O   1 
ATOM   1567 C CB  . VAL A 1 199 ? 1.570   9.351   2.338   1.00 27.71 ? 470 VAL A CB  1 
ATOM   1568 C CG1 . VAL A 1 199 ? 0.500   9.160   3.388   1.00 32.29 ? 470 VAL A CG1 1 
ATOM   1569 C CG2 . VAL A 1 199 ? 1.008   9.967   1.044   1.00 32.38 ? 470 VAL A CG2 1 
ATOM   1570 N N   . ARG A 1 200 ? 3.227   10.143  5.253   1.00 28.38 ? 471 ARG A N   1 
ATOM   1571 C CA  . ARG A 1 200 ? 3.928   9.672   6.438   1.00 24.66 ? 471 ARG A CA  1 
ATOM   1572 C C   . ARG A 1 200 ? 2.883   9.284   7.468   1.00 24.91 ? 471 ARG A C   1 
ATOM   1573 O O   . ARG A 1 200 ? 2.120   10.141  7.914   1.00 31.29 ? 471 ARG A O   1 
ATOM   1574 C CB  . ARG A 1 200 ? 4.848   10.772  6.988   1.00 28.78 ? 471 ARG A CB  1 
ATOM   1575 C CG  . ARG A 1 200 ? 5.628   10.389  8.227   1.00 34.55 ? 471 ARG A CG  1 
ATOM   1576 C CD  . ARG A 1 200 ? 6.633   11.497  8.606   1.00 38.41 ? 471 ARG A CD  1 
ATOM   1577 N NE  . ARG A 1 200 ? 7.587   11.783  7.533   1.00 42.14 ? 471 ARG A NE  1 
ATOM   1578 C CZ  . ARG A 1 200 ? 7.630   12.915  6.830   1.00 42.39 ? 471 ARG A CZ  1 
ATOM   1579 N NH1 . ARG A 1 200 ? 6.779   13.904  7.081   1.00 40.86 ? 471 ARG A NH1 1 
ATOM   1580 N NH2 . ARG A 1 200 ? 8.546   13.062  5.879   1.00 42.95 ? 471 ARG A NH2 1 
ATOM   1581 N N   . LEU A 1 201 ? 2.820   8.001   7.827   1.00 23.50 ? 472 LEU A N   1 
ATOM   1582 C CA  . LEU A 1 201 ? 1.935   7.568   8.904   1.00 25.34 ? 472 LEU A CA  1 
ATOM   1583 C C   . LEU A 1 201 ? 2.676   7.682   10.225  1.00 27.49 ? 472 LEU A C   1 
ATOM   1584 O O   . LEU A 1 201 ? 3.865   7.386   10.293  1.00 24.81 ? 472 LEU A O   1 
ATOM   1585 C CB  . LEU A 1 201 ? 1.482   6.128   8.712   1.00 28.61 ? 472 LEU A CB  1 
ATOM   1586 C CG  . LEU A 1 201 ? 0.908   5.803   7.342   1.00 23.19 ? 472 LEU A CG  1 
ATOM   1587 C CD1 . LEU A 1 201 ? 0.464   4.334   7.328   1.00 23.70 ? 472 LEU A CD1 1 
ATOM   1588 C CD2 . LEU A 1 201 ? -0.248  6.740   7.078   1.00 24.73 ? 472 LEU A CD2 1 
ATOM   1589 N N   . TRP A 1 202 ? 1.958   8.098   11.265  1.00 24.54 ? 473 TRP A N   1 
ATOM   1590 C CA  . TRP A 1 202 ? 2.492   8.273   12.618  1.00 27.57 ? 473 TRP A CA  1 
ATOM   1591 C C   . TRP A 1 202 ? 1.661   7.395   13.543  1.00 24.29 ? 473 TRP A C   1 
ATOM   1592 O O   . TRP A 1 202 ? 0.633   7.838   14.067  1.00 26.57 ? 473 TRP A O   1 
ATOM   1593 C CB  . TRP A 1 202 ? 2.404   9.735   13.037  1.00 29.56 ? 473 TRP A CB  1 
ATOM   1594 C CG  . TRP A 1 202 ? 3.369   10.644  12.384  1.00 29.69 ? 473 TRP A CG  1 
ATOM   1595 C CD1 . TRP A 1 202 ? 3.181   11.355  11.229  1.00 33.52 ? 473 TRP A CD1 1 
ATOM   1596 C CD2 . TRP A 1 202 ? 4.680   10.980  12.852  1.00 32.31 ? 473 TRP A CD2 1 
ATOM   1597 N NE1 . TRP A 1 202 ? 4.301   12.111  10.956  1.00 34.97 ? 473 TRP A NE1 1 
ATOM   1598 C CE2 . TRP A 1 202 ? 5.236   11.890  11.935  1.00 33.76 ? 473 TRP A CE2 1 
ATOM   1599 C CE3 . TRP A 1 202 ? 5.439   10.595  13.961  1.00 39.50 ? 473 TRP A CE3 1 
ATOM   1600 C CZ2 . TRP A 1 202 ? 6.514   12.425  12.098  1.00 37.02 ? 473 TRP A CZ2 1 
ATOM   1601 C CZ3 . TRP A 1 202 ? 6.703   11.126  14.118  1.00 37.45 ? 473 TRP A CZ3 1 
ATOM   1602 C CH2 . TRP A 1 202 ? 7.228   12.023  13.192  1.00 36.84 ? 473 TRP A CH2 1 
ATOM   1603 N N   . LEU A 1 203 ? 2.116   6.153   13.772  1.00 22.93 ? 474 LEU A N   1 
ATOM   1604 C CA  . LEU A 1 203 ? 1.297   5.164   14.459  1.00 23.46 ? 474 LEU A CA  1 
ATOM   1605 C C   . LEU A 1 203 ? 1.734   5.073   15.905  1.00 29.27 ? 474 LEU A C   1 
ATOM   1606 O O   . LEU A 1 203 ? 2.930   4.875   16.162  1.00 27.42 ? 474 LEU A O   1 
ATOM   1607 C CB  . LEU A 1 203 ? 1.443   3.791   13.801  1.00 28.67 ? 474 LEU A CB  1 
ATOM   1608 C CG  . LEU A 1 203 ? 1.300   3.787   12.282  1.00 30.62 ? 474 LEU A CG  1 
ATOM   1609 C CD1 . LEU A 1 203 ? 1.347   2.371   11.793  1.00 31.25 ? 474 LEU A CD1 1 
ATOM   1610 C CD2 . LEU A 1 203 ? 0.012   4.462   11.906  1.00 33.39 ? 474 LEU A CD2 1 
ATOM   1611 N N   . PRO A 1 204 ? 0.830   5.222   16.854  1.00 26.25 ? 475 PRO A N   1 
ATOM   1612 C CA  . PRO A 1 204 ? 1.204   5.006   18.260  1.00 31.32 ? 475 PRO A CA  1 
ATOM   1613 C C   . PRO A 1 204 ? 1.856   3.649   18.468  1.00 31.89 ? 475 PRO A C   1 
ATOM   1614 O O   . PRO A 1 204 ? 1.296   2.613   18.102  1.00 31.27 ? 475 PRO A O   1 
ATOM   1615 C CB  . PRO A 1 204 ? -0.139  5.130   18.998  1.00 30.55 ? 475 PRO A CB  1 
ATOM   1616 C CG  . PRO A 1 204 ? -0.925  6.057   18.141  1.00 29.85 ? 475 PRO A CG  1 
ATOM   1617 C CD  . PRO A 1 204 ? -0.570  5.655   16.716  1.00 27.84 ? 475 PRO A CD  1 
ATOM   1618 N N   . ARG A 1 205 ? 3.069   3.674   18.989  1.00 32.33 ? 476 ARG A N   1 
ATOM   1619 C CA  . ARG A 1 205 ? 3.845   2.441   19.205  1.00 31.07 ? 476 ARG A CA  1 
ATOM   1620 C C   . ARG A 1 205 ? 3.082   1.569   20.168  1.00 41.55 ? 476 ARG A C   1 
ATOM   1621 O O   . ARG A 1 205 ? 2.904   1.929   21.295  1.00 41.10 ? 476 ARG A O   1 
ATOM   1622 C CB  . ARG A 1 205 ? 5.251   2.728   19.710  1.00 36.89 ? 476 ARG A CB  1 
ATOM   1623 C CG  . ARG A 1 205 ? 6.001   1.497   20.180  1.00 45.50 ? 476 ARG A CG  1 
ATOM   1624 C CD  . ARG A 1 205 ? 6.613   0.718   19.052  1.00 46.59 ? 476 ARG A CD  1 
ATOM   1625 N NE  . ARG A 1 205 ? 5.817   -0.459  18.801  1.00 54.54 ? 476 ARG A NE  1 
ATOM   1626 C CZ  . ARG A 1 205 ? 6.243   -1.590  18.278  1.00 48.79 ? 476 ARG A CZ  1 
ATOM   1627 N NH1 . ARG A 1 205 ? 7.505   -1.756  17.977  1.00 51.66 ? 476 ARG A NH1 1 
ATOM   1628 N NH2 . ARG A 1 205 ? 5.406   -2.581  18.112  1.00 48.25 ? 476 ARG A NH2 1 
ATOM   1629 N N   . TRP A 1 206 ? 2.628   0.454   19.673  1.00 40.18 ? 477 TRP A N   1 
ATOM   1630 C CA  . TRP A 1 206 ? 1.831   -0.416  20.540  1.00 46.45 ? 477 TRP A CA  1 
ATOM   1631 C C   . TRP A 1 206 ? 2.617   -1.685  20.684  1.00 53.47 ? 477 TRP A C   1 
ATOM   1632 O O   . TRP A 1 206 ? 2.430   -2.515  19.863  1.00 59.29 ? 477 TRP A O   1 
ATOM   1633 C CB  . TRP A 1 206 ? 0.477   -0.706  19.888  1.00 50.03 ? 477 TRP A CB  1 
ATOM   1634 C CG  . TRP A 1 206 ? -0.605  0.279   20.200  1.00 45.35 ? 477 TRP A CG  1 
ATOM   1635 C CD1 . TRP A 1 206 ? -0.487  1.448   20.885  1.00 49.31 ? 477 TRP A CD1 1 
ATOM   1636 C CD2 . TRP A 1 206 ? -1.999  0.128   19.929  1.00 51.51 ? 477 TRP A CD2 1 
ATOM   1637 N NE1 . TRP A 1 206 ? -1.698  2.057   21.004  1.00 49.60 ? 477 TRP A NE1 1 
ATOM   1638 C CE2 . TRP A 1 206 ? -2.642  1.277   20.417  1.00 43.73 ? 477 TRP A CE2 1 
ATOM   1639 C CE3 . TRP A 1 206 ? -2.763  -0.849  19.293  1.00 45.81 ? 477 TRP A CE3 1 
ATOM   1640 C CZ2 . TRP A 1 206 ? -4.011  1.460   20.315  1.00 45.29 ? 477 TRP A CZ2 1 
ATOM   1641 C CZ3 . TRP A 1 206 ? -4.115  -0.656  19.174  1.00 45.33 ? 477 TRP A CZ3 1 
ATOM   1642 C CH2 . TRP A 1 206 ? -4.729  0.478   19.685  1.00 45.09 ? 477 TRP A CH2 1 
ATOM   1643 N N   . GLN A 1 207 ? 3.503   -1.813  21.670  1.00 63.77 ? 478 GLN A N   1 
ATOM   1644 C CA  . GLN A 1 207 ? 4.169   -3.132  21.857  1.00 67.25 ? 478 GLN A CA  1 
ATOM   1645 C C   . GLN A 1 207 ? 3.047   -4.086  22.316  1.00 73.18 ? 478 GLN A C   1 
ATOM   1646 O O   . GLN A 1 207 ? 2.737   -4.125  23.537  1.00 73.53 ? 478 GLN A O   1 
ATOM   1647 C CB  . GLN A 1 207 ? 5.403   -3.015  22.761  1.00 65.19 ? 478 GLN A CB  1 
ATOM   1648 C CG  . GLN A 1 207 ? 6.312   -1.833  22.449  1.00 63.49 ? 478 GLN A CG  1 
ATOM   1649 C CD  . GLN A 1 207 ? 7.774   -2.155  22.231  1.00 68.07 ? 478 GLN A CD  1 
ATOM   1650 O OE1 . GLN A 1 207 ? 8.215   -3.288  22.377  1.00 74.28 ? 478 GLN A OE1 1 
ATOM   1651 N NE2 . GLN A 1 207 ? 8.550   -1.148  21.861  1.00 63.84 ? 478 GLN A NE2 1 
ATOM   1652 N N   . GLY A 1 208 ? 2.436   -4.796  21.356  1.00 67.49 ? 479 GLY A N   1 
ATOM   1653 C CA  . GLY A 1 208 ? 1.230   -5.595  21.595  1.00 67.84 ? 479 GLY A CA  1 
ATOM   1654 C C   . GLY A 1 208 ? -0.047  -4.771  21.429  1.00 70.21 ? 479 GLY A C   1 
ATOM   1655 O O   . GLY A 1 208 ? 0.013   -3.512  21.421  1.00 67.65 ? 479 GLY A O   1 
HETATM 1656 O O   . HOH B 2 .   ? -15.658 7.784   -8.393  1.00 58.45 ? 501 HOH A O   1 
HETATM 1657 O O   . HOH B 2 .   ? 7.503   -8.772  19.131  1.00 56.22 ? 502 HOH A O   1 
HETATM 1658 O O   . HOH B 2 .   ? 5.865   -31.077 -5.585  1.00 44.94 ? 503 HOH A O   1 
HETATM 1659 O O   . HOH B 2 .   ? 1.876   -6.367  -18.515 1.00 49.45 ? 504 HOH A O   1 
HETATM 1660 O O   . HOH B 2 .   ? -1.109  14.115  11.745  1.00 42.29 ? 505 HOH A O   1 
HETATM 1661 O O   . HOH B 2 .   ? -3.922  20.027  9.346   1.00 51.26 ? 506 HOH A O   1 
HETATM 1662 O O   . HOH B 2 .   ? 6.048   8.669   -22.639 1.00 55.18 ? 507 HOH A O   1 
HETATM 1663 O O   . HOH B 2 .   ? 15.055  -2.398  14.999  1.00 42.58 ? 508 HOH A O   1 
HETATM 1664 O O   . HOH B 2 .   ? 16.045  -2.445  5.899   1.00 31.83 ? 509 HOH A O   1 
HETATM 1665 O O   . HOH B 2 .   ? 13.814  -1.343  -8.230  1.00 42.84 ? 510 HOH A O   1 
HETATM 1666 O O   . HOH B 2 .   ? 2.685   -22.967 -9.873  1.00 32.19 ? 511 HOH A O   1 
HETATM 1667 O O   . HOH B 2 .   ? 2.754   6.485   21.124  1.00 43.58 ? 512 HOH A O   1 
HETATM 1668 O O   . HOH B 2 .   ? 13.985  4.998   -11.669 1.00 39.66 ? 513 HOH A O   1 
HETATM 1669 O O   . HOH B 2 .   ? 3.934   -14.019 0.525   1.00 49.45 ? 514 HOH A O   1 
HETATM 1670 O O   . HOH B 2 .   ? -8.195  -3.977  11.721  1.00 45.19 ? 515 HOH A O   1 
HETATM 1671 O O   . HOH B 2 .   ? 8.121   14.580  -0.258  1.00 46.36 ? 516 HOH A O   1 
HETATM 1672 O O   . HOH B 2 .   ? 7.591   -9.528  6.407   1.00 42.85 ? 517 HOH A O   1 
HETATM 1673 O O   . HOH B 2 .   ? -2.664  -26.923 -4.585  1.00 51.95 ? 518 HOH A O   1 
HETATM 1674 O O   . HOH B 2 .   ? 10.504  6.245   2.280   1.00 34.77 ? 519 HOH A O   1 
HETATM 1675 O O   . HOH B 2 .   ? -11.986 -21.055 -11.313 1.00 35.94 ? 520 HOH A O   1 
HETATM 1676 O O   . HOH B 2 .   ? -10.357 -23.217 -12.702 1.00 42.00 ? 521 HOH A O   1 
HETATM 1677 O O   . HOH B 2 .   ? -3.477  14.372  -6.311  1.00 51.18 ? 522 HOH A O   1 
HETATM 1678 O O   . HOH B 2 .   ? -18.900 0.609   -15.956 1.00 49.16 ? 523 HOH A O   1 
HETATM 1679 O O   . HOH B 2 .   ? -7.506  21.181  5.001   1.00 43.55 ? 524 HOH A O   1 
HETATM 1680 O O   . HOH B 2 .   ? 14.531  5.244   14.247  1.00 37.20 ? 525 HOH A O   1 
HETATM 1681 O O   . HOH B 2 .   ? 3.798   13.142  -6.363  1.00 33.57 ? 526 HOH A O   1 
HETATM 1682 O O   . HOH B 2 .   ? 2.106   4.186   22.504  1.00 42.74 ? 527 HOH A O   1 
HETATM 1683 O O   . HOH B 2 .   ? -8.219  1.502   19.885  1.00 52.49 ? 528 HOH A O   1 
HETATM 1684 O O   . HOH B 2 .   ? -5.354  15.038  13.732  1.00 34.05 ? 529 HOH A O   1 
HETATM 1685 O O   . HOH B 2 .   ? -7.540  -26.497 -10.611 1.00 49.00 ? 530 HOH A O   1 
HETATM 1686 O O   . HOH B 2 .   ? -0.420  15.446  18.674  1.00 51.67 ? 531 HOH A O   1 
HETATM 1687 O O   . HOH B 2 .   ? 1.344   7.474   -1.386  1.00 31.88 ? 532 HOH A O   1 
HETATM 1688 O O   . HOH B 2 .   ? 10.374  -7.793  -3.912  1.00 39.54 ? 533 HOH A O   1 
HETATM 1689 O O   . HOH B 2 .   ? 0.749   -17.380 -2.894  1.00 39.54 ? 534 HOH A O   1 
HETATM 1690 O O   . HOH B 2 .   ? -11.650 11.755  10.362  1.00 43.93 ? 535 HOH A O   1 
HETATM 1691 O O   . HOH B 2 .   ? 6.999   -11.251 0.246   1.00 40.70 ? 536 HOH A O   1 
HETATM 1692 O O   . HOH B 2 .   ? 16.861  -1.720  8.467   0.50 16.48 ? 537 HOH A O   1 
HETATM 1693 O O   . HOH B 2 .   ? -2.824  12.216  -5.825  1.00 53.81 ? 538 HOH A O   1 
HETATM 1694 O O   . HOH B 2 .   ? 10.027  -12.118 -12.893 1.00 44.91 ? 539 HOH A O   1 
HETATM 1695 O O   . HOH B 2 .   ? -10.960 5.938   0.289   1.00 47.47 ? 540 HOH A O   1 
HETATM 1696 O O   . HOH B 2 .   ? -3.404  21.869  -0.056  1.00 44.40 ? 541 HOH A O   1 
HETATM 1697 O O   . HOH B 2 .   ? 2.602   -20.662 -8.278  1.00 39.98 ? 542 HOH A O   1 
HETATM 1698 O O   . HOH B 2 .   ? 3.833   9.012   -2.021  1.00 29.05 ? 543 HOH A O   1 
HETATM 1699 O O   . HOH B 2 .   ? -1.116  -3.399  2.598   1.00 30.83 ? 544 HOH A O   1 
HETATM 1700 O O   . HOH B 2 .   ? 11.855  7.825   3.357   1.00 54.13 ? 545 HOH A O   1 
HETATM 1701 O O   . HOH B 2 .   ? 1.251   -29.453 -21.618 1.00 42.08 ? 546 HOH A O   1 
HETATM 1702 O O   . HOH B 2 .   ? 6.735   6.189   -8.120  1.00 34.80 ? 547 HOH A O   1 
HETATM 1703 O O   . HOH B 2 .   ? 1.404   -3.823  1.649   1.00 34.41 ? 548 HOH A O   1 
HETATM 1704 O O   . HOH B 2 .   ? -10.108 0.253   11.850  1.00 37.72 ? 549 HOH A O   1 
HETATM 1705 O O   . HOH B 2 .   ? 5.061   -9.681  13.328  1.00 43.31 ? 550 HOH A O   1 
HETATM 1706 O O   . HOH B 2 .   ? -0.140  17.036  6.431   1.00 36.85 ? 551 HOH A O   1 
HETATM 1707 O O   . HOH B 2 .   ? 9.185   -21.409 -9.226  1.00 44.35 ? 552 HOH A O   1 
HETATM 1708 O O   . HOH B 2 .   ? -0.892  -13.973 1.411   1.00 43.17 ? 553 HOH A O   1 
HETATM 1709 O O   . HOH B 2 .   ? -2.587  21.842  2.184   1.00 53.68 ? 554 HOH A O   1 
HETATM 1710 O O   . HOH B 2 .   ? -6.900  7.354   -2.792  1.00 51.90 ? 555 HOH A O   1 
HETATM 1711 O O   . HOH B 2 .   ? 9.312   13.326  -2.606  1.00 41.96 ? 556 HOH A O   1 
HETATM 1712 O O   . HOH B 2 .   ? 17.831  1.750   6.073   1.00 47.63 ? 557 HOH A O   1 
HETATM 1713 O O   . HOH B 2 .   ? -1.012  -0.638  -8.442  1.00 41.17 ? 558 HOH A O   1 
HETATM 1714 O O   . HOH B 2 .   ? 5.311   16.799  11.944  1.00 56.93 ? 559 HOH A O   1 
HETATM 1715 O O   . HOH B 2 .   ? -1.194  -17.447 -1.078  1.00 51.37 ? 560 HOH A O   1 
HETATM 1716 O O   . HOH B 2 .   ? 9.415   -14.807 -12.065 1.00 37.06 ? 561 HOH A O   1 
HETATM 1717 O O   . HOH B 2 .   ? 6.980   -24.630 -11.722 1.00 34.62 ? 562 HOH A O   1 
HETATM 1718 O O   . HOH B 2 .   ? 13.858  2.334   7.982   1.00 31.18 ? 563 HOH A O   1 
HETATM 1719 O O   . HOH B 2 .   ? -8.240  -7.880  3.710   1.00 44.59 ? 564 HOH A O   1 
HETATM 1720 O O   . HOH B 2 .   ? 3.526   -26.779 -23.026 1.00 38.65 ? 565 HOH A O   1 
HETATM 1721 O O   . HOH B 2 .   ? 13.388  3.137   1.301   1.00 30.91 ? 566 HOH A O   1 
HETATM 1722 O O   . HOH B 2 .   ? 3.151   9.067   20.579  1.00 35.20 ? 567 HOH A O   1 
HETATM 1723 O O   . HOH B 2 .   ? -7.462  -1.793  17.856  1.00 49.34 ? 568 HOH A O   1 
HETATM 1724 O O   . HOH B 2 .   ? -12.116 8.057   12.196  1.00 47.96 ? 569 HOH A O   1 
HETATM 1725 O O   . HOH B 2 .   ? 8.714   12.957  16.687  1.00 54.08 ? 570 HOH A O   1 
HETATM 1726 O O   . HOH B 2 .   ? 15.260  -1.878  -1.152  1.00 44.49 ? 571 HOH A O   1 
HETATM 1727 O O   . HOH B 2 .   ? 2.019   13.702  -14.141 1.00 46.15 ? 572 HOH A O   1 
HETATM 1728 O O   . HOH B 2 .   ? -7.228  -10.749 14.034  1.00 51.62 ? 573 HOH A O   1 
HETATM 1729 O O   . HOH B 2 .   ? 3.643   19.889  2.150   1.00 47.52 ? 574 HOH A O   1 
HETATM 1730 O O   . HOH B 2 .   ? -4.535  4.433   -4.004  1.00 53.68 ? 575 HOH A O   1 
HETATM 1731 O O   . HOH B 2 .   ? -3.910  17.188  9.247   1.00 41.01 ? 576 HOH A O   1 
HETATM 1732 O O   . HOH B 2 .   ? 13.530  4.126   -4.755  1.00 33.50 ? 577 HOH A O   1 
HETATM 1733 O O   . HOH B 2 .   ? 7.460   16.731  -1.261  1.00 41.08 ? 578 HOH A O   1 
HETATM 1734 O O   . HOH B 2 .   ? 2.403   13.063  -8.850  1.00 44.89 ? 579 HOH A O   1 
HETATM 1735 O O   . HOH B 2 .   ? 15.073  -4.176  3.893   1.00 42.60 ? 580 HOH A O   1 
HETATM 1736 O O   . HOH B 2 .   ? -1.897  16.283  8.582   1.00 41.83 ? 581 HOH A O   1 
HETATM 1737 O O   . HOH B 2 .   ? 10.179  11.726  10.185  1.00 50.28 ? 582 HOH A O   1 
HETATM 1738 O O   . HOH B 2 .   ? 11.307  14.887  -6.105  1.00 47.19 ? 583 HOH A O   1 
HETATM 1739 O O   . HOH B 2 .   ? -9.692  -3.672  13.924  1.00 48.66 ? 584 HOH A O   1 
HETATM 1740 O O   . HOH B 2 .   ? -12.710 0.357   10.351  1.00 46.83 ? 585 HOH A O   1 
HETATM 1741 O O   . HOH B 2 .   ? -10.515 -0.695  14.720  1.00 49.53 ? 586 HOH A O   1 
HETATM 1742 O O   . HOH B 2 .   ? 0.527   -19.937 -6.509  1.00 43.07 ? 587 HOH A O   1 
HETATM 1743 O O   . HOH B 2 .   ? 16.036  0.851   8.195   1.00 38.40 ? 588 HOH A O   1 
HETATM 1744 O O   . HOH B 2 .   ? 7.344   -20.656 -7.234  1.00 44.86 ? 589 HOH A O   1 
HETATM 1745 O O   . HOH B 2 .   ? -2.814  -13.781 3.700   1.00 45.30 ? 590 HOH A O   1 
HETATM 1746 O O   . HOH B 2 .   ? 0.075   -16.420 0.827   1.00 46.84 ? 591 HOH A O   1 
HETATM 1747 O O   . HOH B 2 .   ? 2.587   14.459  13.738  1.00 50.48 ? 592 HOH A O   1 
HETATM 1748 O O   . HOH B 2 .   ? 4.428   -24.056 -7.938  1.00 44.88 ? 593 HOH A O   1 
HETATM 1749 O O   . HOH B 2 .   ? 7.830   19.055  -0.233  1.00 50.77 ? 594 HOH A O   1 
HETATM 1750 O O   . HOH B 2 .   ? 5.458   -11.804 11.874  1.00 50.21 ? 595 HOH A O   1 
HETATM 1751 O O   . HOH B 2 .   ? 11.276  -10.455 -3.113  1.00 50.48 ? 596 HOH A O   1 
HETATM 1752 O O   . HOH B 2 .   ? 20.560  2.182   5.187   1.00 55.20 ? 597 HOH A O   1 
HETATM 1753 O O   . HOH B 2 .   ? -3.059  15.977  12.678  1.00 48.14 ? 598 HOH A O   1 
HETATM 1754 O O   . HOH B 2 .   ? 4.595   14.487  15.313  1.00 59.70 ? 599 HOH A O   1 
HETATM 1755 O O   . HOH B 2 .   ? 14.812  7.479   9.289   1.00 50.99 ? 600 HOH A O   1 
# 
